data_5WB7
#
_entry.id   5WB7
#
_cell.length_a   76.647
_cell.length_b   199.288
_cell.length_c   87.916
_cell.angle_alpha   90.000
_cell.angle_beta   96.740
_cell.angle_gamma   90.000
#
_symmetry.space_group_name_H-M   'P 1 21 1'
#
loop_
_entity.id
_entity.type
_entity.pdbx_description
1 polymer 'Epidermal growth factor receptor'
2 polymer Proepiregulin
3 branched alpha-D-mannopyranose-(1-3)-beta-D-mannopyranose-(1-4)-2-acetamido-2-deoxy-beta-D-glucopyranose-(1-4)-2-acetamido-2-deoxy-beta-D-glucopyranose
4 branched alpha-D-mannopyranose-(1-3)-[alpha-D-mannopyranose-(1-6)]beta-D-mannopyranose-(1-4)-2-acetamido-2-deoxy-beta-D-glucopyranose-(1-4)-2-acetamido-2-deoxy-beta-D-glucopyranose
5 branched beta-D-mannopyranose-(1-4)-2-acetamido-2-deoxy-beta-D-glucopyranose-(1-4)-2-acetamido-2-deoxy-beta-D-glucopyranose
6 branched 2-acetamido-2-deoxy-beta-D-glucopyranose-(1-4)-2-acetamido-2-deoxy-beta-D-glucopyranose
7 non-polymer 2-acetamido-2-deoxy-beta-D-glucopyranose
8 water water
#
loop_
_entity_poly.entity_id
_entity_poly.type
_entity_poly.pdbx_seq_one_letter_code
_entity_poly.pdbx_strand_id
1 'polypeptide(L)'
;LEEKKVCQGTSNKLTQLGTFEDHFLSLQRMFNNCEVVLGNLEITYVQRNYDLSFLKTIQEVAGYVLIALNTVERIPLENL
QIIRGNMYYENSYALAVLSNYDANKTGLKELPMRNLQEILHGAVRFSNNPALCNVESIQWRDIVSSDFLSNMSMDFQNHL
GSCQKCDPSCPNGSCWGAGEENCQKLTKIICAQQCSGRCRGKSPSDCCHNQCAAGCTGPRESDCLVCRKFRDEATCKDTC
PPLMLYNPTTYQMDVNPEGKYSFGATCVKKCPRNYVVTDHGSCVRACGADSYEMEEDGVRKCKKCEGPCRKVCNGIGIGE
FKDSLSINATNIKHFKNCTSISGDLHILPVAFRGDSFTHTPPLDPQELDILKTVKEITGFLLIQAWPENRTDLHAFENLE
IIRGRTKQHGQFSLAVVSLNITSLGLRSLKEISDGDVIISGNKNLCYANTINWKKLFGTSGQKTKIISNRGENSCKATGQ
VCHALCSPEGCWGPEPRDCVSHHHHHH
;
A,B,C,D
2 'polypeptide(L)' SDNPRVAQVSITKCSSDMNGYCLHGQCIYLVDMSQNYCRCEVGYTGVRCEHFFLTVHQPLSK E,F,G,H
#
# COMPACT_ATOMS: atom_id res chain seq x y z
N GLU A 2 3.97 31.64 -25.17
CA GLU A 2 4.59 32.15 -23.95
C GLU A 2 4.80 31.01 -22.94
N GLU A 3 3.95 30.93 -21.93
CA GLU A 3 4.05 29.90 -20.91
C GLU A 3 2.65 29.42 -20.56
N LYS A 4 2.59 28.28 -19.87
CA LYS A 4 1.33 27.64 -19.59
C LYS A 4 0.43 28.52 -18.73
N LYS A 5 -0.85 28.60 -19.12
CA LYS A 5 -1.86 29.14 -18.23
C LYS A 5 -2.02 28.21 -17.05
N VAL A 6 -2.42 28.75 -15.90
CA VAL A 6 -2.43 27.98 -14.66
C VAL A 6 -3.65 28.34 -13.83
N CYS A 7 -4.18 27.33 -13.13
CA CYS A 7 -5.23 27.51 -12.14
C CYS A 7 -4.89 26.71 -10.89
N GLN A 8 -5.58 27.03 -9.80
CA GLN A 8 -5.20 26.52 -8.49
C GLN A 8 -5.64 25.09 -8.25
N GLY A 9 -6.76 24.68 -8.83
CA GLY A 9 -7.36 23.40 -8.48
C GLY A 9 -8.27 23.53 -7.26
N THR A 10 -8.89 22.41 -6.91
CA THR A 10 -9.85 22.39 -5.82
C THR A 10 -9.73 21.10 -5.03
N SER A 11 -9.93 21.19 -3.72
CA SER A 11 -9.90 20.02 -2.85
C SER A 11 -11.20 19.92 -2.07
N ASN A 12 -12.34 19.96 -2.78
CA ASN A 12 -13.66 19.89 -2.17
C ASN A 12 -14.23 18.48 -2.15
N LYS A 13 -13.67 17.56 -2.91
CA LYS A 13 -14.13 16.17 -2.99
C LYS A 13 -15.59 16.20 -3.44
N LEU A 14 -16.54 15.70 -2.65
CA LEU A 14 -17.94 15.62 -3.06
C LEU A 14 -18.81 16.65 -2.34
N THR A 15 -18.20 17.74 -1.88
CA THR A 15 -18.95 18.84 -1.30
C THR A 15 -19.48 19.73 -2.41
N GLN A 16 -20.70 20.23 -2.23
CA GLN A 16 -21.38 21.04 -3.22
C GLN A 16 -21.31 22.51 -2.79
N LEU A 17 -20.97 23.39 -3.73
CA LEU A 17 -20.73 24.79 -3.44
C LEU A 17 -21.98 25.58 -3.80
N GLY A 18 -22.91 25.63 -2.85
CA GLY A 18 -24.18 26.28 -3.08
C GLY A 18 -25.08 25.41 -3.95
N THR A 19 -25.90 26.08 -4.76
CA THR A 19 -26.78 25.37 -5.67
C THR A 19 -25.97 24.79 -6.84
N PHE A 20 -26.62 23.92 -7.61
CA PHE A 20 -25.97 23.38 -8.80
C PHE A 20 -25.47 24.50 -9.70
N GLU A 21 -26.18 25.63 -9.72
CA GLU A 21 -25.77 26.77 -10.53
C GLU A 21 -24.53 27.45 -9.95
N ASP A 22 -24.59 27.83 -8.67
CA ASP A 22 -23.42 28.39 -8.00
C ASP A 22 -22.21 27.48 -8.20
N HIS A 23 -22.38 26.20 -7.89
CA HIS A 23 -21.31 25.22 -8.05
C HIS A 23 -20.71 25.28 -9.45
N PHE A 24 -21.54 25.13 -10.47
CA PHE A 24 -21.04 25.14 -11.84
C PHE A 24 -20.26 26.43 -12.11
N LEU A 25 -20.81 27.57 -11.71
CA LEU A 25 -20.14 28.84 -11.96
C LEU A 25 -18.74 28.83 -11.35
N SER A 26 -18.65 28.56 -10.05
CA SER A 26 -17.33 28.53 -9.40
C SER A 26 -16.37 27.62 -10.17
N LEU A 27 -16.83 26.43 -10.53
CA LEU A 27 -16.01 25.52 -11.33
C LEU A 27 -15.46 26.22 -12.57
N GLN A 28 -16.35 26.83 -13.36
CA GLN A 28 -15.93 27.51 -14.59
C GLN A 28 -14.91 28.60 -14.29
N ARG A 29 -15.21 29.44 -13.29
CA ARG A 29 -14.28 30.49 -12.87
C ARG A 29 -12.93 29.91 -12.51
N MET A 30 -12.90 28.69 -12.00
CA MET A 30 -11.65 28.07 -11.58
C MET A 30 -10.84 27.55 -12.77
N PHE A 31 -11.51 27.01 -13.79
CA PHE A 31 -10.80 26.32 -14.86
C PHE A 31 -10.98 26.95 -16.24
N ASN A 32 -11.54 28.15 -16.32
CA ASN A 32 -11.65 28.80 -17.62
C ASN A 32 -10.22 29.04 -18.08
N ASN A 33 -9.89 28.58 -19.30
CA ASN A 33 -8.58 28.80 -19.92
C ASN A 33 -7.44 28.31 -19.01
N CYS A 34 -7.67 27.22 -18.29
CA CYS A 34 -6.62 26.61 -17.50
C CYS A 34 -5.90 25.54 -18.32
N GLU A 35 -4.58 25.54 -18.25
CA GLU A 35 -3.74 24.56 -18.92
C GLU A 35 -3.08 23.57 -17.97
N VAL A 36 -2.60 24.06 -16.82
CA VAL A 36 -2.00 23.21 -15.79
C VAL A 36 -2.77 23.42 -14.50
N VAL A 37 -3.08 22.33 -13.81
CA VAL A 37 -3.79 22.36 -12.55
C VAL A 37 -2.79 22.02 -11.45
N LEU A 38 -2.47 23.00 -10.62
CA LEU A 38 -1.49 22.80 -9.56
C LEU A 38 -2.00 21.81 -8.53
N GLY A 39 -3.31 21.77 -8.31
CA GLY A 39 -3.89 20.87 -7.33
C GLY A 39 -4.71 19.77 -7.97
N ASN A 40 -5.97 19.63 -7.54
CA ASN A 40 -6.83 18.54 -7.97
C ASN A 40 -7.93 19.08 -8.87
N LEU A 41 -8.24 18.33 -9.93
CA LEU A 41 -9.30 18.67 -10.87
C LEU A 41 -10.56 17.92 -10.44
N GLU A 42 -11.49 18.63 -9.83
CA GLU A 42 -12.73 18.04 -9.31
C GLU A 42 -13.90 18.56 -10.14
N ILE A 43 -14.55 17.64 -10.84
CA ILE A 43 -15.74 17.91 -11.65
C ILE A 43 -16.89 17.17 -11.00
N THR A 44 -17.78 17.91 -10.33
CA THR A 44 -18.89 17.31 -9.61
C THR A 44 -20.17 18.09 -9.85
N TYR A 45 -21.28 17.35 -9.85
CA TYR A 45 -22.63 17.93 -9.84
C TYR A 45 -22.94 18.74 -11.10
N VAL A 46 -22.18 18.58 -12.18
CA VAL A 46 -22.52 19.28 -13.42
C VAL A 46 -23.74 18.62 -14.04
N GLN A 47 -24.73 19.42 -14.38
CA GLN A 47 -26.02 18.93 -14.82
C GLN A 47 -26.10 18.83 -16.34
N ARG A 48 -27.18 18.20 -16.80
CA ARG A 48 -27.36 17.95 -18.23
C ARG A 48 -27.32 19.25 -19.03
N ASN A 49 -26.66 19.20 -20.19
CA ASN A 49 -26.63 20.25 -21.20
C ASN A 49 -25.79 21.45 -20.80
N TYR A 50 -25.23 21.50 -19.59
CA TYR A 50 -24.28 22.54 -19.24
C TYR A 50 -23.01 22.37 -20.07
N ASP A 51 -22.59 23.45 -20.74
CA ASP A 51 -21.44 23.39 -21.61
C ASP A 51 -20.15 23.33 -20.79
N LEU A 52 -19.35 22.28 -21.00
CA LEU A 52 -18.07 22.11 -20.33
C LEU A 52 -16.91 22.23 -21.30
N SER A 53 -17.09 23.00 -22.37
CA SER A 53 -16.04 23.14 -23.38
C SER A 53 -14.74 23.69 -22.79
N PHE A 54 -14.84 24.50 -21.73
CA PHE A 54 -13.65 25.13 -21.17
C PHE A 54 -12.65 24.12 -20.64
N LEU A 55 -13.08 22.87 -20.42
CA LEU A 55 -12.15 21.85 -19.95
C LEU A 55 -11.18 21.41 -21.03
N LYS A 56 -11.47 21.70 -22.30
CA LYS A 56 -10.62 21.23 -23.39
C LYS A 56 -9.18 21.73 -23.28
N THR A 57 -8.96 22.86 -22.62
CA THR A 57 -7.63 23.48 -22.57
C THR A 57 -6.74 22.85 -21.51
N ILE A 58 -7.26 22.00 -20.64
CA ILE A 58 -6.46 21.43 -19.56
C ILE A 58 -5.56 20.34 -20.13
N GLN A 59 -4.26 20.44 -19.86
CA GLN A 59 -3.27 19.52 -20.40
C GLN A 59 -2.65 18.61 -19.36
N GLU A 60 -2.56 19.03 -18.10
CA GLU A 60 -1.99 18.20 -17.06
C GLU A 60 -2.57 18.59 -15.71
N VAL A 61 -2.71 17.60 -14.84
CA VAL A 61 -3.22 17.78 -13.48
C VAL A 61 -2.20 17.19 -12.52
N ALA A 62 -1.64 18.04 -11.65
CA ALA A 62 -0.60 17.59 -10.74
C ALA A 62 -1.15 16.76 -9.60
N GLY A 63 -2.37 17.03 -9.15
CA GLY A 63 -2.98 16.26 -8.09
C GLY A 63 -3.79 15.10 -8.60
N TYR A 64 -5.03 14.96 -8.14
CA TYR A 64 -5.93 13.91 -8.60
C TYR A 64 -7.08 14.51 -9.39
N VAL A 65 -7.79 13.63 -10.10
CA VAL A 65 -8.93 14.00 -10.94
C VAL A 65 -10.14 13.25 -10.39
N LEU A 66 -11.11 13.98 -9.86
CA LEU A 66 -12.32 13.40 -9.28
C LEU A 66 -13.52 13.83 -10.12
N ILE A 67 -14.07 12.90 -10.88
CA ILE A 67 -15.24 13.14 -11.72
C ILE A 67 -16.40 12.39 -11.07
N ALA A 68 -17.28 13.10 -10.37
CA ALA A 68 -18.29 12.41 -9.59
C ALA A 68 -19.62 13.16 -9.57
N LEU A 69 -20.71 12.39 -9.59
CA LEU A 69 -22.06 12.93 -9.41
C LEU A 69 -22.45 13.90 -10.50
N ASN A 70 -22.00 13.65 -11.72
CA ASN A 70 -22.37 14.46 -12.87
C ASN A 70 -23.46 13.75 -13.66
N THR A 71 -24.51 14.48 -14.02
CA THR A 71 -25.50 14.01 -14.96
C THR A 71 -25.24 14.49 -16.37
N VAL A 72 -24.29 15.41 -16.56
CA VAL A 72 -23.97 15.88 -17.89
C VAL A 72 -23.50 14.71 -18.75
N GLU A 73 -23.73 14.82 -20.06
CA GLU A 73 -23.50 13.69 -20.95
C GLU A 73 -22.03 13.58 -21.36
N ARG A 74 -21.37 14.71 -21.58
CA ARG A 74 -20.02 14.72 -22.13
C ARG A 74 -19.12 15.61 -21.29
N ILE A 75 -18.01 15.04 -20.81
CA ILE A 75 -16.99 15.79 -20.09
C ILE A 75 -15.74 15.80 -20.97
N PRO A 76 -15.51 16.88 -21.79
CA PRO A 76 -14.49 16.83 -22.86
C PRO A 76 -13.08 17.21 -22.38
N LEU A 77 -12.48 16.32 -21.58
CA LEU A 77 -11.06 16.42 -21.22
C LEU A 77 -10.22 15.82 -22.35
N GLU A 78 -10.32 16.45 -23.53
CA GLU A 78 -9.75 15.90 -24.75
C GLU A 78 -8.24 16.04 -24.81
N ASN A 79 -7.65 16.95 -24.04
CA ASN A 79 -6.22 17.20 -24.10
C ASN A 79 -5.50 16.90 -22.79
N LEU A 80 -6.19 16.33 -21.81
CA LEU A 80 -5.54 15.92 -20.57
C LEU A 80 -4.50 14.84 -20.88
N GLN A 81 -3.23 15.18 -20.76
CA GLN A 81 -2.16 14.26 -21.12
C GLN A 81 -1.61 13.46 -19.95
N ILE A 82 -1.56 14.04 -18.75
CA ILE A 82 -0.90 13.40 -17.62
C ILE A 82 -1.62 13.79 -16.34
N ILE A 83 -1.73 12.81 -15.43
CA ILE A 83 -2.19 13.03 -14.06
C ILE A 83 -1.04 12.59 -13.16
N ARG A 84 -0.38 13.56 -12.51
CA ARG A 84 0.84 13.25 -11.77
C ARG A 84 0.57 12.51 -10.48
N GLY A 85 -0.56 12.78 -9.82
CA GLY A 85 -0.85 12.11 -8.57
C GLY A 85 -0.02 12.59 -7.41
N ASN A 86 0.38 13.87 -7.41
CA ASN A 86 1.03 14.45 -6.24
C ASN A 86 0.13 14.42 -5.01
N MET A 87 -1.15 14.10 -5.18
CA MET A 87 -2.07 13.91 -4.07
C MET A 87 -3.15 12.95 -4.52
N TYR A 88 -3.58 12.07 -3.63
CA TYR A 88 -4.52 11.00 -3.94
C TYR A 88 -5.91 11.32 -3.41
N TYR A 89 -6.92 10.87 -4.15
CA TYR A 89 -8.29 10.86 -3.64
C TYR A 89 -8.51 9.57 -2.87
N GLU A 90 -8.80 9.69 -1.57
CA GLU A 90 -9.10 8.54 -0.73
C GLU A 90 -7.91 7.61 -0.58
N ASN A 91 -6.70 8.16 -0.60
CA ASN A 91 -5.45 7.49 -0.21
C ASN A 91 -4.92 6.48 -1.23
N SER A 92 -5.50 6.38 -2.42
CA SER A 92 -5.03 5.34 -3.34
C SER A 92 -5.19 5.67 -4.82
N TYR A 93 -6.04 6.64 -5.16
CA TYR A 93 -6.39 6.89 -6.55
C TYR A 93 -5.96 8.29 -6.99
N ALA A 94 -5.38 8.37 -8.18
CA ALA A 94 -5.15 9.64 -8.85
C ALA A 94 -6.26 10.00 -9.82
N LEU A 95 -7.13 9.04 -10.15
CA LEU A 95 -8.27 9.27 -11.02
C LEU A 95 -9.46 8.48 -10.47
N ALA A 96 -10.50 9.18 -10.04
CA ALA A 96 -11.69 8.56 -9.46
C ALA A 96 -12.92 9.08 -10.20
N VAL A 97 -13.60 8.18 -10.92
CA VAL A 97 -14.84 8.50 -11.61
C VAL A 97 -15.96 7.75 -10.90
N LEU A 98 -16.85 8.47 -10.23
CA LEU A 98 -17.80 7.84 -9.31
C LEU A 98 -19.21 8.42 -9.45
N SER A 99 -20.17 7.55 -9.71
CA SER A 99 -21.60 7.85 -9.52
C SER A 99 -22.06 9.02 -10.39
N ASN A 100 -21.71 8.99 -11.67
CA ASN A 100 -22.18 10.00 -12.63
C ASN A 100 -23.44 9.48 -13.33
N TYR A 101 -24.54 9.51 -12.59
CA TYR A 101 -25.81 9.06 -13.14
C TYR A 101 -26.96 9.86 -12.55
N ASP A 102 -28.07 9.89 -13.28
CA ASP A 102 -29.28 10.58 -12.89
C ASP A 102 -30.25 9.61 -12.20
N ALA A 103 -31.28 10.17 -11.58
CA ALA A 103 -32.34 9.34 -11.01
C ALA A 103 -32.97 8.46 -12.08
N ASN A 104 -33.13 9.00 -13.28
CA ASN A 104 -33.59 8.20 -14.42
C ASN A 104 -32.56 7.17 -14.85
N LYS A 105 -31.39 7.12 -14.20
CA LYS A 105 -30.32 6.18 -14.42
C LYS A 105 -29.40 6.66 -15.55
N THR A 106 -29.65 7.83 -16.13
CA THR A 106 -28.93 8.33 -17.30
C THR A 106 -28.05 9.51 -16.92
N GLY A 107 -26.76 9.41 -17.23
CA GLY A 107 -25.85 10.50 -16.94
C GLY A 107 -24.64 10.53 -17.85
N LEU A 108 -23.46 10.64 -17.25
CA LEU A 108 -22.22 10.72 -18.01
C LEU A 108 -22.08 9.55 -18.98
N LYS A 109 -21.89 9.88 -20.25
CA LYS A 109 -21.79 8.90 -21.32
C LYS A 109 -20.46 8.95 -22.05
N GLU A 110 -19.93 10.13 -22.31
CA GLU A 110 -18.70 10.30 -23.07
C GLU A 110 -17.63 10.93 -22.19
N LEU A 111 -16.47 10.29 -22.14
CA LEU A 111 -15.32 10.77 -21.37
C LEU A 111 -14.07 10.59 -22.21
N PRO A 112 -13.97 11.39 -23.33
CA PRO A 112 -12.94 11.13 -24.37
C PRO A 112 -11.57 11.70 -24.04
N MET A 113 -10.90 11.08 -23.06
CA MET A 113 -9.54 11.46 -22.69
C MET A 113 -8.54 10.73 -23.60
N ARG A 114 -8.61 11.07 -24.88
CA ARG A 114 -7.78 10.37 -25.86
C ARG A 114 -6.31 10.77 -25.79
N ASN A 115 -5.93 11.70 -24.92
CA ASN A 115 -4.53 12.04 -24.72
C ASN A 115 -4.01 11.65 -23.35
N LEU A 116 -4.87 11.20 -22.44
CA LEU A 116 -4.42 10.69 -21.16
C LEU A 116 -3.59 9.43 -21.39
N GLN A 117 -2.26 9.57 -21.42
CA GLN A 117 -1.36 8.48 -21.75
C GLN A 117 -0.43 8.09 -20.61
N GLU A 118 -0.47 8.80 -19.48
CA GLU A 118 0.42 8.49 -18.37
C GLU A 118 -0.17 9.05 -17.09
N ILE A 119 -0.11 8.25 -16.03
CA ILE A 119 -0.47 8.68 -14.68
C ILE A 119 0.70 8.31 -13.78
N LEU A 120 1.43 9.32 -13.29
CA LEU A 120 2.71 9.06 -12.64
C LEU A 120 2.52 8.21 -11.38
N HIS A 121 1.68 8.65 -10.46
CA HIS A 121 1.50 7.96 -9.19
C HIS A 121 0.01 7.74 -8.94
N GLY A 122 -0.28 6.74 -8.11
CA GLY A 122 -1.64 6.42 -7.72
C GLY A 122 -2.32 5.46 -8.68
N ALA A 123 -3.38 4.84 -8.19
CA ALA A 123 -4.18 3.90 -8.95
C ALA A 123 -5.41 4.61 -9.52
N VAL A 124 -6.40 3.84 -9.98
CA VAL A 124 -7.59 4.39 -10.62
C VAL A 124 -8.81 3.65 -10.11
N ARG A 125 -9.94 4.36 -10.05
CA ARG A 125 -11.19 3.77 -9.58
C ARG A 125 -12.34 4.25 -10.45
N PHE A 126 -13.11 3.29 -10.97
CA PHE A 126 -14.34 3.55 -11.73
C PHE A 126 -15.47 2.79 -11.05
N SER A 127 -16.59 3.47 -10.81
CA SER A 127 -17.71 2.82 -10.12
C SER A 127 -19.00 3.56 -10.39
N ASN A 128 -20.06 2.80 -10.72
CA ASN A 128 -21.44 3.31 -10.77
C ASN A 128 -21.66 4.32 -11.90
N ASN A 129 -21.13 4.03 -13.09
CA ASN A 129 -21.33 4.88 -14.28
C ASN A 129 -22.07 4.05 -15.32
N PRO A 130 -23.40 3.98 -15.23
CA PRO A 130 -24.15 3.18 -16.21
C PRO A 130 -24.10 3.74 -17.62
N ALA A 131 -24.21 5.06 -17.78
CA ALA A 131 -24.28 5.64 -19.12
C ALA A 131 -22.94 5.66 -19.85
N LEU A 132 -21.85 5.29 -19.18
CA LEU A 132 -20.52 5.43 -19.74
C LEU A 132 -20.33 4.55 -20.96
N CYS A 133 -19.54 5.04 -21.91
CA CYS A 133 -19.29 4.33 -23.17
C CYS A 133 -17.81 4.26 -23.45
N ASN A 134 -17.33 3.04 -23.72
CA ASN A 134 -16.04 2.75 -24.35
C ASN A 134 -14.87 2.77 -23.37
N VAL A 135 -15.04 3.27 -22.14
CA VAL A 135 -13.90 3.37 -21.25
C VAL A 135 -13.44 1.99 -20.77
N GLU A 136 -14.36 1.01 -20.71
CA GLU A 136 -13.96 -0.33 -20.31
C GLU A 136 -12.95 -0.92 -21.27
N SER A 137 -12.91 -0.44 -22.51
CA SER A 137 -12.03 -0.98 -23.52
C SER A 137 -10.59 -0.49 -23.37
N ILE A 138 -10.32 0.41 -22.44
CA ILE A 138 -8.99 0.98 -22.28
C ILE A 138 -8.09 0.00 -21.54
N GLN A 139 -6.85 -0.11 -22.00
CA GLN A 139 -5.82 -0.88 -21.31
C GLN A 139 -5.07 0.08 -20.40
N TRP A 140 -5.35 0.01 -19.11
CA TRP A 140 -4.71 0.91 -18.16
C TRP A 140 -3.30 0.48 -17.80
N ARG A 141 -2.86 -0.69 -18.24
CA ARG A 141 -1.47 -1.09 -18.02
C ARG A 141 -0.50 -0.12 -18.67
N ASP A 142 -0.90 0.46 -19.81
CA ASP A 142 -0.05 1.43 -20.50
C ASP A 142 -0.07 2.79 -19.83
N ILE A 143 -1.16 3.12 -19.14
CA ILE A 143 -1.32 4.45 -18.55
C ILE A 143 -0.84 4.49 -17.11
N VAL A 144 -1.22 3.49 -16.32
CA VAL A 144 -0.94 3.48 -14.89
C VAL A 144 0.38 2.75 -14.65
N SER A 145 1.15 3.27 -13.68
CA SER A 145 2.43 2.67 -13.35
C SER A 145 2.24 1.23 -12.85
N SER A 146 3.23 0.39 -13.15
CA SER A 146 3.15 -1.02 -12.80
C SER A 146 3.23 -1.28 -11.30
N ASP A 147 3.48 -0.24 -10.49
CA ASP A 147 3.49 -0.40 -9.05
C ASP A 147 2.12 -0.29 -8.41
N PHE A 148 1.13 0.26 -9.14
CA PHE A 148 -0.20 0.49 -8.60
C PHE A 148 -1.27 -0.35 -9.27
N LEU A 149 -0.89 -1.36 -10.07
CA LEU A 149 -1.89 -2.16 -10.75
C LEU A 149 -2.69 -3.02 -9.78
N SER A 150 -2.07 -3.42 -8.66
CA SER A 150 -2.79 -4.18 -7.65
C SER A 150 -3.91 -3.35 -7.02
N ASN A 151 -3.67 -2.06 -6.81
CA ASN A 151 -4.61 -1.21 -6.09
C ASN A 151 -5.79 -0.74 -6.94
N MET A 152 -5.73 -0.86 -8.26
CA MET A 152 -6.81 -0.38 -9.10
C MET A 152 -8.10 -1.15 -8.82
N SER A 153 -9.22 -0.44 -8.91
CA SER A 153 -10.54 -1.03 -8.61
C SER A 153 -11.54 -0.46 -9.61
N MET A 154 -11.67 -1.11 -10.78
CA MET A 154 -12.53 -0.63 -11.83
C MET A 154 -13.51 -1.71 -12.28
N ASP A 155 -14.76 -1.30 -12.48
CA ASP A 155 -15.81 -2.17 -12.99
C ASP A 155 -16.79 -1.30 -13.75
N PHE A 156 -17.10 -1.69 -14.99
CA PHE A 156 -17.99 -0.93 -15.86
C PHE A 156 -19.23 -1.77 -16.15
N GLN A 157 -20.39 -1.24 -15.79
CA GLN A 157 -21.67 -1.92 -16.02
C GLN A 157 -22.64 -0.90 -16.60
N ASN A 158 -22.83 -0.95 -17.91
CA ASN A 158 -23.74 -0.05 -18.63
C ASN A 158 -24.93 -0.85 -19.15
N HIS A 159 -26.12 -0.49 -18.67
CA HIS A 159 -27.36 -1.08 -19.17
C HIS A 159 -28.16 -0.10 -20.02
N LEU A 160 -27.81 1.19 -20.01
CA LEU A 160 -28.47 2.13 -20.91
C LEU A 160 -28.10 1.85 -22.35
N GLY A 161 -26.83 1.50 -22.59
CA GLY A 161 -26.42 0.83 -23.81
C GLY A 161 -26.61 1.62 -25.09
N SER A 162 -26.34 2.91 -25.08
CA SER A 162 -26.27 3.69 -26.30
C SER A 162 -24.87 3.70 -26.90
N CYS A 163 -23.96 2.91 -26.34
CA CYS A 163 -22.54 2.99 -26.69
C CYS A 163 -22.27 2.34 -28.04
N GLN A 164 -21.31 2.91 -28.77
CA GLN A 164 -20.88 2.39 -30.06
C GLN A 164 -19.63 1.54 -29.91
N LYS A 165 -19.30 0.82 -30.97
CA LYS A 165 -18.08 0.02 -31.01
C LYS A 165 -16.89 0.88 -31.40
N CYS A 166 -15.70 0.44 -30.99
CA CYS A 166 -14.48 1.13 -31.35
C CYS A 166 -14.21 1.01 -32.84
N ASP A 167 -13.62 2.04 -33.41
CA ASP A 167 -13.16 1.99 -34.79
C ASP A 167 -12.27 0.77 -34.97
N PRO A 168 -12.45 -0.02 -36.05
CA PRO A 168 -11.53 -1.14 -36.28
C PRO A 168 -10.06 -0.76 -36.16
N SER A 169 -9.69 0.45 -36.57
CA SER A 169 -8.30 0.89 -36.44
C SER A 169 -7.81 0.80 -35.01
N CYS A 170 -8.71 0.92 -34.05
CA CYS A 170 -8.31 0.89 -32.65
C CYS A 170 -7.61 -0.43 -32.32
N PRO A 171 -6.51 -0.39 -31.55
CA PRO A 171 -5.78 -1.64 -31.28
C PRO A 171 -6.33 -2.40 -30.08
N ASN A 172 -6.56 -3.69 -30.25
CA ASN A 172 -7.11 -4.54 -29.18
C ASN A 172 -8.49 -4.05 -28.75
N GLY A 173 -9.22 -3.44 -29.68
CA GLY A 173 -10.55 -2.93 -29.37
C GLY A 173 -10.58 -1.90 -28.27
N SER A 174 -9.56 -1.04 -28.20
CA SER A 174 -9.45 -0.04 -27.15
C SER A 174 -9.68 1.34 -27.73
N CYS A 175 -10.56 2.12 -27.11
CA CYS A 175 -10.86 3.45 -27.59
C CYS A 175 -11.58 4.24 -26.52
N TRP A 176 -11.43 5.56 -26.57
CA TRP A 176 -12.13 6.47 -25.69
C TRP A 176 -13.42 7.01 -26.30
N GLY A 177 -13.69 6.70 -27.55
CA GLY A 177 -14.87 7.23 -28.21
C GLY A 177 -15.16 6.50 -29.50
N ALA A 178 -15.85 7.18 -30.40
CA ALA A 178 -16.36 6.56 -31.62
C ALA A 178 -15.35 6.59 -32.76
N GLY A 179 -14.82 7.76 -33.09
CA GLY A 179 -13.95 7.91 -34.24
C GLY A 179 -12.59 7.28 -34.03
N GLU A 180 -11.80 7.23 -35.12
CA GLU A 180 -10.47 6.65 -35.04
C GLU A 180 -9.54 7.48 -34.16
N GLU A 181 -9.72 8.80 -34.18
CA GLU A 181 -8.89 9.67 -33.33
C GLU A 181 -9.06 9.34 -31.87
N ASN A 182 -10.15 8.67 -31.50
CA ASN A 182 -10.39 8.25 -30.14
C ASN A 182 -9.81 6.87 -29.84
N CYS A 183 -9.32 6.16 -30.86
CA CYS A 183 -8.53 4.96 -30.61
C CYS A 183 -7.40 5.28 -29.66
N GLN A 184 -7.18 4.39 -28.69
CA GLN A 184 -6.18 4.64 -27.67
C GLN A 184 -4.78 4.68 -28.27
N LYS A 185 -4.00 5.68 -27.87
CA LYS A 185 -2.59 5.74 -28.21
C LYS A 185 -1.80 4.97 -27.16
N LEU A 186 -0.96 4.04 -27.63
CA LEU A 186 -0.11 3.24 -26.75
C LEU A 186 1.32 3.77 -26.83
N THR A 187 1.93 4.01 -25.66
CA THR A 187 3.26 4.59 -25.64
C THR A 187 4.16 3.99 -24.56
N LYS A 188 3.84 2.80 -24.05
CA LYS A 188 4.67 2.19 -23.02
C LYS A 188 4.76 0.68 -23.18
N ILE A 189 3.62 0.01 -23.26
CA ILE A 189 3.60 -1.44 -23.35
C ILE A 189 3.98 -1.94 -24.74
N ILE A 190 3.95 -1.07 -25.74
CA ILE A 190 4.19 -1.44 -27.12
C ILE A 190 5.64 -1.14 -27.52
N CYS A 191 6.52 -0.95 -26.56
CA CYS A 191 7.86 -0.44 -26.84
C CYS A 191 8.83 -1.57 -27.12
N ALA A 192 9.91 -1.22 -27.81
CA ALA A 192 11.01 -2.15 -27.98
C ALA A 192 11.66 -2.45 -26.64
N GLN A 193 12.27 -3.63 -26.54
CA GLN A 193 12.94 -4.02 -25.30
C GLN A 193 13.99 -3.02 -24.86
N GLN A 194 14.43 -2.13 -25.74
CA GLN A 194 15.54 -1.23 -25.47
C GLN A 194 15.11 0.16 -25.03
N CYS A 195 13.82 0.40 -24.82
CA CYS A 195 13.35 1.70 -24.33
C CYS A 195 13.11 1.60 -22.83
N SER A 196 13.89 2.37 -22.06
CA SER A 196 13.64 2.46 -20.63
C SER A 196 12.32 3.18 -20.35
N GLY A 197 11.92 4.10 -21.21
CA GLY A 197 10.75 4.91 -20.97
C GLY A 197 9.72 4.86 -22.08
N ARG A 198 8.95 5.93 -22.23
CA ARG A 198 7.91 5.98 -23.24
C ARG A 198 8.51 5.86 -24.63
N CYS A 199 7.71 5.33 -25.55
CA CYS A 199 8.14 5.15 -26.93
C CYS A 199 7.06 5.66 -27.88
N ARG A 200 7.50 6.04 -29.07
CA ARG A 200 6.60 6.51 -30.12
C ARG A 200 6.03 5.38 -30.97
N GLY A 201 6.51 4.16 -30.78
CA GLY A 201 6.15 3.08 -31.67
C GLY A 201 6.92 1.82 -31.32
N LYS A 202 6.81 0.83 -32.20
CA LYS A 202 7.30 -0.51 -31.91
C LYS A 202 8.81 -0.66 -32.11
N SER A 203 9.43 0.22 -32.90
CA SER A 203 10.82 0.04 -33.29
C SER A 203 11.77 0.61 -32.24
N PRO A 204 13.05 0.21 -32.26
CA PRO A 204 13.98 0.74 -31.25
C PRO A 204 14.31 2.21 -31.44
N SER A 205 14.31 2.72 -32.67
CA SER A 205 14.55 4.15 -32.87
C SER A 205 13.44 5.01 -32.33
N ASP A 206 12.30 4.42 -31.95
CA ASP A 206 11.14 5.17 -31.49
C ASP A 206 11.19 5.53 -30.01
N CYS A 207 12.21 5.08 -29.28
CA CYS A 207 12.27 5.34 -27.84
C CYS A 207 12.19 6.84 -27.57
N CYS A 208 11.78 7.17 -26.35
CA CYS A 208 11.77 8.55 -25.88
C CYS A 208 12.88 8.76 -24.86
N HIS A 209 13.24 10.02 -24.65
CA HIS A 209 14.17 10.38 -23.60
C HIS A 209 13.55 10.05 -22.24
N ASN A 210 14.39 9.54 -21.33
CA ASN A 210 13.90 9.08 -20.04
C ASN A 210 13.08 10.13 -19.29
N GLN A 211 13.18 11.40 -19.68
CA GLN A 211 12.47 12.47 -18.99
C GLN A 211 11.10 12.77 -19.59
N CYS A 212 10.78 12.21 -20.75
CA CYS A 212 9.45 12.38 -21.30
C CYS A 212 8.43 11.61 -20.47
N ALA A 213 7.26 12.21 -20.29
CA ALA A 213 6.25 11.67 -19.37
C ALA A 213 5.15 10.90 -20.09
N ALA A 214 4.43 11.56 -21.00
CA ALA A 214 3.35 10.91 -21.73
C ALA A 214 3.83 10.25 -23.01
N GLY A 215 4.95 10.68 -23.55
CA GLY A 215 5.43 10.20 -24.84
C GLY A 215 6.36 11.25 -25.43
N CYS A 216 6.53 11.18 -26.75
CA CYS A 216 7.42 12.13 -27.40
C CYS A 216 7.14 12.16 -28.89
N THR A 217 7.72 13.16 -29.56
CA THR A 217 7.70 13.27 -31.01
C THR A 217 9.12 13.21 -31.57
N GLY A 218 10.05 12.69 -30.80
CA GLY A 218 11.45 12.64 -31.18
C GLY A 218 12.29 12.09 -30.04
N PRO A 219 13.57 11.81 -30.32
CA PRO A 219 14.39 11.13 -29.31
C PRO A 219 14.96 12.04 -28.23
N ARG A 220 15.03 13.34 -28.48
CA ARG A 220 15.70 14.25 -27.56
C ARG A 220 14.82 14.58 -26.37
N GLU A 221 15.43 15.25 -25.39
CA GLU A 221 14.73 15.71 -24.20
C GLU A 221 13.86 16.94 -24.45
N SER A 222 14.03 17.60 -25.60
CA SER A 222 13.17 18.71 -25.99
C SER A 222 11.95 18.25 -26.77
N ASP A 223 11.85 16.96 -27.07
CA ASP A 223 10.76 16.42 -27.87
C ASP A 223 9.64 15.84 -27.01
N CYS A 224 9.72 15.99 -25.69
CA CYS A 224 8.74 15.37 -24.81
C CYS A 224 7.37 16.01 -24.97
N LEU A 225 6.34 15.17 -24.96
CA LEU A 225 4.97 15.67 -24.88
C LEU A 225 4.75 16.44 -23.59
N VAL A 226 5.23 15.88 -22.48
CA VAL A 226 5.17 16.53 -21.17
C VAL A 226 6.38 16.04 -20.38
N CYS A 227 6.85 16.89 -19.48
CA CYS A 227 8.05 16.58 -18.71
C CYS A 227 7.72 15.76 -17.48
N ARG A 228 8.62 14.85 -17.13
CA ARG A 228 8.39 13.96 -16.00
C ARG A 228 8.70 14.63 -14.67
N LYS A 229 9.61 15.61 -14.66
CA LYS A 229 10.00 16.25 -13.41
C LYS A 229 10.11 17.76 -13.55
N PHE A 230 11.20 18.25 -14.15
CA PHE A 230 11.45 19.69 -14.21
C PHE A 230 11.39 20.18 -15.64
N ARG A 231 10.66 21.28 -15.86
CA ARG A 231 10.58 21.95 -17.14
C ARG A 231 11.61 23.09 -17.15
N ASP A 232 12.60 22.98 -18.03
CA ASP A 232 13.63 24.00 -18.19
C ASP A 232 13.50 24.56 -19.61
N GLU A 233 12.92 25.74 -19.73
CA GLU A 233 12.65 26.34 -21.03
C GLU A 233 11.87 25.36 -21.90
N ALA A 234 12.47 24.88 -23.00
CA ALA A 234 11.79 23.99 -23.93
C ALA A 234 12.15 22.53 -23.71
N THR A 235 12.74 22.19 -22.56
CA THR A 235 13.31 20.87 -22.34
C THR A 235 12.80 20.27 -21.05
N CYS A 236 12.83 18.94 -21.01
CA CYS A 236 12.54 18.18 -19.81
C CYS A 236 13.86 17.77 -19.16
N LYS A 237 13.92 17.87 -17.84
CA LYS A 237 15.16 17.63 -17.12
C LYS A 237 14.85 17.00 -15.77
N ASP A 238 15.67 15.99 -15.44
CA ASP A 238 15.58 15.32 -14.15
C ASP A 238 15.94 16.28 -13.03
N THR A 239 16.97 17.09 -13.22
CA THR A 239 17.42 18.05 -12.23
C THR A 239 17.67 19.39 -12.92
N CYS A 240 17.46 20.47 -12.20
CA CYS A 240 17.74 21.78 -12.76
C CYS A 240 19.25 21.95 -12.92
N PRO A 241 19.74 22.34 -14.09
CA PRO A 241 21.19 22.41 -14.31
C PRO A 241 21.86 23.23 -13.22
N PRO A 242 23.00 22.77 -12.70
CA PRO A 242 23.58 23.42 -11.53
C PRO A 242 24.23 24.75 -11.87
N LEU A 243 24.28 25.63 -10.89
CA LEU A 243 24.90 26.94 -11.10
C LEU A 243 26.37 26.80 -11.47
N MET A 244 27.07 25.85 -10.84
CA MET A 244 28.49 25.69 -11.03
C MET A 244 28.84 24.23 -11.26
N LEU A 245 29.74 23.99 -12.20
CA LEU A 245 30.22 22.66 -12.55
C LEU A 245 31.71 22.57 -12.25
N TYR A 246 32.11 21.47 -11.62
CA TYR A 246 33.52 21.24 -11.30
C TYR A 246 34.33 21.06 -12.59
N ASN A 247 35.59 21.49 -12.54
CA ASN A 247 36.47 21.41 -13.70
C ASN A 247 37.65 20.49 -13.40
N PRO A 248 37.84 19.40 -14.14
CA PRO A 248 38.99 18.52 -13.86
C PRO A 248 40.35 19.19 -14.07
N THR A 249 40.55 19.90 -15.18
CA THR A 249 41.85 20.52 -15.44
C THR A 249 42.11 21.66 -14.47
N THR A 250 41.13 22.55 -14.31
CA THR A 250 41.30 23.68 -13.40
C THR A 250 41.41 23.21 -11.95
N TYR A 251 40.73 22.12 -11.60
CA TYR A 251 40.61 21.66 -10.23
C TYR A 251 39.83 22.64 -9.36
N GLN A 252 39.07 23.55 -9.97
CA GLN A 252 38.28 24.52 -9.25
C GLN A 252 36.92 24.65 -9.91
N MET A 253 35.96 25.18 -9.16
CA MET A 253 34.59 25.29 -9.62
C MET A 253 34.49 26.33 -10.75
N ASP A 254 33.66 26.03 -11.75
CA ASP A 254 33.47 26.89 -12.91
C ASP A 254 31.99 27.20 -13.07
N VAL A 255 31.65 28.48 -13.29
CA VAL A 255 30.24 28.85 -13.40
C VAL A 255 29.66 28.24 -14.67
N ASN A 256 28.36 27.92 -14.63
CA ASN A 256 27.65 27.36 -15.76
C ASN A 256 26.71 28.40 -16.33
N PRO A 257 26.82 28.77 -17.62
CA PRO A 257 25.86 29.74 -18.16
C PRO A 257 24.44 29.21 -18.19
N GLU A 258 24.27 27.93 -18.51
CA GLU A 258 22.95 27.31 -18.54
C GLU A 258 22.40 27.03 -17.15
N GLY A 259 23.19 27.24 -16.09
CA GLY A 259 22.72 26.95 -14.76
C GLY A 259 21.49 27.77 -14.41
N LYS A 260 20.62 27.19 -13.58
CA LYS A 260 19.38 27.82 -13.20
C LYS A 260 18.99 27.40 -11.78
N TYR A 261 17.96 28.04 -11.27
CA TYR A 261 17.44 27.77 -9.93
C TYR A 261 16.19 26.90 -10.00
N SER A 262 15.93 26.17 -8.92
CA SER A 262 14.81 25.23 -8.88
C SER A 262 13.65 25.87 -8.12
N PHE A 263 12.51 25.99 -8.78
CA PHE A 263 11.33 26.63 -8.22
C PHE A 263 10.10 25.88 -8.73
N GLY A 264 9.37 25.24 -7.81
CA GLY A 264 8.32 24.34 -8.23
C GLY A 264 8.87 23.29 -9.17
N ALA A 265 8.11 23.00 -10.23
CA ALA A 265 8.55 22.10 -11.29
C ALA A 265 9.26 22.83 -12.42
N THR A 266 9.94 23.92 -12.12
CA THR A 266 10.54 24.77 -13.16
C THR A 266 11.95 25.16 -12.78
N CYS A 267 12.79 25.34 -13.79
CA CYS A 267 14.13 25.88 -13.65
C CYS A 267 14.11 27.31 -14.19
N VAL A 268 14.47 28.27 -13.35
CA VAL A 268 14.26 29.69 -13.62
C VAL A 268 15.58 30.43 -13.49
N LYS A 269 15.62 31.62 -14.09
CA LYS A 269 16.82 32.44 -14.02
C LYS A 269 17.06 33.01 -12.63
N LYS A 270 16.00 33.18 -11.85
CA LYS A 270 16.13 33.79 -10.53
C LYS A 270 14.95 33.39 -9.66
N CYS A 271 15.18 33.36 -8.34
CA CYS A 271 14.12 33.10 -7.39
C CYS A 271 13.30 34.36 -7.16
N PRO A 272 12.01 34.21 -6.82
CA PRO A 272 11.26 35.37 -6.34
C PRO A 272 11.93 35.98 -5.12
N ARG A 273 11.80 37.30 -5.01
CA ARG A 273 12.58 38.04 -4.00
C ARG A 273 12.35 37.50 -2.59
N ASN A 274 11.11 37.11 -2.28
CA ASN A 274 10.76 36.73 -0.92
C ASN A 274 11.02 35.25 -0.62
N TYR A 275 11.44 34.47 -1.60
CA TYR A 275 11.80 33.08 -1.37
C TYR A 275 13.26 32.98 -0.95
N VAL A 276 13.56 31.95 -0.17
CA VAL A 276 14.92 31.69 0.28
C VAL A 276 15.70 31.03 -0.85
N VAL A 277 16.87 31.57 -1.16
CA VAL A 277 17.76 31.00 -2.17
C VAL A 277 18.88 30.27 -1.43
N THR A 278 19.05 29.00 -1.74
CA THR A 278 20.08 28.19 -1.10
C THR A 278 21.40 28.36 -1.82
N ASP A 279 22.49 28.01 -1.13
CA ASP A 279 23.81 28.06 -1.74
C ASP A 279 23.88 27.16 -2.96
N HIS A 280 23.34 25.94 -2.85
CA HIS A 280 23.40 24.99 -3.96
C HIS A 280 22.48 25.36 -5.12
N GLY A 281 21.59 26.33 -4.95
CA GLY A 281 20.88 26.91 -6.07
C GLY A 281 19.42 26.53 -6.21
N SER A 282 18.67 26.53 -5.11
CA SER A 282 17.25 26.22 -5.14
C SER A 282 16.47 27.26 -4.35
N CYS A 283 15.25 27.55 -4.80
CA CYS A 283 14.36 28.47 -4.12
C CYS A 283 13.47 27.67 -3.18
N VAL A 284 13.50 28.01 -1.89
CA VAL A 284 12.79 27.24 -0.87
C VAL A 284 11.97 28.19 0.00
N ARG A 285 11.06 27.59 0.78
CA ARG A 285 10.18 28.35 1.66
C ARG A 285 10.71 28.46 3.09
N ALA A 286 11.55 27.51 3.52
CA ALA A 286 12.01 27.51 4.90
C ALA A 286 13.44 26.98 4.94
N CYS A 287 14.10 27.23 6.07
CA CYS A 287 15.45 26.77 6.30
C CYS A 287 15.43 25.43 7.01
N GLY A 288 16.38 24.56 6.68
CA GLY A 288 16.37 23.18 7.12
C GLY A 288 17.44 22.91 8.18
N ALA A 289 17.01 22.25 9.25
CA ALA A 289 17.90 21.76 10.31
C ALA A 289 18.67 22.95 10.89
N ASP A 290 20.00 22.89 10.99
CA ASP A 290 20.76 23.98 11.57
C ASP A 290 20.63 25.27 10.78
N SER A 291 20.41 25.15 9.47
CA SER A 291 20.30 26.33 8.63
C SER A 291 19.22 27.27 9.16
N TYR A 292 19.52 28.57 9.18
CA TYR A 292 18.59 29.60 9.60
C TYR A 292 18.57 30.72 8.58
N GLU A 293 17.49 31.51 8.60
CA GLU A 293 17.17 32.41 7.50
C GLU A 293 17.62 33.83 7.80
N MET A 294 18.30 34.44 6.84
CA MET A 294 18.73 35.83 6.86
C MET A 294 19.25 36.16 5.48
N GLU A 295 19.09 37.41 5.05
CA GLU A 295 19.46 37.81 3.70
C GLU A 295 20.83 38.48 3.72
N GLU A 296 21.75 37.94 2.94
CA GLU A 296 23.11 38.48 2.89
C GLU A 296 23.15 39.81 2.13
N ASP A 297 22.49 39.88 0.96
CA ASP A 297 22.56 41.05 0.09
C ASP A 297 21.20 41.25 -0.60
N GLY A 298 20.18 41.58 0.20
CA GLY A 298 18.85 41.77 -0.33
C GLY A 298 18.18 40.50 -0.81
N VAL A 299 18.83 39.34 -0.66
CA VAL A 299 18.29 38.05 -1.08
C VAL A 299 18.30 37.13 0.12
N ARG A 300 17.16 36.52 0.42
CA ARG A 300 17.08 35.65 1.58
C ARG A 300 18.00 34.45 1.40
N LYS A 301 18.91 34.27 2.36
CA LYS A 301 19.90 33.21 2.35
C LYS A 301 19.73 32.35 3.60
N CYS A 302 20.21 31.11 3.48
CA CYS A 302 20.12 30.13 4.55
C CYS A 302 21.53 29.79 5.00
N LYS A 303 21.85 30.06 6.26
CA LYS A 303 23.18 29.83 6.82
C LYS A 303 23.05 29.10 8.15
N LYS A 304 23.87 28.09 8.35
CA LYS A 304 23.78 27.24 9.54
C LYS A 304 23.95 28.06 10.81
N CYS A 305 23.10 27.79 11.80
CA CYS A 305 23.23 28.42 13.10
C CYS A 305 24.58 28.07 13.71
N GLU A 306 25.19 29.05 14.38
CA GLU A 306 26.43 28.78 15.10
C GLU A 306 26.20 27.74 16.18
N GLY A 307 25.10 27.86 16.93
CA GLY A 307 24.75 26.89 17.94
C GLY A 307 23.40 26.27 17.66
N PRO A 308 22.76 25.73 18.69
CA PRO A 308 21.39 25.23 18.51
C PRO A 308 20.48 26.35 18.01
N CYS A 309 19.69 26.04 17.00
CA CYS A 309 18.89 27.07 16.34
C CYS A 309 17.74 27.54 17.21
N ARG A 310 17.32 28.78 16.98
CA ARG A 310 16.13 29.29 17.63
C ARG A 310 14.92 28.47 17.21
N LYS A 311 14.00 28.27 18.16
CA LYS A 311 12.83 27.45 17.89
C LYS A 311 12.12 27.91 16.62
N VAL A 312 11.64 26.94 15.84
CA VAL A 312 10.83 27.20 14.67
C VAL A 312 9.39 26.85 15.01
N CYS A 313 8.47 27.76 14.69
CA CYS A 313 7.05 27.56 14.94
C CYS A 313 6.36 27.30 13.61
N ASN A 314 5.93 26.07 13.40
CA ASN A 314 5.34 25.69 12.13
C ASN A 314 3.94 26.31 11.99
N GLY A 315 3.55 26.54 10.74
CA GLY A 315 2.28 27.17 10.45
C GLY A 315 1.13 26.18 10.37
N ILE A 316 -0.07 26.68 10.66
CA ILE A 316 -1.27 25.87 10.52
C ILE A 316 -1.37 25.37 9.09
N GLY A 317 -1.48 24.05 8.93
CA GLY A 317 -1.57 23.44 7.62
C GLY A 317 -0.34 22.68 7.19
N ILE A 318 0.68 22.58 8.03
CA ILE A 318 1.89 21.83 7.73
C ILE A 318 2.46 21.29 9.05
N GLY A 319 3.38 20.36 8.94
CA GLY A 319 4.00 19.80 10.14
C GLY A 319 2.98 19.10 11.01
N GLU A 320 3.11 19.28 12.32
CA GLU A 320 2.17 18.67 13.26
C GLU A 320 0.76 19.25 13.11
N PHE A 321 0.59 20.36 12.39
CA PHE A 321 -0.70 20.97 12.16
C PHE A 321 -1.18 20.77 10.72
N LYS A 322 -0.79 19.65 10.11
CA LYS A 322 -1.11 19.43 8.70
C LYS A 322 -2.59 19.63 8.42
N ASP A 323 -3.44 18.95 9.18
CA ASP A 323 -4.88 18.98 8.96
C ASP A 323 -5.60 19.69 10.09
N SER A 324 -4.99 20.75 10.62
CA SER A 324 -5.65 21.65 11.55
C SER A 324 -6.35 22.75 10.76
N LEU A 325 -7.61 23.01 11.09
CA LEU A 325 -8.36 24.05 10.40
C LEU A 325 -8.06 25.44 10.94
N SER A 326 -7.59 25.56 12.19
CA SER A 326 -7.49 26.87 12.81
C SER A 326 -6.61 26.71 14.05
N ILE A 327 -6.05 27.82 14.50
CA ILE A 327 -5.26 27.83 15.70
C ILE A 327 -6.46 27.57 16.59
N ASN A 328 -6.29 26.76 17.63
CA ASN A 328 -7.42 26.43 18.49
C ASN A 328 -6.88 26.20 19.89
N ALA A 329 -7.74 25.70 20.77
CA ALA A 329 -7.38 25.45 22.15
C ALA A 329 -6.32 24.38 22.32
N THR A 330 -6.34 23.37 21.46
CA THR A 330 -5.36 22.28 21.54
C THR A 330 -3.97 22.75 21.12
N ASN A 331 -3.87 23.53 20.05
CA ASN A 331 -2.59 23.79 19.41
C ASN A 331 -1.98 25.14 19.77
N ILE A 332 -2.72 26.04 20.42
CA ILE A 332 -2.20 27.40 20.59
C ILE A 332 -1.01 27.42 21.53
N LYS A 333 -0.97 26.52 22.51
CA LYS A 333 0.15 26.49 23.44
C LYS A 333 1.46 26.13 22.76
N HIS A 334 1.43 25.62 21.53
CA HIS A 334 2.64 25.39 20.75
C HIS A 334 3.08 26.62 19.99
N PHE A 335 2.51 27.79 20.29
CA PHE A 335 2.89 29.06 19.69
C PHE A 335 3.31 30.08 20.74
N LYS A 336 3.75 29.62 21.91
CA LYS A 336 3.75 30.47 23.09
C LYS A 336 4.68 31.67 22.93
N ASN A 337 5.96 31.44 22.67
CA ASN A 337 6.95 32.51 22.55
C ASN A 337 7.52 32.58 21.14
N CYS A 338 6.68 32.34 20.14
CA CYS A 338 7.13 32.42 18.76
C CYS A 338 7.35 33.88 18.36
N THR A 339 8.48 34.13 17.70
CA THR A 339 8.73 35.42 17.08
C THR A 339 8.51 35.38 15.57
N SER A 340 8.31 34.19 14.99
CA SER A 340 8.15 34.05 13.55
C SER A 340 7.39 32.76 13.27
N ILE A 341 6.41 32.85 12.37
CA ILE A 341 5.63 31.69 11.94
C ILE A 341 6.22 31.20 10.63
N SER A 342 6.59 29.92 10.59
CA SER A 342 7.09 29.30 9.35
C SER A 342 5.90 28.62 8.68
N GLY A 343 5.14 29.41 7.93
CA GLY A 343 3.92 28.94 7.31
C GLY A 343 2.81 29.96 7.36
N ASP A 344 1.60 29.51 7.71
CA ASP A 344 0.41 30.35 7.69
C ASP A 344 -0.25 30.35 9.06
N LEU A 345 -1.18 31.28 9.23
CA LEU A 345 -2.02 31.34 10.42
C LEU A 345 -3.48 31.40 10.01
N HIS A 346 -4.29 30.53 10.60
CA HIS A 346 -5.72 30.47 10.37
C HIS A 346 -6.44 30.72 11.68
N ILE A 347 -7.42 31.63 11.67
CA ILE A 347 -8.31 31.82 12.81
C ILE A 347 -9.73 31.79 12.28
N LEU A 348 -10.49 30.77 12.66
CA LEU A 348 -11.83 30.55 12.15
C LEU A 348 -12.85 30.52 13.29
N PRO A 349 -14.13 30.77 13.00
CA PRO A 349 -15.15 30.75 14.07
C PRO A 349 -15.22 29.42 14.81
N VAL A 350 -14.95 28.32 14.12
CA VAL A 350 -14.95 27.01 14.75
C VAL A 350 -14.03 26.99 15.96
N ALA A 351 -12.97 27.80 15.93
CA ALA A 351 -12.04 27.84 17.05
C ALA A 351 -12.73 28.28 18.33
N PHE A 352 -13.57 29.31 18.25
CA PHE A 352 -14.23 29.84 19.44
C PHE A 352 -15.46 29.04 19.80
N ARG A 353 -16.10 28.38 18.82
CA ARG A 353 -17.18 27.46 19.18
C ARG A 353 -16.64 26.20 19.85
N GLY A 354 -15.58 25.64 19.29
CA GLY A 354 -15.19 24.28 19.60
C GLY A 354 -15.73 23.33 18.54
N ASP A 355 -14.99 22.26 18.29
CA ASP A 355 -15.33 21.31 17.23
C ASP A 355 -15.24 19.90 17.80
N SER A 356 -16.41 19.26 17.97
CA SER A 356 -16.43 17.89 18.48
C SER A 356 -15.83 16.90 17.49
N PHE A 357 -15.89 17.21 16.18
CA PHE A 357 -15.46 16.27 15.17
C PHE A 357 -13.95 16.08 15.18
N THR A 358 -13.20 17.12 15.54
CA THR A 358 -11.76 17.01 15.75
C THR A 358 -11.41 16.95 17.23
N HIS A 359 -12.42 16.84 18.10
CA HIS A 359 -12.22 16.74 19.54
C HIS A 359 -11.60 18.00 20.13
N THR A 360 -11.94 19.16 19.57
CA THR A 360 -11.34 20.43 19.99
C THR A 360 -12.30 21.17 20.90
N PRO A 361 -11.91 21.51 22.13
CA PRO A 361 -12.77 22.36 22.97
C PRO A 361 -12.66 23.81 22.55
N PRO A 362 -13.46 24.70 23.16
CA PRO A 362 -13.47 26.10 22.70
C PRO A 362 -12.22 26.84 23.15
N LEU A 363 -11.73 27.73 22.29
CA LEU A 363 -10.52 28.48 22.57
C LEU A 363 -10.85 29.65 23.50
N ASP A 364 -10.15 29.72 24.63
CA ASP A 364 -10.26 30.86 25.53
C ASP A 364 -9.60 32.07 24.86
N PRO A 365 -10.36 33.14 24.54
CA PRO A 365 -9.75 34.26 23.80
C PRO A 365 -8.49 34.80 24.45
N GLN A 366 -8.40 34.76 25.78
CA GLN A 366 -7.18 35.20 26.47
C GLN A 366 -5.94 34.56 25.83
N GLU A 367 -6.03 33.27 25.47
CA GLU A 367 -4.89 32.56 24.94
C GLU A 367 -4.31 33.25 23.71
N LEU A 368 -5.14 33.97 22.95
CA LEU A 368 -4.65 34.62 21.73
C LEU A 368 -3.58 35.65 22.01
N ASP A 369 -3.51 36.19 23.25
CA ASP A 369 -2.44 37.11 23.58
C ASP A 369 -1.08 36.48 23.35
N ILE A 370 -1.00 35.15 23.39
CA ILE A 370 0.25 34.44 23.11
C ILE A 370 0.85 34.89 21.80
N LEU A 371 0.03 35.37 20.86
CA LEU A 371 0.51 35.72 19.53
C LEU A 371 1.17 37.10 19.48
N LYS A 372 1.18 37.84 20.57
CA LYS A 372 1.79 39.17 20.54
C LYS A 372 3.30 39.14 20.34
N THR A 373 3.92 37.98 20.49
CA THR A 373 5.36 37.86 20.22
C THR A 373 5.68 37.67 18.76
N VAL A 374 4.67 37.44 17.92
CA VAL A 374 4.90 37.18 16.49
C VAL A 374 5.22 38.50 15.80
N LYS A 375 6.38 38.54 15.15
CA LYS A 375 6.78 39.69 14.35
C LYS A 375 6.79 39.42 12.86
N GLU A 376 6.77 38.14 12.46
CA GLU A 376 6.91 37.77 11.06
C GLU A 376 6.01 36.58 10.76
N ILE A 377 5.57 36.51 9.51
CA ILE A 377 4.78 35.38 9.01
C ILE A 377 5.26 35.10 7.60
N THR A 378 5.90 33.95 7.40
CA THR A 378 6.49 33.63 6.10
C THR A 378 5.43 33.36 5.03
N GLY A 379 4.22 32.95 5.43
CA GLY A 379 3.17 32.65 4.47
C GLY A 379 2.11 33.72 4.42
N PHE A 380 0.87 33.39 4.78
CA PHE A 380 -0.23 34.34 4.77
C PHE A 380 -0.91 34.34 6.14
N LEU A 381 -1.83 35.29 6.30
CA LEU A 381 -2.59 35.46 7.54
C LEU A 381 -4.06 35.52 7.18
N LEU A 382 -4.84 34.56 7.71
CA LEU A 382 -6.26 34.44 7.42
C LEU A 382 -7.04 34.55 8.73
N ILE A 383 -7.83 35.62 8.85
CA ILE A 383 -8.68 35.88 10.00
C ILE A 383 -10.11 35.97 9.50
N GLN A 384 -10.90 34.95 9.84
CA GLN A 384 -12.33 34.92 9.57
C GLN A 384 -13.17 35.00 10.84
N ALA A 385 -12.53 35.02 12.00
CA ALA A 385 -13.22 35.24 13.26
C ALA A 385 -12.25 35.88 14.23
N TRP A 386 -12.81 36.42 15.30
CA TRP A 386 -12.02 37.14 16.30
C TRP A 386 -12.91 37.32 17.53
N PRO A 387 -12.35 37.32 18.75
CA PRO A 387 -13.19 37.57 19.93
C PRO A 387 -14.13 38.74 19.70
N GLU A 388 -15.44 38.49 19.83
CA GLU A 388 -16.42 39.49 19.44
C GLU A 388 -16.32 40.76 20.30
N ASN A 389 -15.88 40.61 21.53
CA ASN A 389 -15.80 41.77 22.43
C ASN A 389 -14.61 42.69 22.15
N ARG A 390 -13.62 42.19 21.42
CA ARG A 390 -12.45 42.99 21.10
C ARG A 390 -12.70 43.85 19.87
N THR A 391 -12.12 45.04 19.86
CA THR A 391 -12.38 46.02 18.81
C THR A 391 -11.29 46.09 17.75
N ASP A 392 -10.10 45.53 18.01
CA ASP A 392 -9.05 45.50 17.00
C ASP A 392 -8.27 44.19 17.11
N LEU A 393 -7.42 43.96 16.12
CA LEU A 393 -6.58 42.75 16.08
C LEU A 393 -5.41 42.94 17.05
N HIS A 394 -5.74 42.91 18.34
CA HIS A 394 -4.77 43.26 19.38
C HIS A 394 -3.57 42.34 19.36
N ALA A 395 -3.79 41.05 19.09
CA ALA A 395 -2.70 40.08 19.19
C ALA A 395 -1.66 40.24 18.11
N PHE A 396 -1.98 40.92 17.01
CA PHE A 396 -1.03 41.18 15.93
C PHE A 396 -0.54 42.63 15.93
N GLU A 397 -0.58 43.30 17.10
CA GLU A 397 -0.09 44.67 17.16
C GLU A 397 1.41 44.76 16.92
N ASN A 398 2.13 43.65 17.02
CA ASN A 398 3.58 43.62 16.81
C ASN A 398 3.96 42.92 15.51
N LEU A 399 2.99 42.56 14.69
CA LEU A 399 3.28 41.93 13.40
C LEU A 399 3.89 42.96 12.45
N GLU A 400 5.04 42.63 11.89
CA GLU A 400 5.78 43.56 11.03
C GLU A 400 5.82 43.13 9.57
N ILE A 401 6.07 41.86 9.28
CA ILE A 401 6.24 41.39 7.91
C ILE A 401 5.30 40.22 7.66
N ILE A 402 4.70 40.21 6.46
CA ILE A 402 4.04 39.04 5.91
C ILE A 402 4.70 38.80 4.55
N ARG A 403 5.28 37.62 4.36
CA ARG A 403 6.09 37.37 3.18
C ARG A 403 5.31 36.73 2.04
N GLY A 404 4.17 36.10 2.33
CA GLY A 404 3.32 35.58 1.27
C GLY A 404 3.96 34.51 0.42
N ARG A 405 4.82 33.67 1.02
CA ARG A 405 5.39 32.56 0.26
C ARG A 405 4.32 31.55 -0.11
N THR A 406 3.43 31.23 0.83
CA THR A 406 2.18 30.55 0.53
C THR A 406 1.05 31.57 0.60
N LYS A 407 -0.04 31.29 -0.14
CA LYS A 407 -1.10 32.27 -0.30
C LYS A 407 -2.46 31.58 -0.33
N GLN A 408 -3.42 32.16 0.38
CA GLN A 408 -4.75 31.57 0.48
C GLN A 408 -5.44 31.60 -0.88
N HIS A 409 -6.02 30.47 -1.26
CA HIS A 409 -6.56 30.30 -2.61
C HIS A 409 -5.54 30.70 -3.66
N GLY A 410 -4.25 30.58 -3.30
CA GLY A 410 -3.17 30.93 -4.19
C GLY A 410 -3.07 32.39 -4.56
N GLN A 411 -3.60 33.30 -3.74
CA GLN A 411 -3.69 34.69 -4.15
C GLN A 411 -3.52 35.71 -3.02
N PHE A 412 -3.94 35.36 -1.80
CA PHE A 412 -4.06 36.34 -0.73
C PHE A 412 -3.07 36.06 0.39
N SER A 413 -2.31 37.09 0.77
CA SER A 413 -1.39 37.02 1.89
C SER A 413 -1.97 37.61 3.18
N LEU A 414 -2.99 38.46 3.08
CA LEU A 414 -3.69 38.98 4.25
C LEU A 414 -5.17 39.00 3.94
N ALA A 415 -5.97 38.28 4.72
CA ALA A 415 -7.41 38.16 4.48
C ALA A 415 -8.15 38.28 5.80
N VAL A 416 -8.74 39.45 6.06
CA VAL A 416 -9.53 39.70 7.25
C VAL A 416 -10.96 39.92 6.80
N VAL A 417 -11.87 39.01 7.16
CA VAL A 417 -13.24 39.09 6.67
C VAL A 417 -14.21 38.71 7.79
N SER A 418 -15.32 39.44 7.86
CA SER A 418 -16.49 39.03 8.64
C SER A 418 -16.32 39.23 10.15
N LEU A 419 -15.73 40.35 10.55
CA LEU A 419 -15.45 40.62 11.96
C LEU A 419 -16.30 41.78 12.47
N ASN A 420 -16.53 41.83 13.76
CA ASN A 420 -17.28 42.93 14.33
C ASN A 420 -16.34 43.95 14.92
N ILE A 421 -15.10 43.99 14.43
CA ILE A 421 -14.11 44.93 14.93
C ILE A 421 -14.32 46.30 14.29
N THR A 422 -13.73 47.32 14.92
CA THR A 422 -13.81 48.70 14.45
C THR A 422 -12.54 49.16 13.75
N SER A 423 -11.39 48.58 14.08
CA SER A 423 -10.12 48.97 13.48
C SER A 423 -9.22 47.76 13.39
N LEU A 424 -8.42 47.70 12.31
CA LEU A 424 -7.47 46.61 12.16
C LEU A 424 -6.45 46.64 13.29
N GLY A 425 -5.81 47.78 13.52
CA GLY A 425 -4.88 47.92 14.61
C GLY A 425 -3.51 47.32 14.36
N LEU A 426 -3.10 47.24 13.10
CA LEU A 426 -1.79 46.68 12.74
C LEU A 426 -0.77 47.81 12.59
N ARG A 427 -0.38 48.36 13.75
CA ARG A 427 0.53 49.50 13.74
C ARG A 427 1.90 49.12 13.23
N SER A 428 2.39 47.94 13.62
CA SER A 428 3.75 47.54 13.32
C SER A 428 3.91 46.89 11.96
N LEU A 429 2.82 46.65 11.23
CA LEU A 429 2.91 46.05 9.91
C LEU A 429 3.60 47.01 8.96
N LYS A 430 4.70 46.57 8.36
CA LYS A 430 5.50 47.42 7.49
C LYS A 430 5.76 46.83 6.10
N GLU A 431 5.68 45.52 5.91
CA GLU A 431 5.90 44.93 4.59
C GLU A 431 4.96 43.77 4.38
N ILE A 432 4.43 43.66 3.16
CA ILE A 432 3.68 42.50 2.70
C ILE A 432 4.36 42.08 1.40
N SER A 433 5.30 41.13 1.48
CA SER A 433 6.26 40.92 0.41
C SER A 433 5.57 40.48 -0.88
N ASP A 434 4.54 39.63 -0.78
CA ASP A 434 3.86 39.13 -1.96
C ASP A 434 2.44 38.77 -1.57
N GLY A 435 1.59 38.60 -2.57
CA GLY A 435 0.21 38.22 -2.35
C GLY A 435 -0.69 39.43 -2.18
N ASP A 436 -1.97 39.21 -2.46
CA ASP A 436 -2.96 40.27 -2.43
C ASP A 436 -3.53 40.44 -1.02
N VAL A 437 -4.35 41.46 -0.86
CA VAL A 437 -4.95 41.83 0.41
C VAL A 437 -6.46 41.92 0.20
N ILE A 438 -7.23 41.44 1.17
CA ILE A 438 -8.69 41.49 1.09
C ILE A 438 -9.23 41.78 2.48
N ILE A 439 -9.84 42.95 2.64
CA ILE A 439 -10.62 43.27 3.84
C ILE A 439 -12.04 43.58 3.37
N SER A 440 -12.96 42.67 3.67
CA SER A 440 -14.36 42.86 3.30
C SER A 440 -15.25 42.09 4.27
N GLY A 441 -16.47 42.58 4.42
CA GLY A 441 -17.42 41.98 5.32
C GLY A 441 -17.27 42.35 6.78
N ASN A 442 -16.34 43.25 7.10
CA ASN A 442 -16.14 43.70 8.48
C ASN A 442 -17.02 44.93 8.70
N LYS A 443 -18.28 44.66 9.03
CA LYS A 443 -19.32 45.68 8.99
C LYS A 443 -19.01 46.91 9.82
N ASN A 444 -18.15 46.79 10.85
CA ASN A 444 -17.86 47.90 11.75
C ASN A 444 -16.49 48.51 11.54
N LEU A 445 -15.67 47.96 10.65
CA LEU A 445 -14.31 48.46 10.45
C LEU A 445 -14.33 49.78 9.69
N CYS A 446 -13.45 50.71 10.06
CA CYS A 446 -13.62 52.09 9.62
C CYS A 446 -12.41 52.77 8.97
N TYR A 447 -11.19 52.34 9.27
CA TYR A 447 -10.00 53.12 8.90
C TYR A 447 -9.17 52.47 7.81
N ALA A 448 -9.62 51.36 7.21
CA ALA A 448 -8.73 50.54 6.41
C ALA A 448 -8.30 51.21 5.10
N ASN A 449 -9.04 52.19 4.60
CA ASN A 449 -8.72 52.82 3.32
C ASN A 449 -7.91 54.10 3.49
N THR A 450 -7.59 54.50 4.72
CA THR A 450 -6.72 55.64 4.93
C THR A 450 -5.26 55.27 4.66
N ILE A 451 -4.89 54.01 4.90
CA ILE A 451 -3.53 53.57 4.62
C ILE A 451 -3.29 53.53 3.12
N ASN A 452 -2.05 53.74 2.73
CA ASN A 452 -1.59 53.52 1.36
C ASN A 452 -0.97 52.14 1.30
N TRP A 453 -1.76 51.13 0.93
CA TRP A 453 -1.25 49.76 0.96
C TRP A 453 -0.08 49.55 0.00
N LYS A 454 0.03 50.39 -1.03
CA LYS A 454 1.10 50.21 -2.02
C LYS A 454 2.48 50.28 -1.38
N LYS A 455 2.65 51.08 -0.32
CA LYS A 455 3.96 51.17 0.32
C LYS A 455 4.40 49.82 0.87
N LEU A 456 3.45 48.97 1.27
CA LEU A 456 3.80 47.71 1.91
C LEU A 456 4.22 46.65 0.90
N PHE A 457 3.91 46.82 -0.38
CA PHE A 457 4.08 45.77 -1.36
C PHE A 457 5.52 45.69 -1.83
N GLY A 458 5.95 44.47 -2.13
CA GLY A 458 7.30 44.21 -2.60
C GLY A 458 7.31 43.59 -3.98
N THR A 459 6.25 42.89 -4.34
CA THR A 459 6.15 42.23 -5.64
C THR A 459 5.16 42.99 -6.53
N SER A 460 5.54 43.15 -7.79
CA SER A 460 4.62 43.64 -8.80
C SER A 460 3.34 42.81 -8.81
N GLY A 461 2.22 43.46 -9.10
CA GLY A 461 0.94 42.80 -9.21
C GLY A 461 0.11 42.84 -7.96
N GLN A 462 0.72 43.06 -6.79
CA GLN A 462 -0.04 43.09 -5.56
C GLN A 462 -1.12 44.17 -5.62
N LYS A 463 -2.34 43.79 -5.22
CA LYS A 463 -3.48 44.69 -5.26
C LYS A 463 -4.38 44.37 -4.06
N THR A 464 -5.32 45.27 -3.80
CA THR A 464 -6.18 45.16 -2.63
C THR A 464 -7.63 44.99 -3.05
N LYS A 465 -8.42 44.52 -2.09
CA LYS A 465 -9.88 44.49 -2.18
C LYS A 465 -10.38 44.88 -0.80
N ILE A 466 -10.46 46.19 -0.57
CA ILE A 466 -10.95 46.72 0.69
C ILE A 466 -12.36 47.25 0.42
N ILE A 467 -13.36 46.38 0.59
CA ILE A 467 -14.73 46.69 0.21
C ILE A 467 -15.67 46.14 1.27
N SER A 468 -16.88 46.69 1.30
CA SER A 468 -17.97 46.09 2.07
C SER A 468 -17.60 45.95 3.55
N ASN A 469 -16.91 46.94 4.10
CA ASN A 469 -16.83 47.11 5.53
C ASN A 469 -17.84 48.19 5.92
N ARG A 470 -17.62 48.87 7.04
CA ARG A 470 -18.42 50.05 7.32
C ARG A 470 -18.12 51.12 6.27
N GLY A 471 -19.18 51.69 5.70
CA GLY A 471 -18.99 52.70 4.68
C GLY A 471 -18.30 53.94 5.22
N GLU A 472 -17.63 54.67 4.33
CA GLU A 472 -16.87 55.84 4.77
C GLU A 472 -17.79 56.93 5.28
N ASN A 473 -18.94 57.13 4.63
CA ASN A 473 -19.90 58.14 5.11
C ASN A 473 -20.29 57.85 6.55
N SER A 474 -20.61 56.59 6.85
CA SER A 474 -20.97 56.21 8.21
C SER A 474 -19.83 56.51 9.18
N CYS A 475 -18.61 56.08 8.83
CA CYS A 475 -17.46 56.29 9.71
C CYS A 475 -17.26 57.77 9.99
N LYS A 476 -17.20 58.59 8.94
CA LYS A 476 -17.02 60.03 9.14
C LYS A 476 -18.11 60.60 10.02
N ALA A 477 -19.36 60.15 9.83
CA ALA A 477 -20.44 60.69 10.64
C ALA A 477 -20.32 60.30 12.10
N THR A 478 -19.75 59.13 12.40
CA THR A 478 -19.65 58.68 13.77
C THR A 478 -18.35 59.12 14.47
N GLY A 479 -17.54 59.94 13.82
CA GLY A 479 -16.31 60.40 14.42
C GLY A 479 -15.16 59.41 14.34
N GLN A 480 -15.20 58.48 13.39
CA GLN A 480 -14.20 57.42 13.29
C GLN A 480 -13.32 57.68 12.07
N VAL A 481 -12.44 58.67 12.21
CA VAL A 481 -11.40 58.94 11.22
C VAL A 481 -10.10 59.16 11.97
N CYS A 482 -8.99 59.06 11.23
CA CYS A 482 -7.68 59.23 11.80
C CYS A 482 -7.62 60.46 12.70
N HIS A 483 -6.76 60.39 13.72
CA HIS A 483 -6.59 61.47 14.66
C HIS A 483 -6.02 62.70 13.95
N ALA A 484 -6.19 63.86 14.58
CA ALA A 484 -5.77 65.11 13.97
C ALA A 484 -4.25 65.25 13.96
N LEU A 485 -3.57 64.78 15.02
CA LEU A 485 -2.12 64.91 15.09
C LEU A 485 -1.47 64.29 13.87
N CYS A 486 -1.94 63.14 13.46
CA CYS A 486 -1.40 62.41 12.31
C CYS A 486 -2.37 62.60 11.14
N SER A 487 -2.05 63.52 10.26
CA SER A 487 -2.93 63.83 9.14
C SER A 487 -2.38 63.51 7.75
N PRO A 488 -1.24 62.76 7.58
CA PRO A 488 -0.76 62.57 6.21
C PRO A 488 -1.04 61.21 5.56
N GLU A 489 -0.69 60.09 6.22
CA GLU A 489 -0.64 58.80 5.53
C GLU A 489 -1.60 57.76 6.07
N GLY A 490 -2.60 58.14 6.85
CA GLY A 490 -3.59 57.18 7.32
C GLY A 490 -3.30 56.70 8.73
N CYS A 491 -4.11 55.73 9.15
CA CYS A 491 -4.03 55.24 10.52
C CYS A 491 -4.69 53.88 10.63
N TRP A 492 -4.24 53.11 11.62
CA TRP A 492 -4.82 51.82 11.94
C TRP A 492 -5.87 51.90 13.05
N GLY A 493 -6.34 53.10 13.38
CA GLY A 493 -7.28 53.26 14.45
C GLY A 493 -7.56 54.72 14.80
N PRO A 494 -8.45 54.93 15.78
CA PRO A 494 -8.80 56.31 16.16
C PRO A 494 -7.75 57.03 16.98
N GLU A 495 -6.81 56.31 17.59
CA GLU A 495 -5.89 56.91 18.53
C GLU A 495 -4.66 57.45 17.83
N PRO A 496 -3.89 58.32 18.51
CA PRO A 496 -2.68 58.86 17.88
C PRO A 496 -1.64 57.80 17.59
N ARG A 497 -1.43 56.86 18.51
CA ARG A 497 -0.48 55.78 18.29
C ARG A 497 -0.87 54.94 17.07
N ASP A 498 -2.16 54.89 16.74
CA ASP A 498 -2.63 54.07 15.63
C ASP A 498 -2.13 54.56 14.29
N CYS A 499 -1.71 55.82 14.19
CA CYS A 499 -1.44 56.42 12.90
C CYS A 499 -0.12 55.94 12.31
N VAL A 500 -0.07 55.95 10.97
CA VAL A 500 1.13 55.53 10.26
C VAL A 500 2.24 56.54 10.48
N SER A 501 3.45 56.02 10.68
CA SER A 501 4.65 56.84 10.86
C SER A 501 4.39 58.05 11.76
N GLU B 2 -42.25 -4.91 -6.68
CA GLU B 2 -43.37 -5.23 -5.80
C GLU B 2 -42.86 -5.40 -4.36
N GLU B 3 -43.78 -5.69 -3.45
CA GLU B 3 -43.41 -5.99 -2.07
C GLU B 3 -44.59 -6.68 -1.40
N LYS B 4 -44.31 -7.29 -0.24
CA LYS B 4 -45.30 -8.06 0.49
C LYS B 4 -46.12 -7.15 1.40
N LYS B 5 -47.43 -7.14 1.21
CA LYS B 5 -48.32 -6.46 2.14
C LYS B 5 -48.22 -7.09 3.52
N VAL B 6 -47.98 -6.26 4.54
CA VAL B 6 -47.85 -6.73 5.90
C VAL B 6 -48.84 -5.98 6.79
N CYS B 7 -48.98 -6.47 8.01
CA CYS B 7 -49.84 -5.85 9.01
C CYS B 7 -49.37 -6.31 10.39
N GLN B 8 -49.80 -5.58 11.42
CA GLN B 8 -49.21 -5.74 12.74
C GLN B 8 -49.83 -6.89 13.52
N GLY B 9 -51.11 -7.17 13.32
CA GLY B 9 -51.78 -8.17 14.14
C GLY B 9 -52.16 -7.59 15.50
N THR B 10 -52.87 -8.41 16.26
CA THR B 10 -53.41 -8.00 17.55
C THR B 10 -52.98 -9.00 18.62
N SER B 11 -53.09 -8.57 19.88
CA SER B 11 -52.72 -9.39 21.02
C SER B 11 -53.70 -9.20 22.16
N ASN B 12 -54.99 -9.16 21.84
CA ASN B 12 -56.04 -8.95 22.83
C ASN B 12 -56.60 -10.25 23.39
N LYS B 13 -56.26 -11.39 22.79
CA LYS B 13 -56.82 -12.69 23.18
C LYS B 13 -58.34 -12.60 23.05
N LEU B 14 -59.11 -12.71 24.12
CA LEU B 14 -60.57 -12.71 24.06
C LEU B 14 -61.17 -11.43 24.60
N THR B 15 -60.37 -10.40 24.83
CA THR B 15 -60.92 -9.10 25.17
C THR B 15 -61.60 -8.49 23.96
N GLN B 16 -62.67 -7.75 24.20
CA GLN B 16 -63.53 -7.23 23.15
C GLN B 16 -63.31 -5.73 23.01
N LEU B 17 -63.31 -5.27 21.75
CA LEU B 17 -63.03 -3.88 21.42
C LEU B 17 -64.36 -3.18 21.14
N GLY B 18 -65.00 -2.73 22.23
CA GLY B 18 -66.29 -2.07 22.10
C GLY B 18 -67.38 -3.06 21.73
N THR B 19 -68.41 -2.54 21.06
CA THR B 19 -69.52 -3.38 20.62
C THR B 19 -69.03 -4.37 19.56
N PHE B 20 -69.83 -5.41 19.34
CA PHE B 20 -69.55 -6.32 18.23
C PHE B 20 -69.26 -5.55 16.96
N GLU B 21 -69.96 -4.44 16.74
CA GLU B 21 -69.76 -3.65 15.53
C GLU B 21 -68.41 -2.93 15.56
N ASP B 22 -68.07 -2.33 16.70
CA ASP B 22 -66.75 -1.71 16.84
C ASP B 22 -65.66 -2.76 16.71
N HIS B 23 -65.82 -3.90 17.38
CA HIS B 23 -64.83 -4.96 17.31
C HIS B 23 -64.59 -5.39 15.87
N PHE B 24 -65.67 -5.69 15.15
CA PHE B 24 -65.53 -6.08 13.75
C PHE B 24 -64.87 -4.98 12.93
N LEU B 25 -65.23 -3.71 13.20
CA LEU B 25 -64.64 -2.61 12.46
C LEU B 25 -63.12 -2.58 12.65
N SER B 26 -62.67 -2.62 13.90
CA SER B 26 -61.24 -2.61 14.17
C SER B 26 -60.55 -3.80 13.51
N LEU B 27 -61.18 -4.98 13.56
CA LEU B 27 -60.58 -6.16 12.94
C LEU B 27 -60.43 -5.97 11.44
N GLN B 28 -61.52 -5.60 10.76
CA GLN B 28 -61.49 -5.44 9.31
C GLN B 28 -60.47 -4.39 8.90
N ARG B 29 -60.47 -3.24 9.57
CA ARG B 29 -59.47 -2.22 9.28
C ARG B 29 -58.07 -2.71 9.59
N MET B 30 -57.94 -3.65 10.53
CA MET B 30 -56.63 -4.18 10.89
C MET B 30 -56.09 -5.12 9.82
N PHE B 31 -56.95 -5.85 9.13
CA PHE B 31 -56.49 -6.87 8.20
C PHE B 31 -56.95 -6.65 6.76
N ASN B 32 -57.48 -5.48 6.42
CA ASN B 32 -57.81 -5.20 5.04
C ASN B 32 -56.57 -5.37 4.16
N ASN B 33 -56.64 -6.32 3.24
CA ASN B 33 -55.58 -6.53 2.24
C ASN B 33 -54.24 -6.92 2.87
N CYS B 34 -54.27 -7.57 4.04
CA CYS B 34 -53.02 -8.03 4.64
C CYS B 34 -52.60 -9.36 4.02
N GLU B 35 -51.29 -9.52 3.86
CA GLU B 35 -50.71 -10.77 3.39
C GLU B 35 -49.78 -11.43 4.40
N VAL B 36 -49.09 -10.65 5.22
CA VAL B 36 -48.22 -11.17 6.27
C VAL B 36 -48.61 -10.51 7.58
N VAL B 37 -48.88 -11.31 8.60
CA VAL B 37 -49.20 -10.83 9.93
C VAL B 37 -47.93 -10.96 10.77
N LEU B 38 -47.38 -9.82 11.18
CA LEU B 38 -46.15 -9.85 11.96
C LEU B 38 -46.41 -10.35 13.38
N GLY B 39 -47.55 -9.98 13.95
CA GLY B 39 -47.94 -10.48 15.26
C GLY B 39 -48.91 -11.62 15.17
N ASN B 40 -49.98 -11.56 15.97
CA ASN B 40 -50.95 -12.64 16.06
C ASN B 40 -52.22 -12.30 15.29
N LEU B 41 -52.83 -13.33 14.71
CA LEU B 41 -54.08 -13.20 13.97
C LEU B 41 -55.21 -13.67 14.88
N GLU B 42 -55.92 -12.72 15.49
CA GLU B 42 -57.01 -13.03 16.41
C GLU B 42 -58.34 -12.65 15.76
N ILE B 43 -59.13 -13.67 15.43
CA ILE B 43 -60.47 -13.53 14.90
C ILE B 43 -61.41 -13.93 16.04
N THR B 44 -62.05 -12.93 16.65
CA THR B 44 -62.92 -13.15 17.79
C THR B 44 -64.20 -12.34 17.64
N TYR B 45 -65.28 -12.90 18.18
CA TYR B 45 -66.55 -12.19 18.36
C TYR B 45 -67.20 -11.76 17.05
N VAL B 46 -66.79 -12.33 15.92
CA VAL B 46 -67.45 -12.01 14.65
C VAL B 46 -68.78 -12.74 14.60
N GLN B 47 -69.83 -11.99 14.30
CA GLN B 47 -71.19 -12.52 14.36
C GLN B 47 -71.65 -13.02 12.98
N ARG B 48 -72.81 -13.66 12.97
CA ARG B 48 -73.30 -14.31 11.76
C ARG B 48 -73.54 -13.28 10.66
N ASN B 49 -73.27 -13.71 9.42
CA ASN B 49 -73.50 -12.95 8.20
C ASN B 49 -72.54 -11.78 8.03
N TYR B 50 -71.57 -11.61 8.92
CA TYR B 50 -70.54 -10.58 8.73
C TYR B 50 -69.52 -11.07 7.71
N ASP B 51 -69.37 -10.33 6.63
CA ASP B 51 -68.53 -10.77 5.52
C ASP B 51 -67.06 -10.71 5.91
N LEU B 52 -66.38 -11.86 5.85
CA LEU B 52 -64.96 -11.97 6.16
C LEU B 52 -64.13 -12.30 4.92
N SER B 53 -64.57 -11.82 3.75
CA SER B 53 -63.83 -12.11 2.52
C SER B 53 -62.39 -11.59 2.60
N PHE B 54 -62.16 -10.51 3.35
CA PHE B 54 -60.84 -9.89 3.35
C PHE B 54 -59.76 -10.80 3.91
N LEU B 55 -60.14 -11.85 4.65
CA LEU B 55 -59.15 -12.80 5.14
C LEU B 55 -58.54 -13.64 4.03
N LYS B 56 -59.05 -13.57 2.81
CA LYS B 56 -58.57 -14.45 1.76
C LYS B 56 -57.12 -14.16 1.38
N THR B 57 -56.65 -12.94 1.59
CA THR B 57 -55.30 -12.57 1.17
C THR B 57 -54.23 -12.90 2.20
N ILE B 58 -54.61 -13.17 3.45
CA ILE B 58 -53.62 -13.53 4.46
C ILE B 58 -52.91 -14.80 4.03
N GLN B 59 -51.58 -14.74 3.99
CA GLN B 59 -50.77 -15.88 3.55
C GLN B 59 -49.90 -16.48 4.64
N GLU B 60 -49.48 -15.71 5.63
CA GLU B 60 -48.69 -16.26 6.72
C GLU B 60 -48.89 -15.44 7.98
N VAL B 61 -48.70 -16.10 9.12
CA VAL B 61 -48.88 -15.52 10.45
C VAL B 61 -47.65 -15.85 11.27
N ALA B 62 -46.88 -14.84 11.66
CA ALA B 62 -45.65 -15.08 12.40
C ALA B 62 -45.93 -15.48 13.84
N GLY B 63 -47.00 -14.96 14.44
CA GLY B 63 -47.35 -15.32 15.79
C GLY B 63 -48.23 -16.55 15.84
N TYR B 64 -49.34 -16.47 16.59
CA TYR B 64 -50.32 -17.53 16.65
C TYR B 64 -51.61 -17.09 15.98
N VAL B 65 -52.45 -18.07 15.65
CA VAL B 65 -53.77 -17.82 15.08
C VAL B 65 -54.80 -18.25 16.11
N LEU B 66 -55.62 -17.30 16.55
CA LEU B 66 -56.68 -17.54 17.50
C LEU B 66 -58.01 -17.29 16.80
N ILE B 67 -58.89 -18.28 16.81
CA ILE B 67 -60.23 -18.17 16.24
C ILE B 67 -61.18 -18.58 17.35
N ALA B 68 -61.83 -17.61 17.99
CA ALA B 68 -62.60 -17.95 19.18
C ALA B 68 -63.83 -17.08 19.32
N LEU B 69 -64.92 -17.68 19.79
CA LEU B 69 -66.13 -16.97 20.17
C LEU B 69 -66.81 -16.28 19.00
N ASN B 70 -66.65 -16.82 17.80
CA ASN B 70 -67.37 -16.37 16.63
C ASN B 70 -68.62 -17.20 16.44
N THR B 71 -69.70 -16.55 16.02
CA THR B 71 -70.88 -17.24 15.54
C THR B 71 -70.97 -17.22 14.02
N VAL B 72 -70.03 -16.54 13.35
CA VAL B 72 -70.07 -16.46 11.89
C VAL B 72 -69.87 -17.85 11.30
N GLU B 73 -70.52 -18.08 10.16
CA GLU B 73 -70.58 -19.43 9.60
C GLU B 73 -69.28 -19.82 8.90
N ARG B 74 -68.71 -18.92 8.10
CA ARG B 74 -67.55 -19.24 7.28
C ARG B 74 -66.43 -18.25 7.56
N ILE B 75 -65.25 -18.78 7.88
CA ILE B 75 -64.05 -17.98 8.05
C ILE B 75 -63.09 -18.36 6.93
N PRO B 76 -63.04 -17.60 5.82
CA PRO B 76 -62.31 -18.07 4.62
C PRO B 76 -60.82 -17.74 4.59
N LEU B 77 -60.08 -18.35 5.51
CA LEU B 77 -58.61 -18.32 5.46
C LEU B 77 -58.10 -19.27 4.39
N GLU B 78 -58.51 -19.00 3.16
CA GLU B 78 -58.30 -19.93 2.06
C GLU B 78 -56.86 -19.99 1.59
N ASN B 79 -56.01 -19.03 1.95
CA ASN B 79 -54.64 -19.00 1.45
C ASN B 79 -53.58 -18.91 2.55
N LEU B 80 -53.97 -18.91 3.82
CA LEU B 80 -53.00 -18.95 4.90
C LEU B 80 -52.12 -20.18 4.76
N GLN B 81 -50.84 -19.98 4.46
CA GLN B 81 -49.92 -21.08 4.19
C GLN B 81 -49.21 -21.58 5.44
N ILE B 82 -48.76 -20.68 6.31
CA ILE B 82 -47.85 -21.04 7.40
C ILE B 82 -48.22 -20.25 8.65
N ILE B 83 -48.06 -20.90 9.81
CA ILE B 83 -48.11 -20.25 11.12
C ILE B 83 -46.79 -20.54 11.79
N ARG B 84 -45.96 -19.52 11.95
CA ARG B 84 -44.59 -19.74 12.43
C ARG B 84 -44.53 -20.05 13.92
N GLY B 85 -45.49 -19.55 14.70
CA GLY B 85 -45.45 -19.79 16.12
C GLY B 85 -44.33 -19.09 16.85
N ASN B 86 -43.96 -17.89 16.40
CA ASN B 86 -43.03 -17.06 17.17
C ASN B 86 -43.60 -16.74 18.54
N MET B 87 -44.92 -16.85 18.71
CA MET B 87 -45.57 -16.70 19.99
C MET B 87 -46.66 -17.76 20.10
N TYR B 88 -47.00 -18.11 21.33
CA TYR B 88 -48.02 -19.11 21.60
C TYR B 88 -49.23 -18.48 22.28
N TYR B 89 -50.40 -19.04 21.99
CA TYR B 89 -51.59 -18.78 22.79
C TYR B 89 -51.64 -19.82 23.92
N GLU B 90 -51.66 -19.33 25.16
CA GLU B 90 -51.73 -20.19 26.34
C GLU B 90 -50.53 -21.15 26.39
N ASN B 91 -49.34 -20.59 26.19
CA ASN B 91 -48.07 -21.28 26.44
C ASN B 91 -47.94 -22.59 25.68
N SER B 92 -48.76 -22.85 24.65
CA SER B 92 -48.70 -24.14 23.99
C SER B 92 -48.99 -24.07 22.50
N TYR B 93 -50.03 -23.35 22.11
CA TYR B 93 -50.62 -23.50 20.79
C TYR B 93 -50.26 -22.37 19.86
N ALA B 94 -49.96 -22.71 18.61
CA ALA B 94 -49.86 -21.75 17.52
C ALA B 94 -51.17 -21.56 16.77
N LEU B 95 -52.19 -22.35 17.11
CA LEU B 95 -53.47 -22.29 16.43
C LEU B 95 -54.53 -22.82 17.39
N ALA B 96 -55.42 -21.95 17.87
CA ALA B 96 -56.46 -22.32 18.81
C ALA B 96 -57.82 -21.89 18.28
N VAL B 97 -58.69 -22.85 18.01
CA VAL B 97 -60.03 -22.59 17.50
C VAL B 97 -61.02 -23.06 18.56
N LEU B 98 -61.57 -22.12 19.34
CA LEU B 98 -62.33 -22.45 20.54
C LEU B 98 -63.68 -21.77 20.58
N SER B 99 -64.72 -22.56 20.84
CA SER B 99 -66.03 -22.06 21.28
C SER B 99 -66.63 -21.06 20.28
N ASN B 100 -66.60 -21.41 19.01
CA ASN B 100 -67.32 -20.64 17.99
C ASN B 100 -68.73 -21.19 17.86
N TYR B 101 -69.56 -20.97 18.88
CA TYR B 101 -70.91 -21.50 18.87
C TYR B 101 -71.95 -20.48 19.29
N ASP B 102 -73.12 -20.62 18.67
CA ASP B 102 -74.31 -19.83 18.94
C ASP B 102 -75.04 -20.37 20.15
N ALA B 103 -75.99 -19.56 20.65
CA ALA B 103 -76.94 -20.08 21.63
C ALA B 103 -77.71 -21.25 21.05
N ASN B 104 -78.04 -21.19 19.75
CA ASN B 104 -78.65 -22.29 19.03
C ASN B 104 -77.69 -23.45 18.81
N LYS B 105 -76.45 -23.35 19.27
CA LYS B 105 -75.44 -24.39 19.03
C LYS B 105 -75.11 -24.49 17.54
N THR B 106 -75.08 -23.33 16.87
CA THR B 106 -74.84 -23.24 15.42
C THR B 106 -73.86 -22.09 15.17
N GLY B 107 -72.57 -22.39 15.20
CA GLY B 107 -71.58 -21.34 15.04
C GLY B 107 -70.69 -21.52 13.82
N LEU B 108 -69.39 -21.49 14.02
CA LEU B 108 -68.45 -21.71 12.93
C LEU B 108 -68.70 -23.07 12.31
N LYS B 109 -68.80 -23.09 10.99
CA LYS B 109 -69.09 -24.30 10.24
C LYS B 109 -68.04 -24.64 9.20
N GLU B 110 -67.48 -23.63 8.53
CA GLU B 110 -66.53 -23.83 7.45
C GLU B 110 -65.24 -23.10 7.77
N LEU B 111 -64.12 -23.82 7.68
CA LEU B 111 -62.80 -23.27 7.98
C LEU B 111 -61.83 -23.76 6.92
N PRO B 112 -62.03 -23.36 5.67
CA PRO B 112 -61.26 -23.95 4.57
C PRO B 112 -59.83 -23.47 4.50
N MET B 113 -59.02 -23.78 5.52
CA MET B 113 -57.60 -23.47 5.52
C MET B 113 -56.83 -24.55 4.75
N ARG B 114 -57.21 -24.68 3.48
CA ARG B 114 -56.65 -25.75 2.64
C ARG B 114 -55.15 -25.64 2.51
N ASN B 115 -54.61 -24.42 2.39
CA ASN B 115 -53.19 -24.24 2.15
C ASN B 115 -52.34 -24.23 3.42
N LEU B 116 -52.96 -24.26 4.60
CA LEU B 116 -52.19 -24.34 5.84
C LEU B 116 -51.43 -25.66 5.88
N GLN B 117 -50.12 -25.62 5.61
CA GLN B 117 -49.35 -26.84 5.40
C GLN B 117 -48.23 -27.06 6.41
N GLU B 118 -47.66 -26.01 7.00
CA GLU B 118 -46.67 -26.19 8.06
C GLU B 118 -46.92 -25.19 9.18
N ILE B 119 -46.84 -25.69 10.41
CA ILE B 119 -46.78 -24.87 11.61
C ILE B 119 -45.39 -25.07 12.20
N LEU B 120 -44.55 -24.03 12.13
CA LEU B 120 -43.14 -24.18 12.49
C LEU B 120 -42.98 -24.53 13.97
N HIS B 121 -43.57 -23.74 14.86
CA HIS B 121 -43.47 -23.99 16.28
C HIS B 121 -44.85 -23.92 16.91
N GLY B 122 -45.04 -24.68 17.98
CA GLY B 122 -46.29 -24.72 18.71
C GLY B 122 -47.17 -25.88 18.28
N ALA B 123 -48.10 -26.23 19.17
CA ALA B 123 -49.08 -27.27 18.91
C ALA B 123 -50.39 -26.62 18.44
N VAL B 124 -51.50 -27.34 18.55
CA VAL B 124 -52.79 -26.85 18.12
C VAL B 124 -53.86 -27.34 19.08
N ARG B 125 -54.93 -26.55 19.21
CA ARG B 125 -56.04 -26.89 20.09
C ARG B 125 -57.36 -26.55 19.41
N PHE B 126 -58.25 -27.53 19.33
CA PHE B 126 -59.63 -27.35 18.86
C PHE B 126 -60.55 -27.81 19.98
N SER B 127 -61.46 -26.93 20.39
CA SER B 127 -62.36 -27.28 21.50
C SER B 127 -63.70 -26.60 21.32
N ASN B 128 -64.76 -27.40 21.37
CA ASN B 128 -66.12 -26.90 21.52
C ASN B 128 -66.57 -26.08 20.31
N ASN B 129 -66.51 -26.68 19.12
CA ASN B 129 -67.04 -26.08 17.90
C ASN B 129 -68.17 -26.97 17.40
N PRO B 130 -69.41 -26.74 17.86
CA PRO B 130 -70.52 -27.63 17.50
C PRO B 130 -70.76 -27.80 16.02
N ALA B 131 -70.72 -26.73 15.23
CA ALA B 131 -71.11 -26.81 13.83
C ALA B 131 -69.93 -27.02 12.89
N LEU B 132 -68.73 -27.26 13.43
CA LEU B 132 -67.55 -27.35 12.58
C LEU B 132 -67.63 -28.54 11.63
N CYS B 133 -67.11 -28.34 10.41
CA CYS B 133 -67.21 -29.33 9.35
C CYS B 133 -65.86 -29.73 8.79
N ASN B 134 -65.69 -31.02 8.55
CA ASN B 134 -64.63 -31.54 7.69
C ASN B 134 -63.23 -31.48 8.31
N VAL B 135 -63.06 -30.72 9.39
CA VAL B 135 -61.72 -30.53 9.94
C VAL B 135 -61.27 -31.71 10.77
N GLU B 136 -62.20 -32.51 11.32
CA GLU B 136 -61.81 -33.73 12.01
C GLU B 136 -61.01 -34.66 11.10
N SER B 137 -61.19 -34.54 9.79
CA SER B 137 -60.55 -35.43 8.83
C SER B 137 -59.08 -35.10 8.59
N ILE B 138 -58.57 -34.01 9.17
CA ILE B 138 -57.25 -33.50 8.81
C ILE B 138 -56.18 -34.31 9.50
N GLN B 139 -55.07 -34.53 8.79
CA GLN B 139 -53.89 -35.21 9.33
C GLN B 139 -52.93 -34.12 9.80
N TRP B 140 -52.91 -33.89 11.11
CA TRP B 140 -52.08 -32.82 11.66
C TRP B 140 -50.61 -33.22 11.81
N ARG B 141 -50.29 -34.51 11.72
CA ARG B 141 -48.89 -34.91 11.75
C ARG B 141 -48.12 -34.33 10.58
N ASP B 142 -48.79 -34.13 9.44
CA ASP B 142 -48.15 -33.49 8.29
C ASP B 142 -48.01 -31.99 8.50
N ILE B 143 -48.86 -31.39 9.33
CA ILE B 143 -48.85 -29.95 9.51
C ILE B 143 -47.91 -29.53 10.63
N VAL B 144 -47.92 -30.23 11.75
CA VAL B 144 -47.22 -29.80 12.95
C VAL B 144 -45.97 -30.63 13.15
N SER B 145 -44.98 -30.02 13.81
CA SER B 145 -43.71 -30.66 14.09
C SER B 145 -43.87 -31.76 15.14
N SER B 146 -43.05 -32.81 15.01
CA SER B 146 -43.10 -33.93 15.95
C SER B 146 -42.71 -33.52 17.36
N ASP B 147 -42.04 -32.39 17.53
CA ASP B 147 -41.73 -31.92 18.88
C ASP B 147 -42.98 -31.58 19.67
N PHE B 148 -44.02 -31.10 18.98
CA PHE B 148 -45.22 -30.58 19.64
C PHE B 148 -46.42 -31.50 19.53
N LEU B 149 -46.28 -32.67 18.89
CA LEU B 149 -47.38 -33.62 18.84
C LEU B 149 -47.87 -34.00 20.23
N SER B 150 -46.98 -34.05 21.19
CA SER B 150 -47.37 -34.45 22.52
C SER B 150 -48.33 -33.51 23.20
N ASN B 151 -48.29 -32.24 22.85
CA ASN B 151 -49.14 -31.27 23.53
C ASN B 151 -50.46 -30.96 22.89
N MET B 152 -50.74 -31.60 21.78
CA MET B 152 -52.01 -31.36 21.10
C MET B 152 -53.19 -31.65 22.00
N SER B 153 -54.25 -30.84 21.87
CA SER B 153 -55.44 -30.98 22.71
C SER B 153 -56.66 -30.57 21.89
N MET B 154 -57.13 -31.47 21.02
CA MET B 154 -58.28 -31.18 20.18
C MET B 154 -59.29 -32.32 20.18
N ASP B 155 -60.56 -31.96 20.25
CA ASP B 155 -61.68 -32.87 20.22
C ASP B 155 -62.77 -32.30 19.32
N PHE B 156 -63.30 -33.11 18.41
CA PHE B 156 -64.36 -32.70 17.52
C PHE B 156 -65.66 -33.40 17.89
N GLN B 157 -66.73 -32.62 18.01
CA GLN B 157 -68.08 -33.15 18.25
C GLN B 157 -69.04 -32.30 17.42
N ASN B 158 -69.39 -32.78 16.23
CA ASN B 158 -70.32 -32.05 15.37
C ASN B 158 -71.74 -32.45 15.71
N HIS B 159 -72.50 -31.51 16.27
CA HIS B 159 -73.85 -31.78 16.72
C HIS B 159 -74.79 -32.02 15.55
N LEU B 160 -74.74 -31.16 14.53
CA LEU B 160 -75.75 -31.16 13.49
C LEU B 160 -75.68 -32.42 12.63
N GLY B 161 -74.47 -32.86 12.28
CA GLY B 161 -74.31 -33.87 11.26
C GLY B 161 -74.58 -33.37 9.86
N SER B 162 -74.84 -32.07 9.69
CA SER B 162 -75.15 -31.51 8.38
C SER B 162 -73.93 -31.55 7.47
N CYS B 163 -72.74 -31.36 8.04
CA CYS B 163 -71.51 -31.26 7.27
C CYS B 163 -71.43 -32.34 6.20
N GLN B 164 -70.93 -31.94 5.03
CA GLN B 164 -70.79 -32.87 3.91
C GLN B 164 -69.53 -33.71 4.06
N LYS B 165 -69.49 -34.82 3.34
CA LYS B 165 -68.35 -35.72 3.39
C LYS B 165 -67.21 -35.18 2.54
N CYS B 166 -66.01 -35.73 2.79
CA CYS B 166 -64.81 -35.27 2.10
C CYS B 166 -64.76 -35.80 0.68
N ASP B 167 -64.17 -35.00 -0.20
CA ASP B 167 -64.08 -35.37 -1.60
C ASP B 167 -63.28 -36.67 -1.75
N PRO B 168 -63.70 -37.57 -2.64
CA PRO B 168 -62.88 -38.77 -2.91
C PRO B 168 -61.41 -38.47 -3.19
N SER B 169 -61.12 -37.36 -3.87
CA SER B 169 -59.74 -37.09 -4.26
C SER B 169 -58.83 -36.93 -3.04
N CYS B 170 -59.35 -36.39 -1.95
CA CYS B 170 -58.54 -36.18 -0.76
C CYS B 170 -57.91 -37.51 -0.33
N PRO B 171 -56.64 -37.52 0.07
CA PRO B 171 -56.02 -38.76 0.53
C PRO B 171 -56.36 -39.02 1.99
N ASN B 172 -56.74 -40.27 2.29
CA ASN B 172 -57.18 -40.66 3.63
C ASN B 172 -58.44 -39.91 4.05
N GLY B 173 -59.20 -39.40 3.09
CA GLY B 173 -60.42 -38.68 3.38
C GLY B 173 -60.21 -37.42 4.21
N SER B 174 -59.05 -36.79 4.07
CA SER B 174 -58.73 -35.58 4.84
C SER B 174 -58.98 -34.36 3.97
N CYS B 175 -59.92 -33.51 4.39
CA CYS B 175 -60.29 -32.35 3.61
C CYS B 175 -60.65 -31.20 4.53
N TRP B 176 -60.35 -29.98 4.08
CA TRP B 176 -60.73 -28.78 4.79
C TRP B 176 -62.07 -28.21 4.32
N GLY B 177 -62.67 -28.76 3.29
CA GLY B 177 -63.88 -28.21 2.72
C GLY B 177 -64.61 -29.19 1.84
N ALA B 178 -65.40 -28.65 0.90
CA ALA B 178 -66.36 -29.46 0.14
C ALA B 178 -65.70 -30.13 -1.06
N GLY B 179 -65.36 -29.36 -2.08
CA GLY B 179 -64.86 -29.92 -3.32
C GLY B 179 -63.48 -30.52 -3.16
N GLU B 180 -62.91 -30.95 -4.29
CA GLU B 180 -61.52 -31.38 -4.31
C GLU B 180 -60.57 -30.21 -4.14
N GLU B 181 -61.05 -28.98 -4.36
CA GLU B 181 -60.24 -27.80 -4.07
C GLU B 181 -59.73 -27.83 -2.65
N ASN B 182 -60.57 -28.30 -1.71
CA ASN B 182 -60.25 -28.29 -0.30
C ASN B 182 -59.75 -29.64 0.20
N CYS B 183 -59.18 -30.46 -0.68
CA CYS B 183 -58.49 -31.66 -0.24
C CYS B 183 -57.16 -31.29 0.40
N GLN B 184 -56.86 -31.88 1.55
CA GLN B 184 -55.63 -31.54 2.25
C GLN B 184 -54.42 -31.94 1.41
N LYS B 185 -53.54 -30.98 1.17
CA LYS B 185 -52.28 -31.26 0.49
C LYS B 185 -51.26 -31.76 1.51
N LEU B 186 -50.71 -32.94 1.26
CA LEU B 186 -49.71 -33.54 2.12
C LEU B 186 -48.33 -33.27 1.52
N THR B 187 -47.42 -32.74 2.34
CA THR B 187 -46.09 -32.36 1.86
C THR B 187 -44.97 -32.79 2.80
N LYS B 188 -45.23 -33.65 3.78
CA LYS B 188 -44.19 -34.08 4.70
C LYS B 188 -44.21 -35.59 4.91
N ILE B 189 -45.35 -36.13 5.36
CA ILE B 189 -45.41 -37.53 5.73
C ILE B 189 -45.30 -38.44 4.50
N ILE B 190 -45.72 -37.96 3.34
CA ILE B 190 -45.73 -38.77 2.13
C ILE B 190 -44.39 -38.66 1.40
N CYS B 191 -43.43 -37.97 2.02
CA CYS B 191 -42.18 -37.68 1.35
C CYS B 191 -41.25 -38.88 1.40
N ALA B 192 -40.43 -39.02 0.36
CA ALA B 192 -39.47 -40.10 0.32
C ALA B 192 -38.52 -40.02 1.51
N GLN B 193 -37.93 -41.17 1.85
CA GLN B 193 -36.91 -41.19 2.90
C GLN B 193 -35.75 -40.24 2.59
N GLN B 194 -35.60 -39.85 1.31
CA GLN B 194 -34.47 -39.01 0.92
C GLN B 194 -34.63 -37.56 1.34
N CYS B 195 -35.85 -37.11 1.64
CA CYS B 195 -36.09 -35.70 1.93
C CYS B 195 -35.84 -35.42 3.41
N SER B 196 -34.96 -34.45 3.68
CA SER B 196 -34.76 -33.97 5.05
C SER B 196 -35.81 -32.94 5.47
N GLY B 197 -36.55 -32.38 4.52
CA GLY B 197 -37.58 -31.40 4.81
C GLY B 197 -38.90 -31.73 4.15
N ARG B 198 -39.45 -30.79 3.40
CA ARG B 198 -40.74 -30.95 2.75
C ARG B 198 -40.55 -31.51 1.34
N CYS B 199 -41.65 -31.70 0.63
CA CYS B 199 -41.60 -32.30 -0.70
C CYS B 199 -42.86 -31.97 -1.48
N ARG B 200 -42.79 -32.17 -2.80
CA ARG B 200 -43.93 -32.04 -3.68
C ARG B 200 -44.75 -33.32 -3.80
N GLY B 201 -44.14 -34.47 -3.54
CA GLY B 201 -44.79 -35.73 -3.80
C GLY B 201 -43.96 -36.89 -3.29
N LYS B 202 -44.31 -38.09 -3.75
CA LYS B 202 -43.74 -39.32 -3.23
C LYS B 202 -42.38 -39.65 -3.83
N SER B 203 -41.92 -38.91 -4.83
CA SER B 203 -40.67 -39.25 -5.49
C SER B 203 -39.47 -38.59 -4.78
N PRO B 204 -38.27 -39.13 -4.98
CA PRO B 204 -37.09 -38.44 -4.44
C PRO B 204 -36.77 -37.14 -5.14
N SER B 205 -37.08 -37.02 -6.43
CA SER B 205 -36.98 -35.73 -7.11
C SER B 205 -38.04 -34.74 -6.67
N ASP B 206 -38.98 -35.17 -5.81
CA ASP B 206 -40.00 -34.28 -5.30
C ASP B 206 -39.59 -33.53 -4.04
N CYS B 207 -38.42 -33.85 -3.48
CA CYS B 207 -37.98 -33.19 -2.26
C CYS B 207 -37.83 -31.68 -2.51
N CYS B 208 -37.91 -30.92 -1.42
CA CYS B 208 -37.77 -29.47 -1.46
C CYS B 208 -36.44 -29.06 -0.84
N HIS B 209 -35.93 -27.91 -1.26
CA HIS B 209 -34.76 -27.33 -0.61
C HIS B 209 -35.07 -27.12 0.87
N ASN B 210 -34.14 -27.52 1.73
CA ASN B 210 -34.38 -27.58 3.18
C ASN B 210 -34.95 -26.29 3.75
N GLN B 211 -34.89 -25.19 3.00
CA GLN B 211 -35.34 -23.90 3.52
C GLN B 211 -36.83 -23.64 3.30
N CYS B 212 -37.45 -24.28 2.30
CA CYS B 212 -38.88 -24.11 2.09
C CYS B 212 -39.65 -24.60 3.32
N ALA B 213 -40.69 -23.84 3.69
CA ALA B 213 -41.41 -24.10 4.94
C ALA B 213 -42.75 -24.82 4.75
N ALA B 214 -43.51 -24.52 3.69
CA ALA B 214 -44.79 -25.18 3.48
C ALA B 214 -44.76 -26.18 2.35
N GLY B 215 -44.12 -25.84 1.25
CA GLY B 215 -43.99 -26.73 0.11
C GLY B 215 -43.10 -26.09 -0.91
N CYS B 216 -43.04 -26.70 -2.10
CA CYS B 216 -42.21 -26.13 -3.15
C CYS B 216 -42.79 -26.49 -4.51
N THR B 217 -42.27 -25.81 -5.53
CA THR B 217 -42.59 -26.07 -6.92
C THR B 217 -41.37 -26.56 -7.69
N GLY B 218 -40.28 -26.89 -6.97
CA GLY B 218 -39.04 -27.30 -7.56
C GLY B 218 -37.99 -27.51 -6.48
N PRO B 219 -36.82 -28.02 -6.87
CA PRO B 219 -35.80 -28.36 -5.86
C PRO B 219 -35.02 -27.16 -5.36
N ARG B 220 -35.07 -26.03 -6.05
CA ARG B 220 -34.21 -24.90 -5.74
C ARG B 220 -34.76 -24.10 -4.56
N GLU B 221 -33.89 -23.28 -3.98
CA GLU B 221 -34.29 -22.43 -2.87
C GLU B 221 -35.32 -21.39 -3.29
N SER B 222 -35.26 -20.93 -4.54
CA SER B 222 -36.23 -20.00 -5.07
C SER B 222 -37.60 -20.62 -5.30
N ASP B 223 -37.72 -21.94 -5.21
CA ASP B 223 -38.97 -22.63 -5.51
C ASP B 223 -39.87 -22.78 -4.30
N CYS B 224 -39.48 -22.23 -3.15
CA CYS B 224 -40.27 -22.39 -1.94
C CYS B 224 -41.59 -21.65 -2.03
N LEU B 225 -42.65 -22.27 -1.50
CA LEU B 225 -43.90 -21.54 -1.29
C LEU B 225 -43.70 -20.42 -0.28
N VAL B 226 -43.00 -20.73 0.81
CA VAL B 226 -42.69 -19.78 1.86
C VAL B 226 -41.34 -20.19 2.44
N CYS B 227 -40.67 -19.25 3.10
CA CYS B 227 -39.33 -19.48 3.62
C CYS B 227 -39.39 -19.86 5.09
N ARG B 228 -38.50 -20.79 5.48
CA ARG B 228 -38.44 -21.21 6.87
C ARG B 228 -37.79 -20.17 7.75
N LYS B 229 -36.85 -19.39 7.21
CA LYS B 229 -36.08 -18.46 8.03
C LYS B 229 -35.96 -17.09 7.39
N PHE B 230 -35.08 -16.93 6.40
CA PHE B 230 -34.79 -15.61 5.85
C PHE B 230 -35.20 -15.53 4.39
N ARG B 231 -35.73 -14.37 3.99
CA ARG B 231 -36.03 -14.07 2.61
C ARG B 231 -34.93 -13.15 2.06
N ASP B 232 -34.18 -13.65 1.09
CA ASP B 232 -33.13 -12.90 0.40
C ASP B 232 -33.65 -12.66 -1.01
N GLU B 233 -34.30 -11.51 -1.20
CA GLU B 233 -35.03 -11.24 -2.44
C GLU B 233 -35.85 -12.49 -2.81
N ALA B 234 -35.52 -13.13 -3.92
CA ALA B 234 -36.31 -14.22 -4.46
C ALA B 234 -35.99 -15.59 -3.84
N THR B 235 -35.27 -15.65 -2.74
CA THR B 235 -34.78 -16.94 -2.27
C THR B 235 -34.98 -17.11 -0.77
N CYS B 236 -35.07 -18.37 -0.35
CA CYS B 236 -35.11 -18.73 1.06
C CYS B 236 -33.71 -19.10 1.52
N LYS B 237 -33.34 -18.64 2.70
CA LYS B 237 -31.97 -18.80 3.16
C LYS B 237 -31.92 -19.00 4.67
N ASP B 238 -31.11 -19.99 5.05
CA ASP B 238 -30.83 -20.26 6.46
C ASP B 238 -30.20 -19.04 7.13
N THR B 239 -29.25 -18.40 6.45
CA THR B 239 -28.63 -17.18 6.93
C THR B 239 -28.39 -16.28 5.72
N CYS B 240 -28.37 -14.97 5.98
CA CYS B 240 -28.12 -14.04 4.90
C CYS B 240 -26.70 -14.22 4.37
N PRO B 241 -26.50 -14.17 3.05
CA PRO B 241 -25.15 -14.32 2.49
C PRO B 241 -24.19 -13.31 3.10
N PRO B 242 -23.05 -13.75 3.63
CA PRO B 242 -22.12 -12.81 4.28
C PRO B 242 -21.52 -11.80 3.32
N LEU B 243 -21.16 -10.64 3.89
CA LEU B 243 -20.56 -9.56 3.12
C LEU B 243 -19.18 -9.94 2.59
N MET B 244 -18.37 -10.59 3.42
CA MET B 244 -16.99 -10.90 3.09
C MET B 244 -16.83 -12.41 2.91
N LEU B 245 -16.21 -12.81 1.79
CA LEU B 245 -15.96 -14.20 1.47
C LEU B 245 -14.47 -14.42 1.28
N TYR B 246 -13.91 -15.33 2.07
CA TYR B 246 -12.48 -15.63 2.01
C TYR B 246 -12.08 -16.09 0.62
N ASN B 247 -10.94 -15.58 0.13
CA ASN B 247 -10.37 -16.07 -1.11
C ASN B 247 -9.28 -17.07 -0.77
N PRO B 248 -9.48 -18.37 -1.06
CA PRO B 248 -8.46 -19.39 -0.70
C PRO B 248 -7.13 -19.22 -1.42
N THR B 249 -7.15 -19.06 -2.74
CA THR B 249 -5.89 -18.95 -3.47
C THR B 249 -5.18 -17.64 -3.15
N THR B 250 -5.95 -16.56 -3.01
CA THR B 250 -5.35 -15.28 -2.66
C THR B 250 -4.92 -15.25 -1.19
N TYR B 251 -5.55 -16.08 -0.35
CA TYR B 251 -5.33 -16.12 1.09
C TYR B 251 -5.97 -14.92 1.78
N GLN B 252 -6.90 -14.23 1.12
CA GLN B 252 -7.38 -12.95 1.61
C GLN B 252 -8.85 -12.77 1.31
N MET B 253 -9.56 -12.13 2.24
CA MET B 253 -10.99 -11.95 2.09
C MET B 253 -11.30 -11.01 0.93
N ASP B 254 -12.38 -11.31 0.22
CA ASP B 254 -12.86 -10.48 -0.89
C ASP B 254 -14.31 -10.12 -0.62
N VAL B 255 -14.69 -8.89 -0.99
CA VAL B 255 -16.07 -8.48 -0.84
C VAL B 255 -16.98 -9.41 -1.63
N ASN B 256 -18.06 -9.87 -1.01
CA ASN B 256 -18.98 -10.81 -1.64
C ASN B 256 -20.08 -10.04 -2.34
N PRO B 257 -20.24 -10.17 -3.67
CA PRO B 257 -21.36 -9.47 -4.33
C PRO B 257 -22.71 -9.95 -3.83
N GLU B 258 -22.84 -11.25 -3.59
CA GLU B 258 -24.08 -11.82 -3.08
C GLU B 258 -24.30 -11.56 -1.60
N GLY B 259 -23.33 -10.92 -0.93
CA GLY B 259 -23.47 -10.68 0.50
C GLY B 259 -24.45 -9.56 0.80
N LYS B 260 -25.13 -9.69 1.94
CA LYS B 260 -26.16 -8.73 2.32
C LYS B 260 -26.26 -8.67 3.84
N TYR B 261 -27.08 -7.73 4.31
CA TYR B 261 -27.26 -7.48 5.73
C TYR B 261 -28.55 -8.11 6.23
N SER B 262 -28.53 -8.52 7.50
CA SER B 262 -29.71 -9.13 8.13
C SER B 262 -30.52 -8.03 8.81
N PHE B 263 -31.80 -7.93 8.43
CA PHE B 263 -32.72 -6.99 9.04
C PHE B 263 -34.06 -7.69 9.21
N GLY B 264 -34.50 -7.85 10.46
CA GLY B 264 -35.66 -8.68 10.70
C GLY B 264 -35.45 -10.06 10.09
N ALA B 265 -36.48 -10.56 9.40
CA ALA B 265 -36.39 -11.83 8.68
C ALA B 265 -36.10 -11.63 7.21
N THR B 266 -35.34 -10.59 6.85
CA THR B 266 -35.02 -10.30 5.47
C THR B 266 -33.54 -9.99 5.32
N CYS B 267 -33.03 -10.23 4.11
CA CYS B 267 -31.66 -9.87 3.74
C CYS B 267 -31.74 -8.70 2.78
N VAL B 268 -31.11 -7.58 3.15
CA VAL B 268 -31.23 -6.33 2.42
C VAL B 268 -29.85 -5.82 2.05
N LYS B 269 -29.81 -4.95 1.04
CA LYS B 269 -28.53 -4.44 0.56
C LYS B 269 -27.84 -3.56 1.58
N LYS B 270 -28.61 -2.85 2.40
CA LYS B 270 -28.05 -1.96 3.42
C LYS B 270 -29.06 -1.78 4.53
N CYS B 271 -28.54 -1.57 5.74
CA CYS B 271 -29.42 -1.40 6.88
C CYS B 271 -30.14 -0.05 6.81
N PRO B 272 -31.34 0.05 7.40
CA PRO B 272 -31.95 1.37 7.56
C PRO B 272 -31.02 2.28 8.35
N ARG B 273 -30.83 3.50 7.85
CA ARG B 273 -30.04 4.49 8.56
C ARG B 273 -30.49 4.62 10.01
N ASN B 274 -31.74 4.24 10.30
CA ASN B 274 -32.25 4.25 11.65
C ASN B 274 -31.50 3.28 12.55
N TYR B 275 -30.96 2.20 11.98
CA TYR B 275 -30.45 1.08 12.75
C TYR B 275 -28.94 1.08 12.87
N VAL B 276 -28.45 0.32 13.85
CA VAL B 276 -27.03 0.12 14.06
C VAL B 276 -26.56 -1.00 13.14
N VAL B 277 -25.31 -0.90 12.69
CA VAL B 277 -24.73 -1.84 11.74
C VAL B 277 -23.60 -2.58 12.43
N THR B 278 -23.70 -3.91 12.43
CA THR B 278 -22.70 -4.78 13.04
C THR B 278 -21.56 -5.05 12.07
N ASP B 279 -20.34 -5.15 12.61
CA ASP B 279 -19.16 -5.33 11.76
C ASP B 279 -19.26 -6.59 10.90
N HIS B 280 -20.07 -7.56 11.32
CA HIS B 280 -20.30 -8.80 10.60
C HIS B 280 -21.58 -8.78 9.76
N GLY B 281 -22.23 -7.63 9.62
CA GLY B 281 -23.25 -7.44 8.60
C GLY B 281 -24.70 -7.52 9.04
N SER B 282 -25.01 -7.45 10.32
CA SER B 282 -26.39 -7.55 10.77
C SER B 282 -26.87 -6.23 11.37
N CYS B 283 -28.09 -5.84 11.04
CA CYS B 283 -28.69 -4.62 11.55
C CYS B 283 -29.29 -4.89 12.92
N VAL B 284 -28.86 -4.12 13.92
CA VAL B 284 -29.28 -4.36 15.30
C VAL B 284 -29.80 -3.08 15.93
N ARG B 285 -30.54 -3.25 17.02
CA ARG B 285 -31.17 -2.13 17.72
C ARG B 285 -30.34 -1.57 18.86
N ALA B 286 -29.35 -2.32 19.34
CA ALA B 286 -28.55 -1.84 20.45
C ALA B 286 -27.19 -2.51 20.42
N CYS B 287 -26.24 -1.87 21.10
CA CYS B 287 -24.97 -2.47 21.46
C CYS B 287 -24.92 -2.63 22.98
N GLY B 288 -23.93 -3.38 23.44
CA GLY B 288 -23.96 -3.87 24.80
C GLY B 288 -23.10 -3.10 25.78
N ALA B 289 -23.74 -2.43 26.74
CA ALA B 289 -23.05 -1.84 27.88
C ALA B 289 -21.93 -0.92 27.44
N ASP B 290 -20.68 -1.30 27.73
CA ASP B 290 -19.49 -0.53 27.41
C ASP B 290 -19.57 0.13 26.05
N SER B 291 -20.05 -0.58 25.03
CA SER B 291 -20.06 -0.01 23.70
C SER B 291 -21.10 1.11 23.60
N TYR B 292 -20.79 2.08 22.74
CA TYR B 292 -21.64 3.22 22.47
C TYR B 292 -21.68 3.43 20.96
N GLU B 293 -22.75 4.10 20.52
CA GLU B 293 -23.04 4.26 19.10
C GLU B 293 -22.29 5.45 18.53
N MET B 294 -21.96 5.35 17.23
CA MET B 294 -21.24 6.40 16.54
C MET B 294 -21.55 6.31 15.06
N GLU B 295 -21.76 7.46 14.42
CA GLU B 295 -21.78 7.51 12.96
C GLU B 295 -20.34 7.63 12.48
N GLU B 296 -19.80 6.53 11.94
CA GLU B 296 -18.39 6.47 11.59
C GLU B 296 -18.15 6.17 10.11
N ASP B 297 -19.17 5.76 9.36
CA ASP B 297 -19.03 5.60 7.91
C ASP B 297 -20.38 5.77 7.24
N GLY B 298 -21.16 6.75 7.69
CA GLY B 298 -22.52 6.92 7.24
C GLY B 298 -23.47 6.01 7.98
N VAL B 299 -22.97 4.85 8.40
CA VAL B 299 -23.72 3.94 9.24
C VAL B 299 -23.42 4.27 10.69
N ARG B 300 -24.32 3.81 11.58
CA ARG B 300 -24.09 3.92 13.01
C ARG B 300 -23.42 2.64 13.48
N LYS B 301 -22.08 2.62 13.44
CA LYS B 301 -21.32 1.56 14.07
C LYS B 301 -21.38 1.69 15.57
N CYS B 302 -20.70 0.77 16.26
CA CYS B 302 -20.50 0.84 17.69
C CYS B 302 -19.03 0.67 18.02
N LYS B 303 -18.56 1.49 18.96
CA LYS B 303 -17.20 1.40 19.45
C LYS B 303 -17.26 1.32 20.97
N LYS B 304 -16.17 0.92 21.60
CA LYS B 304 -16.17 0.75 23.04
C LYS B 304 -15.71 2.04 23.72
N CYS B 305 -16.46 2.50 24.72
CA CYS B 305 -15.98 3.58 25.59
C CYS B 305 -15.19 2.91 26.72
N GLU B 306 -13.86 2.93 26.59
CA GLU B 306 -13.01 2.50 27.68
C GLU B 306 -13.29 3.30 28.95
N GLY B 307 -13.60 4.58 28.78
CA GLY B 307 -13.92 5.44 29.89
C GLY B 307 -15.34 5.24 30.39
N PRO B 308 -15.90 6.25 31.05
CA PRO B 308 -17.26 6.14 31.59
C PRO B 308 -18.28 6.47 30.51
N CYS B 309 -19.12 5.49 30.17
CA CYS B 309 -20.11 5.68 29.12
C CYS B 309 -21.30 6.46 29.65
N ARG B 310 -21.75 7.45 28.89
CA ARG B 310 -22.96 8.17 29.25
C ARG B 310 -24.09 7.18 29.53
N LYS B 311 -24.73 7.32 30.69
CA LYS B 311 -25.63 6.29 31.19
C LYS B 311 -26.70 5.96 30.15
N VAL B 312 -26.90 4.66 29.94
CA VAL B 312 -27.93 4.15 29.02
C VAL B 312 -28.81 3.20 29.81
N CYS B 313 -30.08 3.56 29.96
CA CYS B 313 -31.05 2.75 30.67
C CYS B 313 -31.94 2.02 29.68
N ASN B 314 -32.50 0.90 30.14
CA ASN B 314 -33.39 0.09 29.31
C ASN B 314 -34.82 0.61 29.42
N GLY B 315 -35.54 0.55 28.30
CA GLY B 315 -36.87 1.10 28.25
C GLY B 315 -37.93 0.13 28.73
N ILE B 316 -39.13 0.67 28.92
CA ILE B 316 -40.27 -0.15 29.30
C ILE B 316 -40.57 -1.13 28.18
N GLY B 317 -40.78 -2.39 28.54
CA GLY B 317 -41.15 -3.41 27.58
C GLY B 317 -40.04 -4.29 27.09
N ILE B 318 -38.83 -4.19 27.66
CA ILE B 318 -37.73 -5.11 27.37
C ILE B 318 -36.87 -5.22 28.62
N GLY B 319 -35.96 -6.19 28.63
CA GLY B 319 -35.09 -6.38 29.77
C GLY B 319 -35.88 -6.75 31.00
N GLU B 320 -35.45 -6.23 32.15
CA GLU B 320 -36.16 -6.47 33.39
C GLU B 320 -37.57 -5.87 33.40
N PHE B 321 -37.89 -5.04 32.40
CA PHE B 321 -39.22 -4.45 32.26
C PHE B 321 -39.97 -5.10 31.09
N LYS B 322 -39.77 -6.41 30.93
CA LYS B 322 -40.27 -7.12 29.75
C LYS B 322 -41.77 -6.96 29.61
N ASP B 323 -42.52 -7.16 30.69
CA ASP B 323 -43.98 -7.13 30.65
C ASP B 323 -44.56 -5.97 31.47
N SER B 324 -43.85 -4.85 31.52
CA SER B 324 -44.30 -3.69 32.28
C SER B 324 -45.12 -2.76 31.37
N LEU B 325 -46.18 -2.20 31.93
CA LEU B 325 -47.10 -1.38 31.15
C LEU B 325 -46.69 0.08 31.05
N SER B 326 -45.97 0.61 32.05
CA SER B 326 -45.69 2.03 32.08
C SER B 326 -44.58 2.30 33.08
N ILE B 327 -44.01 3.50 33.01
CA ILE B 327 -42.99 3.89 33.96
C ILE B 327 -43.78 4.13 35.23
N ASN B 328 -43.58 3.33 36.27
CA ASN B 328 -44.38 3.51 37.50
C ASN B 328 -43.55 3.73 38.75
N ALA B 329 -44.10 3.54 39.93
CA ALA B 329 -43.48 3.69 41.23
C ALA B 329 -42.43 2.64 41.52
N THR B 330 -42.61 1.44 40.96
CA THR B 330 -41.65 0.37 41.21
C THR B 330 -40.35 0.60 40.46
N ASN B 331 -40.43 0.89 39.17
CA ASN B 331 -39.26 0.94 38.29
C ASN B 331 -38.71 2.34 38.10
N ILE B 332 -39.31 3.37 38.72
CA ILE B 332 -38.87 4.73 38.44
C ILE B 332 -37.43 4.92 38.89
N LYS B 333 -37.05 4.29 40.01
CA LYS B 333 -35.71 4.44 40.55
C LYS B 333 -34.62 3.92 39.63
N HIS B 334 -34.97 3.18 38.57
CA HIS B 334 -33.99 2.70 37.61
C HIS B 334 -33.75 3.70 36.48
N PHE B 335 -34.46 4.82 36.46
CA PHE B 335 -34.31 5.83 35.42
C PHE B 335 -33.68 7.11 35.95
N LYS B 336 -32.78 7.00 36.93
CA LYS B 336 -32.32 8.16 37.67
C LYS B 336 -31.60 9.16 36.78
N ASN B 337 -30.46 8.76 36.21
CA ASN B 337 -29.58 9.69 35.53
C ASN B 337 -29.39 9.30 34.06
N CYS B 338 -30.44 8.80 33.44
CA CYS B 338 -30.34 8.33 32.06
C CYS B 338 -30.19 9.51 31.11
N THR B 339 -29.22 9.42 30.21
CA THR B 339 -29.12 10.32 29.06
C THR B 339 -29.61 9.65 27.78
N SER B 340 -30.02 8.39 27.85
CA SER B 340 -30.43 7.64 26.67
C SER B 340 -31.29 6.46 27.10
N ILE B 341 -32.44 6.31 26.47
CA ILE B 341 -33.32 5.17 26.70
C ILE B 341 -33.13 4.20 25.54
N SER B 342 -32.64 3.00 25.85
CA SER B 342 -32.52 1.94 24.84
C SER B 342 -33.85 1.22 24.81
N GLY B 343 -34.73 1.65 23.91
CA GLY B 343 -36.07 1.08 23.82
C GLY B 343 -37.15 2.13 23.82
N ASP B 344 -38.26 1.84 24.49
CA ASP B 344 -39.44 2.68 24.47
C ASP B 344 -39.81 3.13 25.87
N LEU B 345 -40.50 4.27 25.95
CA LEU B 345 -41.06 4.77 27.20
C LEU B 345 -42.58 4.78 27.10
N HIS B 346 -43.24 4.29 28.14
CA HIS B 346 -44.69 4.29 28.24
C HIS B 346 -45.09 5.00 29.53
N ILE B 347 -45.92 6.03 29.42
CA ILE B 347 -46.48 6.71 30.58
C ILE B 347 -48.00 6.67 30.45
N LEU B 348 -48.64 5.94 31.36
CA LEU B 348 -50.07 5.67 31.31
C LEU B 348 -50.73 6.11 32.61
N PRO B 349 -52.05 6.37 32.58
CA PRO B 349 -52.75 6.77 33.82
C PRO B 349 -52.56 5.81 34.99
N VAL B 350 -52.43 4.52 34.70
CA VAL B 350 -52.32 3.52 35.75
C VAL B 350 -51.09 3.80 36.61
N ALA B 351 -50.08 4.45 36.04
CA ALA B 351 -48.89 4.81 36.82
C ALA B 351 -49.28 5.66 38.03
N PHE B 352 -50.09 6.69 37.81
CA PHE B 352 -50.45 7.59 38.91
C PHE B 352 -51.56 7.02 39.78
N ARG B 353 -52.42 6.15 39.23
CA ARG B 353 -53.39 5.52 40.11
C ARG B 353 -52.78 4.42 40.98
N GLY B 354 -51.80 3.70 40.46
CA GLY B 354 -51.39 2.45 41.05
C GLY B 354 -52.23 1.29 40.53
N ASP B 355 -51.66 0.09 40.63
CA ASP B 355 -52.29 -1.09 40.05
C ASP B 355 -52.11 -2.26 41.01
N SER B 356 -53.21 -2.70 41.61
CA SER B 356 -53.16 -3.82 42.54
C SER B 356 -52.88 -5.13 41.82
N PHE B 357 -53.38 -5.28 40.60
CA PHE B 357 -53.24 -6.54 39.87
C PHE B 357 -51.79 -6.85 39.55
N THR B 358 -50.95 -5.83 39.44
CA THR B 358 -49.52 -6.01 39.22
C THR B 358 -48.69 -5.58 40.42
N HIS B 359 -49.32 -5.31 41.57
CA HIS B 359 -48.62 -5.04 42.82
C HIS B 359 -47.78 -3.76 42.72
N THR B 360 -48.35 -2.72 42.13
CA THR B 360 -47.64 -1.47 41.93
C THR B 360 -48.34 -0.36 42.70
N PRO B 361 -47.64 0.37 43.56
CA PRO B 361 -48.25 1.53 44.22
C PRO B 361 -48.31 2.72 43.28
N PRO B 362 -48.99 3.80 43.68
CA PRO B 362 -49.12 4.95 42.78
C PRO B 362 -47.83 5.76 42.71
N LEU B 363 -47.58 6.31 41.53
CA LEU B 363 -46.38 7.09 41.28
C LEU B 363 -46.61 8.54 41.68
N ASP B 364 -45.74 9.06 42.54
CA ASP B 364 -45.75 10.47 42.86
C ASP B 364 -45.39 11.25 41.60
N PRO B 365 -46.30 12.03 41.01
CA PRO B 365 -46.00 12.66 39.72
C PRO B 365 -44.67 13.39 39.68
N GLN B 366 -44.28 14.04 40.79
CA GLN B 366 -42.99 14.70 40.86
C GLN B 366 -41.86 13.82 40.33
N GLU B 367 -41.96 12.51 40.57
CA GLU B 367 -40.87 11.60 40.20
C GLU B 367 -40.47 11.77 38.74
N LEU B 368 -41.44 12.04 37.86
CA LEU B 368 -41.13 12.11 36.44
C LEU B 368 -40.07 13.16 36.13
N ASP B 369 -39.87 14.14 37.02
CA ASP B 369 -38.83 15.14 36.79
C ASP B 369 -37.49 14.48 36.47
N ILE B 370 -37.24 13.31 37.04
CA ILE B 370 -35.96 12.62 36.82
C ILE B 370 -35.64 12.52 35.34
N LEU B 371 -36.66 12.45 34.48
CA LEU B 371 -36.43 12.23 33.06
C LEU B 371 -35.76 13.42 32.36
N LYS B 372 -35.59 14.55 33.05
CA LYS B 372 -35.02 15.72 32.40
C LYS B 372 -33.62 15.48 31.84
N THR B 373 -32.96 14.40 32.23
CA THR B 373 -31.63 14.08 31.71
C THR B 373 -31.69 13.33 30.38
N VAL B 374 -32.85 12.79 30.00
CA VAL B 374 -32.95 11.97 28.80
C VAL B 374 -32.77 12.85 27.57
N LYS B 375 -31.80 12.52 26.73
CA LYS B 375 -31.54 13.24 25.50
C LYS B 375 -31.97 12.50 24.24
N GLU B 376 -31.92 11.16 24.25
CA GLU B 376 -32.33 10.38 23.09
C GLU B 376 -33.17 9.19 23.54
N ILE B 377 -34.07 8.77 22.66
CA ILE B 377 -34.90 7.58 22.86
C ILE B 377 -34.77 6.75 21.59
N THR B 378 -34.15 5.58 21.70
CA THR B 378 -33.89 4.76 20.52
C THR B 378 -35.18 4.21 19.92
N GLY B 379 -36.20 3.99 20.74
CA GLY B 379 -37.45 3.43 20.25
C GLY B 379 -38.52 4.49 20.04
N PHE B 380 -39.63 4.38 20.76
CA PHE B 380 -40.71 5.34 20.65
C PHE B 380 -41.08 5.88 22.03
N LEU B 381 -41.75 7.01 22.03
CA LEU B 381 -42.21 7.68 23.25
C LEU B 381 -43.73 7.72 23.23
N LEU B 382 -44.35 7.13 24.25
CA LEU B 382 -45.81 7.08 24.36
C LEU B 382 -46.22 7.74 25.67
N ILE B 383 -46.99 8.82 25.56
CA ILE B 383 -47.52 9.54 26.71
C ILE B 383 -49.03 9.57 26.58
N GLN B 384 -49.72 8.77 27.39
CA GLN B 384 -51.16 8.79 27.50
C GLN B 384 -51.64 9.42 28.81
N ALA B 385 -50.71 9.86 29.66
CA ALA B 385 -51.07 10.55 30.90
C ALA B 385 -49.88 11.38 31.34
N TRP B 386 -50.18 12.42 32.12
CA TRP B 386 -49.18 13.38 32.57
C TRP B 386 -49.73 14.06 33.81
N PRO B 387 -48.87 14.52 34.73
CA PRO B 387 -49.38 15.14 35.96
C PRO B 387 -50.41 16.22 35.64
N GLU B 388 -51.44 16.28 36.49
CA GLU B 388 -52.53 17.23 36.26
C GLU B 388 -52.01 18.65 36.16
N ASN B 389 -51.08 19.02 37.05
CA ASN B 389 -50.72 20.42 37.25
C ASN B 389 -49.76 20.97 36.20
N ARG B 390 -49.00 20.12 35.53
CA ARG B 390 -47.99 20.60 34.59
C ARG B 390 -48.62 20.87 33.23
N THR B 391 -48.31 22.04 32.67
CA THR B 391 -48.93 22.50 31.44
C THR B 391 -48.13 22.14 30.19
N ASP B 392 -46.95 21.55 30.35
CA ASP B 392 -46.15 21.11 29.21
C ASP B 392 -45.44 19.81 29.57
N LEU B 393 -44.80 19.21 28.57
CA LEU B 393 -43.95 18.04 28.77
C LEU B 393 -42.63 18.52 29.36
N HIS B 394 -42.67 18.84 30.65
CA HIS B 394 -41.53 19.50 31.28
C HIS B 394 -40.31 18.58 31.35
N ALA B 395 -40.52 17.31 31.72
CA ALA B 395 -39.41 16.39 31.91
C ALA B 395 -38.76 15.96 30.61
N PHE B 396 -39.30 16.37 29.45
CA PHE B 396 -38.73 16.07 28.16
C PHE B 396 -38.25 17.33 27.44
N GLU B 397 -37.92 18.38 28.21
CA GLU B 397 -37.44 19.62 27.60
C GLU B 397 -36.05 19.47 27.00
N ASN B 398 -35.31 18.43 27.40
CA ASN B 398 -33.98 18.16 26.87
C ASN B 398 -33.96 17.01 25.88
N LEU B 399 -35.12 16.47 25.52
CA LEU B 399 -35.19 15.40 24.54
C LEU B 399 -34.85 15.93 23.16
N GLU B 400 -33.88 15.31 22.50
CA GLU B 400 -33.35 15.81 21.23
C GLU B 400 -33.63 14.92 20.04
N ILE B 401 -33.61 13.59 20.21
CA ILE B 401 -33.79 12.68 19.08
C ILE B 401 -34.62 11.48 19.53
N ILE B 402 -35.50 11.03 18.64
CA ILE B 402 -36.23 9.78 18.80
C ILE B 402 -36.01 8.98 17.53
N ARG B 403 -35.39 7.81 17.67
CA ARG B 403 -34.95 7.05 16.50
C ARG B 403 -36.02 6.11 15.95
N GLY B 404 -37.02 5.74 16.75
CA GLY B 404 -38.12 4.95 16.25
C GLY B 404 -37.73 3.62 15.67
N ARG B 405 -36.67 2.99 16.20
CA ARG B 405 -36.36 1.62 15.81
C ARG B 405 -37.56 0.71 16.08
N THR B 406 -38.17 0.85 17.26
CA THR B 406 -39.45 0.24 17.57
C THR B 406 -40.53 1.31 17.54
N LYS B 407 -41.77 0.89 17.30
CA LYS B 407 -42.86 1.83 17.09
C LYS B 407 -44.15 1.28 17.67
N GLN B 408 -44.95 2.17 18.24
CA GLN B 408 -46.23 1.79 18.82
C GLN B 408 -47.20 1.38 17.72
N HIS B 409 -47.87 0.25 17.92
CA HIS B 409 -48.74 -0.32 16.89
C HIS B 409 -47.99 -0.43 15.56
N GLY B 410 -46.67 -0.56 15.63
CA GLY B 410 -45.85 -0.65 14.43
C GLY B 410 -45.95 0.55 13.52
N GLN B 411 -46.18 1.73 14.07
CA GLN B 411 -46.33 2.92 13.23
C GLN B 411 -45.77 4.18 13.87
N PHE B 412 -46.10 4.44 15.13
CA PHE B 412 -45.86 5.73 15.76
C PHE B 412 -44.62 5.67 16.65
N SER B 413 -43.66 6.57 16.39
CA SER B 413 -42.50 6.75 17.24
C SER B 413 -42.72 7.79 18.33
N LEU B 414 -43.76 8.62 18.21
CA LEU B 414 -44.09 9.60 19.24
C LEU B 414 -45.60 9.73 19.26
N ALA B 415 -46.21 9.50 20.42
CA ALA B 415 -47.66 9.53 20.56
C ALA B 415 -48.01 10.23 21.86
N VAL B 416 -48.63 11.40 21.76
CA VAL B 416 -49.06 12.18 22.92
C VAL B 416 -50.57 12.32 22.81
N VAL B 417 -51.31 11.66 23.71
CA VAL B 417 -52.77 11.59 23.56
C VAL B 417 -53.44 11.80 24.91
N SER B 418 -54.58 12.48 24.88
CA SER B 418 -55.47 12.62 26.04
C SER B 418 -54.71 13.23 27.22
N LEU B 419 -54.15 14.42 27.01
CA LEU B 419 -53.47 15.13 28.10
C LEU B 419 -54.06 16.52 28.36
N ASN B 420 -53.86 17.02 29.57
CA ASN B 420 -54.41 18.31 29.99
C ASN B 420 -53.48 19.47 29.61
N ILE B 421 -52.31 19.15 29.07
CA ILE B 421 -51.33 20.16 28.69
C ILE B 421 -51.79 21.17 27.62
N THR B 422 -51.25 22.38 27.73
CA THR B 422 -51.53 23.48 26.82
C THR B 422 -50.45 23.67 25.76
N SER B 423 -49.28 23.06 25.94
CA SER B 423 -48.21 23.11 24.95
C SER B 423 -47.32 21.90 25.14
N LEU B 424 -46.77 21.40 24.02
CA LEU B 424 -45.84 20.28 24.10
C LEU B 424 -44.60 20.65 24.88
N GLY B 425 -43.93 21.73 24.49
CA GLY B 425 -42.72 22.15 25.16
C GLY B 425 -41.49 21.34 24.82
N LEU B 426 -41.50 20.65 23.67
CA LEU B 426 -40.36 19.84 23.25
C LEU B 426 -39.40 20.72 22.44
N ARG B 427 -38.72 21.60 23.17
CA ARG B 427 -37.89 22.63 22.54
C ARG B 427 -36.64 22.02 21.90
N SER B 428 -36.05 21.02 22.55
CA SER B 428 -34.79 20.46 22.09
C SER B 428 -34.94 19.38 21.03
N LEU B 429 -36.17 18.94 20.75
CA LEU B 429 -36.39 17.86 19.80
C LEU B 429 -36.01 18.32 18.39
N LYS B 430 -35.05 17.61 17.78
CA LYS B 430 -34.56 17.98 16.47
C LYS B 430 -34.62 16.87 15.43
N GLU B 431 -34.88 15.63 15.82
CA GLU B 431 -35.00 14.55 14.84
C GLU B 431 -35.90 13.45 15.36
N ILE B 432 -36.82 13.01 14.52
CA ILE B 432 -37.60 11.80 14.73
C ILE B 432 -37.21 10.86 13.58
N SER B 433 -36.17 10.06 13.80
CA SER B 433 -35.50 9.40 12.68
C SER B 433 -36.47 8.56 11.85
N ASP B 434 -37.39 7.86 12.50
CA ASP B 434 -38.33 7.00 11.79
C ASP B 434 -39.60 6.88 12.61
N GLY B 435 -40.70 6.59 11.93
CA GLY B 435 -41.98 6.43 12.57
C GLY B 435 -42.84 7.67 12.47
N ASP B 436 -44.15 7.48 12.62
CA ASP B 436 -45.10 8.55 12.47
C ASP B 436 -45.40 9.21 13.81
N VAL B 437 -46.14 10.32 13.76
CA VAL B 437 -46.43 11.14 14.93
C VAL B 437 -47.93 11.24 15.09
N ILE B 438 -48.38 11.33 16.34
CA ILE B 438 -49.80 11.50 16.62
C ILE B 438 -49.96 12.35 17.88
N ILE B 439 -50.64 13.48 17.74
CA ILE B 439 -51.07 14.28 18.89
C ILE B 439 -52.57 14.49 18.69
N SER B 440 -53.37 13.72 19.43
CA SER B 440 -54.81 13.81 19.32
C SER B 440 -55.44 13.55 20.68
N GLY B 441 -56.62 14.15 20.88
CA GLY B 441 -57.29 14.05 22.15
C GLY B 441 -56.75 14.95 23.24
N ASN B 442 -55.69 15.73 22.97
CA ASN B 442 -55.18 16.66 23.95
C ASN B 442 -56.03 17.92 23.89
N LYS B 443 -56.91 18.05 24.88
CA LYS B 443 -58.04 18.97 24.76
C LYS B 443 -57.60 20.42 24.76
N ASN B 444 -56.62 20.79 25.59
CA ASN B 444 -56.18 22.17 25.74
C ASN B 444 -54.90 22.48 24.97
N LEU B 445 -54.38 21.54 24.20
CA LEU B 445 -53.13 21.74 23.48
C LEU B 445 -53.36 22.68 22.30
N CYS B 446 -52.49 23.67 22.14
CA CYS B 446 -52.78 24.78 21.23
C CYS B 446 -51.70 25.07 20.19
N TYR B 447 -50.42 24.81 20.47
CA TYR B 447 -49.35 25.19 19.57
C TYR B 447 -48.75 24.00 18.82
N ALA B 448 -49.47 22.89 18.70
CA ALA B 448 -48.88 21.73 18.05
C ALA B 448 -48.71 21.94 16.56
N ASN B 449 -49.76 22.43 15.88
CA ASN B 449 -49.76 22.51 14.43
C ASN B 449 -48.83 23.59 13.87
N THR B 450 -48.26 24.44 14.71
CA THR B 450 -47.43 25.53 14.20
C THR B 450 -46.08 25.02 13.69
N ILE B 451 -45.57 23.92 14.25
CA ILE B 451 -44.26 23.40 13.87
C ILE B 451 -44.36 22.68 12.53
N ASN B 452 -43.25 22.67 11.80
CA ASN B 452 -43.10 21.88 10.57
C ASN B 452 -42.38 20.58 10.95
N TRP B 453 -43.16 19.51 11.12
CA TRP B 453 -42.59 18.23 11.56
C TRP B 453 -41.75 17.57 10.48
N LYS B 454 -41.95 17.93 9.21
CA LYS B 454 -41.22 17.26 8.13
C LYS B 454 -39.72 17.38 8.29
N LYS B 455 -39.24 18.51 8.83
CA LYS B 455 -37.80 18.69 8.98
C LYS B 455 -37.23 17.96 10.19
N LEU B 456 -38.08 17.39 11.04
CA LEU B 456 -37.61 16.47 12.07
C LEU B 456 -37.41 15.05 11.53
N PHE B 457 -38.00 14.73 10.40
CA PHE B 457 -38.01 13.36 9.89
C PHE B 457 -36.70 13.03 9.19
N GLY B 458 -36.38 11.74 9.17
CA GLY B 458 -35.19 11.25 8.51
C GLY B 458 -35.49 10.19 7.46
N THR B 459 -36.60 9.48 7.63
CA THR B 459 -37.01 8.43 6.71
C THR B 459 -38.12 8.92 5.80
N SER B 460 -38.23 8.30 4.63
CA SER B 460 -39.34 8.57 3.74
C SER B 460 -40.63 8.02 4.32
N GLY B 461 -41.75 8.65 3.96
CA GLY B 461 -43.05 8.18 4.35
C GLY B 461 -43.51 8.56 5.75
N GLN B 462 -42.62 9.12 6.58
CA GLN B 462 -43.05 9.60 7.89
C GLN B 462 -44.14 10.65 7.71
N LYS B 463 -45.08 10.68 8.65
CA LYS B 463 -46.23 11.55 8.55
C LYS B 463 -46.84 11.70 9.94
N THR B 464 -47.78 12.64 10.05
CA THR B 464 -48.30 13.04 11.35
C THR B 464 -49.82 13.01 11.35
N LYS B 465 -50.38 12.99 12.57
CA LYS B 465 -51.82 13.08 12.80
C LYS B 465 -51.99 13.95 14.05
N ILE B 466 -52.04 15.27 13.83
CA ILE B 466 -52.28 16.24 14.90
C ILE B 466 -53.72 16.70 14.74
N ILE B 467 -54.64 16.12 15.51
CA ILE B 467 -56.06 16.40 15.35
C ILE B 467 -56.78 16.25 16.68
N SER B 468 -57.93 16.90 16.80
CA SER B 468 -58.82 16.74 17.94
C SER B 468 -58.18 17.23 19.23
N ASN B 469 -57.32 18.24 19.13
CA ASN B 469 -56.87 18.98 20.28
C ASN B 469 -57.66 20.29 20.34
N ARG B 470 -57.13 21.31 21.00
CA ARG B 470 -57.83 22.59 20.98
C ARG B 470 -57.73 23.19 19.58
N GLY B 471 -58.79 23.88 19.17
CA GLY B 471 -58.89 24.39 17.82
C GLY B 471 -58.19 25.71 17.65
N GLU B 472 -57.77 25.99 16.41
CA GLU B 472 -56.98 27.19 16.15
C GLU B 472 -57.78 28.47 16.41
N ASN B 473 -59.11 28.40 16.39
CA ASN B 473 -59.91 29.60 16.64
C ASN B 473 -60.06 29.85 18.13
N SER B 474 -60.22 28.79 18.93
CA SER B 474 -60.15 28.94 20.37
C SER B 474 -58.76 29.36 20.82
N CYS B 475 -57.72 28.75 20.22
CA CYS B 475 -56.35 29.12 20.54
C CYS B 475 -56.10 30.58 20.23
N LYS B 476 -56.39 31.00 18.99
CA LYS B 476 -56.20 32.40 18.61
C LYS B 476 -57.01 33.32 19.51
N ALA B 477 -58.24 32.93 19.84
CA ALA B 477 -59.07 33.80 20.66
C ALA B 477 -58.52 33.96 22.07
N THR B 478 -57.88 32.93 22.61
CA THR B 478 -57.37 32.96 23.98
C THR B 478 -55.95 33.47 24.07
N GLY B 479 -55.34 33.89 22.96
CA GLY B 479 -53.98 34.40 22.99
C GLY B 479 -52.90 33.35 22.95
N GLN B 480 -53.24 32.10 22.66
CA GLN B 480 -52.26 31.01 22.64
C GLN B 480 -51.76 30.81 21.22
N VAL B 481 -50.96 31.77 20.78
CA VAL B 481 -50.32 31.75 19.48
C VAL B 481 -48.82 31.94 19.69
N CYS B 482 -48.06 31.79 18.61
CA CYS B 482 -46.62 31.93 18.71
C CYS B 482 -46.22 33.38 18.98
N HIS B 483 -45.10 33.53 19.69
CA HIS B 483 -44.67 34.85 20.14
C HIS B 483 -44.28 35.73 18.96
N ALA B 484 -44.41 37.04 19.14
CA ALA B 484 -44.13 37.99 18.08
C ALA B 484 -42.78 37.72 17.43
N LEU B 485 -41.80 37.28 18.21
CA LEU B 485 -40.50 36.93 17.68
C LEU B 485 -40.49 35.54 17.07
N CYS B 486 -41.64 34.88 17.00
CA CYS B 486 -41.77 33.54 16.43
C CYS B 486 -42.42 33.59 15.05
N SER B 487 -42.04 34.59 14.27
CA SER B 487 -42.37 34.60 12.86
C SER B 487 -41.83 33.39 12.11
N PRO B 488 -40.68 32.80 12.46
CA PRO B 488 -40.29 31.57 11.76
C PRO B 488 -41.31 30.48 12.06
N GLU B 489 -41.45 29.57 11.10
CA GLU B 489 -42.47 28.53 11.22
C GLU B 489 -42.32 27.81 12.55
N GLY B 490 -43.34 27.89 13.38
CA GLY B 490 -43.43 27.02 14.55
C GLY B 490 -43.01 27.68 15.84
N CYS B 491 -43.47 27.06 16.94
CA CYS B 491 -43.11 27.41 18.30
C CYS B 491 -43.73 26.34 19.20
N TRP B 492 -42.95 25.90 20.19
CA TRP B 492 -43.42 24.86 21.10
C TRP B 492 -44.18 25.41 22.28
N GLY B 493 -44.53 26.70 22.27
CA GLY B 493 -45.27 27.27 23.36
C GLY B 493 -45.46 28.76 23.26
N PRO B 494 -45.96 29.36 24.34
CA PRO B 494 -46.22 30.81 24.32
C PRO B 494 -44.96 31.65 24.34
N GLU B 495 -43.89 31.16 24.93
CA GLU B 495 -42.77 32.03 25.29
C GLU B 495 -41.75 32.15 24.15
N PRO B 496 -40.88 33.16 24.24
CA PRO B 496 -39.85 33.33 23.19
C PRO B 496 -38.86 32.18 23.11
N ARG B 497 -38.54 31.51 24.23
CA ARG B 497 -37.60 30.41 24.17
C ARG B 497 -38.26 29.16 23.59
N ASP B 498 -39.57 29.03 23.75
CA ASP B 498 -40.31 27.96 23.09
C ASP B 498 -40.27 28.10 21.57
N CYS B 499 -39.72 29.20 21.06
CA CYS B 499 -39.59 29.38 19.62
C CYS B 499 -38.63 28.35 19.04
N VAL B 500 -38.98 27.86 17.85
CA VAL B 500 -38.11 26.94 17.14
C VAL B 500 -36.91 27.68 16.56
N SER B 501 -37.17 28.81 15.90
CA SER B 501 -36.15 29.58 15.21
C SER B 501 -36.34 31.05 15.59
N HIS B 502 -35.40 31.89 15.15
CA HIS B 502 -35.47 33.31 15.43
C HIS B 502 -35.04 34.09 14.20
N HIS B 503 -35.70 35.23 13.97
CA HIS B 503 -35.24 36.24 13.03
C HIS B 503 -35.20 37.57 13.76
N HIS B 504 -34.19 38.38 13.46
CA HIS B 504 -33.97 39.60 14.22
C HIS B 504 -34.97 40.66 13.76
N HIS B 505 -35.78 41.15 14.70
CA HIS B 505 -36.83 42.12 14.43
C HIS B 505 -38.06 41.45 13.83
N GLU C 2 -12.44 -39.74 16.22
CA GLU C 2 -13.52 -39.37 15.31
C GLU C 2 -13.00 -38.52 14.15
N GLU C 3 -12.38 -37.39 14.47
CA GLU C 3 -11.82 -36.54 13.44
C GLU C 3 -10.73 -37.28 12.68
N LYS C 4 -10.70 -37.06 11.37
CA LYS C 4 -9.76 -37.77 10.50
C LYS C 4 -8.37 -37.17 10.59
N LYS C 5 -7.38 -38.01 10.27
CA LYS C 5 -6.01 -37.52 10.12
C LYS C 5 -5.91 -36.69 8.85
N VAL C 6 -5.28 -35.52 8.95
CA VAL C 6 -5.18 -34.60 7.83
C VAL C 6 -3.70 -34.33 7.54
N CYS C 7 -3.44 -33.94 6.30
CA CYS C 7 -2.11 -33.51 5.89
C CYS C 7 -2.25 -32.44 4.82
N GLN C 8 -1.19 -31.65 4.65
CA GLN C 8 -1.26 -30.42 3.87
C GLN C 8 -1.25 -30.64 2.37
N GLY C 9 -0.83 -31.81 1.90
CA GLY C 9 -0.55 -31.99 0.48
C GLY C 9 0.73 -31.25 0.09
N THR C 10 1.01 -31.30 -1.21
CA THR C 10 2.22 -30.70 -1.76
C THR C 10 1.87 -29.95 -3.04
N SER C 11 2.76 -29.06 -3.46
CA SER C 11 2.64 -28.32 -4.70
C SER C 11 3.95 -28.34 -5.46
N ASN C 12 4.66 -29.48 -5.40
CA ASN C 12 5.97 -29.59 -6.02
C ASN C 12 5.89 -29.83 -7.52
N LYS C 13 4.77 -30.40 -8.00
CA LYS C 13 4.56 -30.65 -9.43
C LYS C 13 5.61 -31.66 -9.90
N LEU C 14 6.42 -31.35 -10.90
CA LEU C 14 7.37 -32.29 -11.47
C LEU C 14 8.78 -32.09 -10.93
N THR C 15 8.95 -31.27 -9.91
CA THR C 15 10.28 -31.04 -9.36
C THR C 15 10.63 -32.15 -8.38
N GLN C 16 11.90 -32.55 -8.42
CA GLN C 16 12.39 -33.68 -7.66
C GLN C 16 13.19 -33.17 -6.47
N LEU C 17 13.06 -33.86 -5.33
CA LEU C 17 13.73 -33.46 -4.09
C LEU C 17 14.96 -34.35 -3.89
N GLY C 18 16.02 -34.02 -4.62
CA GLY C 18 17.25 -34.79 -4.52
C GLY C 18 17.14 -36.11 -5.27
N THR C 19 17.84 -37.12 -4.73
CA THR C 19 17.86 -38.43 -5.36
C THR C 19 16.52 -39.13 -5.15
N PHE C 20 16.27 -40.16 -5.98
CA PHE C 20 15.04 -40.92 -5.87
C PHE C 20 14.74 -41.30 -4.43
N GLU C 21 15.76 -41.75 -3.70
CA GLU C 21 15.58 -42.14 -2.31
C GLU C 21 15.04 -40.98 -1.48
N ASP C 22 15.75 -39.83 -1.50
CA ASP C 22 15.30 -38.65 -0.77
C ASP C 22 13.85 -38.32 -1.09
N HIS C 23 13.56 -38.12 -2.37
CA HIS C 23 12.21 -37.73 -2.78
C HIS C 23 11.17 -38.70 -2.22
N PHE C 24 11.39 -40.00 -2.41
CA PHE C 24 10.48 -40.99 -1.84
C PHE C 24 10.30 -40.77 -0.34
N LEU C 25 11.42 -40.66 0.39
CA LEU C 25 11.33 -40.58 1.84
C LEU C 25 10.53 -39.37 2.29
N SER C 26 10.67 -38.24 1.57
CA SER C 26 9.87 -37.08 1.94
C SER C 26 8.40 -37.28 1.62
N LEU C 27 8.09 -37.85 0.46
CA LEU C 27 6.72 -38.25 0.16
C LEU C 27 6.13 -39.08 1.30
N GLN C 28 6.85 -40.13 1.69
CA GLN C 28 6.39 -41.03 2.74
C GLN C 28 6.23 -40.30 4.06
N ARG C 29 7.14 -39.37 4.36
CA ARG C 29 7.03 -38.61 5.60
C ARG C 29 5.83 -37.67 5.56
N MET C 30 5.45 -37.24 4.37
CA MET C 30 4.33 -36.33 4.23
C MET C 30 3.00 -37.02 4.38
N PHE C 31 2.81 -38.14 3.67
CA PHE C 31 1.51 -38.80 3.64
C PHE C 31 1.42 -40.01 4.56
N ASN C 32 2.36 -40.15 5.49
CA ASN C 32 2.26 -41.23 6.47
C ASN C 32 1.02 -41.05 7.32
N ASN C 33 0.15 -42.06 7.32
CA ASN C 33 -1.07 -42.11 8.11
C ASN C 33 -2.14 -41.12 7.66
N CYS C 34 -1.92 -40.38 6.58
CA CYS C 34 -2.84 -39.33 6.20
C CYS C 34 -4.12 -39.90 5.60
N GLU C 35 -5.23 -39.22 5.88
CA GLU C 35 -6.54 -39.60 5.34
C GLU C 35 -7.13 -38.51 4.46
N VAL C 36 -7.15 -37.26 4.92
CA VAL C 36 -7.66 -36.14 4.15
C VAL C 36 -6.48 -35.26 3.76
N VAL C 37 -6.29 -35.06 2.46
CA VAL C 37 -5.22 -34.21 1.94
C VAL C 37 -5.81 -32.83 1.70
N LEU C 38 -5.49 -31.89 2.59
CA LEU C 38 -5.99 -30.52 2.44
C LEU C 38 -5.55 -29.88 1.14
N GLY C 39 -4.48 -30.37 0.52
CA GLY C 39 -3.97 -29.81 -0.71
C GLY C 39 -3.97 -30.79 -1.85
N ASN C 40 -2.84 -30.91 -2.53
CA ASN C 40 -2.70 -31.81 -3.67
C ASN C 40 -1.97 -33.09 -3.25
N LEU C 41 -2.24 -34.16 -3.96
CA LEU C 41 -1.54 -35.43 -3.77
C LEU C 41 -0.65 -35.65 -4.99
N GLU C 42 0.65 -35.44 -4.81
CA GLU C 42 1.61 -35.54 -5.89
C GLU C 42 2.53 -36.73 -5.64
N ILE C 43 2.44 -37.73 -6.51
CA ILE C 43 3.25 -38.94 -6.46
C ILE C 43 4.10 -38.95 -7.72
N THR C 44 5.39 -38.65 -7.55
CA THR C 44 6.29 -38.49 -8.68
C THR C 44 7.63 -39.16 -8.39
N TYR C 45 8.20 -39.78 -9.42
CA TYR C 45 9.57 -40.29 -9.39
C TYR C 45 9.75 -41.46 -8.42
N VAL C 46 8.69 -42.19 -8.11
CA VAL C 46 8.84 -43.38 -7.27
C VAL C 46 9.31 -44.53 -8.15
N GLN C 47 10.29 -45.28 -7.68
CA GLN C 47 10.96 -46.30 -8.46
C GLN C 47 10.50 -47.69 -8.03
N ARG C 48 10.79 -48.67 -8.89
CA ARG C 48 10.40 -50.04 -8.62
C ARG C 48 10.82 -50.47 -7.22
N ASN C 49 10.08 -51.42 -6.66
CA ASN C 49 10.37 -52.06 -5.39
C ASN C 49 10.18 -51.12 -4.20
N TYR C 50 9.71 -49.89 -4.41
CA TYR C 50 9.43 -48.97 -3.32
C TYR C 50 8.00 -49.15 -2.86
N ASP C 51 7.82 -49.51 -1.59
CA ASP C 51 6.52 -49.88 -1.06
C ASP C 51 5.70 -48.62 -0.82
N LEU C 52 4.60 -48.47 -1.56
CA LEU C 52 3.70 -47.33 -1.43
C LEU C 52 2.40 -47.71 -0.73
N SER C 53 2.47 -48.68 0.18
CA SER C 53 1.25 -49.15 0.85
C SER C 53 0.69 -48.12 1.82
N PHE C 54 1.50 -47.17 2.29
CA PHE C 54 0.96 -46.13 3.16
C PHE C 54 -0.15 -45.36 2.48
N LEU C 55 -0.11 -45.27 1.15
CA LEU C 55 -1.16 -44.59 0.40
C LEU C 55 -2.53 -45.24 0.57
N LYS C 56 -2.60 -46.43 1.17
CA LYS C 56 -3.91 -46.99 1.48
C LYS C 56 -4.69 -46.09 2.42
N THR C 57 -4.00 -45.29 3.22
CA THR C 57 -4.67 -44.46 4.21
C THR C 57 -5.52 -43.38 3.56
N ILE C 58 -5.17 -42.96 2.35
CA ILE C 58 -5.77 -41.77 1.75
C ILE C 58 -7.23 -42.04 1.41
N GLN C 59 -8.11 -41.16 1.88
CA GLN C 59 -9.54 -41.24 1.58
C GLN C 59 -10.03 -40.14 0.66
N GLU C 60 -9.55 -38.91 0.82
CA GLU C 60 -9.97 -37.82 -0.03
C GLU C 60 -8.84 -36.81 -0.22
N VAL C 61 -8.90 -36.11 -1.34
CA VAL C 61 -7.92 -35.09 -1.71
C VAL C 61 -8.67 -33.84 -2.12
N ALA C 62 -8.45 -32.74 -1.40
CA ALA C 62 -9.16 -31.50 -1.72
C ALA C 62 -8.62 -30.85 -2.98
N GLY C 63 -7.32 -30.98 -3.25
CA GLY C 63 -6.72 -30.36 -4.41
C GLY C 63 -6.79 -31.25 -5.64
N TYR C 64 -5.66 -31.51 -6.27
CA TYR C 64 -5.58 -32.39 -7.43
C TYR C 64 -4.69 -33.59 -7.10
N VAL C 65 -4.72 -34.58 -7.99
CA VAL C 65 -3.97 -35.82 -7.82
C VAL C 65 -3.10 -35.98 -9.07
N LEU C 66 -1.78 -35.90 -8.89
CA LEU C 66 -0.82 -36.03 -9.98
C LEU C 66 0.04 -37.26 -9.74
N ILE C 67 -0.13 -38.27 -10.58
CA ILE C 67 0.74 -39.46 -10.59
C ILE C 67 1.58 -39.36 -11.84
N ALA C 68 2.87 -39.10 -11.69
CA ALA C 68 3.68 -38.85 -12.89
C ALA C 68 5.12 -39.33 -12.72
N LEU C 69 5.70 -39.79 -13.82
CA LEU C 69 7.13 -40.07 -13.90
C LEU C 69 7.57 -41.11 -12.88
N ASN C 70 6.71 -42.09 -12.65
CA ASN C 70 7.03 -43.22 -11.79
C ASN C 70 7.34 -44.46 -12.62
N THR C 71 8.27 -45.27 -12.13
CA THR C 71 8.50 -46.60 -12.67
C THR C 71 7.97 -47.69 -11.74
N VAL C 72 7.38 -47.31 -10.61
CA VAL C 72 6.86 -48.27 -9.65
C VAL C 72 5.66 -48.99 -10.27
N GLU C 73 5.44 -50.24 -9.82
CA GLU C 73 4.41 -51.07 -10.42
C GLU C 73 3.02 -50.74 -9.89
N ARG C 74 2.89 -50.60 -8.57
CA ARG C 74 1.58 -50.53 -7.92
C ARG C 74 1.50 -49.28 -7.06
N ILE C 75 0.47 -48.47 -7.29
CA ILE C 75 0.18 -47.31 -6.46
C ILE C 75 -1.15 -47.58 -5.76
N PRO C 76 -1.14 -48.03 -4.54
CA PRO C 76 -2.38 -48.55 -3.91
C PRO C 76 -3.26 -47.46 -3.30
N LEU C 77 -3.80 -46.59 -4.16
CA LEU C 77 -4.82 -45.64 -3.73
C LEU C 77 -6.19 -46.35 -3.70
N GLU C 78 -6.26 -47.37 -2.84
CA GLU C 78 -7.41 -48.27 -2.84
C GLU C 78 -8.64 -47.63 -2.21
N ASN C 79 -8.44 -46.68 -1.29
CA ASN C 79 -9.56 -46.08 -0.56
C ASN C 79 -9.79 -44.62 -0.92
N LEU C 80 -9.23 -44.17 -2.03
CA LEU C 80 -9.41 -42.79 -2.48
C LEU C 80 -10.85 -42.61 -2.94
N GLN C 81 -11.67 -41.96 -2.12
CA GLN C 81 -13.09 -41.83 -2.39
C GLN C 81 -13.42 -40.62 -3.27
N ILE C 82 -12.80 -39.48 -3.01
CA ILE C 82 -13.22 -38.23 -3.64
C ILE C 82 -12.01 -37.34 -3.88
N ILE C 83 -11.99 -36.72 -5.07
CA ILE C 83 -11.05 -35.66 -5.41
C ILE C 83 -11.89 -34.42 -5.68
N ARG C 84 -11.67 -33.37 -4.89
CA ARG C 84 -12.59 -32.22 -4.95
C ARG C 84 -12.25 -31.28 -6.10
N GLY C 85 -10.98 -31.11 -6.41
CA GLY C 85 -10.59 -30.18 -7.45
C GLY C 85 -10.59 -28.73 -7.02
N ASN C 86 -10.33 -28.46 -5.74
CA ASN C 86 -10.16 -27.08 -5.31
C ASN C 86 -9.00 -26.42 -6.04
N MET C 87 -8.06 -27.20 -6.57
CA MET C 87 -7.00 -26.70 -7.42
C MET C 87 -6.81 -27.68 -8.57
N TYR C 88 -6.38 -27.17 -9.72
CA TYR C 88 -6.16 -27.97 -10.91
C TYR C 88 -4.66 -28.06 -11.19
N TYR C 89 -4.23 -29.24 -11.64
CA TYR C 89 -2.90 -29.37 -12.23
C TYR C 89 -3.00 -28.97 -13.69
N GLU C 90 -2.31 -27.90 -14.07
CA GLU C 90 -2.27 -27.43 -15.45
C GLU C 90 -3.64 -26.94 -15.92
N ASN C 91 -4.36 -26.27 -15.01
CA ASN C 91 -5.53 -25.47 -15.37
C ASN C 91 -6.78 -26.28 -15.71
N SER C 92 -6.67 -27.62 -15.77
CA SER C 92 -7.81 -28.37 -16.28
C SER C 92 -7.91 -29.81 -15.80
N TYR C 93 -7.19 -30.23 -14.76
CA TYR C 93 -7.21 -31.64 -14.36
C TYR C 93 -7.23 -31.77 -12.86
N ALA C 94 -8.20 -32.53 -12.35
CA ALA C 94 -8.20 -32.96 -10.96
C ALA C 94 -7.45 -34.26 -10.77
N LEU C 95 -7.17 -34.98 -11.85
CA LEU C 95 -6.41 -36.23 -11.79
C LEU C 95 -5.61 -36.33 -13.09
N ALA C 96 -4.29 -36.25 -12.98
CA ALA C 96 -3.38 -36.40 -14.12
C ALA C 96 -2.46 -37.58 -13.87
N VAL C 97 -2.48 -38.55 -14.78
CA VAL C 97 -1.61 -39.73 -14.74
C VAL C 97 -0.74 -39.66 -15.98
N LEU C 98 0.54 -39.33 -15.82
CA LEU C 98 1.40 -39.01 -16.95
C LEU C 98 2.77 -39.67 -16.84
N SER C 99 3.16 -40.37 -17.90
CA SER C 99 4.55 -40.76 -18.13
C SER C 99 5.13 -41.60 -16.98
N ASN C 100 4.40 -42.61 -16.56
CA ASN C 100 4.89 -43.54 -15.54
C ASN C 100 5.41 -44.82 -16.22
N TYR C 101 6.57 -44.70 -16.86
CA TYR C 101 7.18 -45.83 -17.53
C TYR C 101 8.69 -45.74 -17.43
N ASP C 102 9.33 -46.91 -17.49
CA ASP C 102 10.78 -47.04 -17.43
C ASP C 102 11.35 -46.84 -18.82
N ALA C 103 12.69 -46.84 -18.90
CA ALA C 103 13.33 -46.80 -20.21
C ALA C 103 12.94 -47.97 -21.09
N ASN C 104 12.48 -49.08 -20.49
CA ASN C 104 12.11 -50.28 -21.23
C ASN C 104 10.63 -50.33 -21.57
N LYS C 105 9.90 -49.21 -21.45
CA LYS C 105 8.46 -49.16 -21.64
C LYS C 105 7.71 -49.85 -20.51
N THR C 106 8.37 -50.15 -19.40
CA THR C 106 7.78 -50.79 -18.25
C THR C 106 7.60 -49.77 -17.14
N GLY C 107 6.61 -49.99 -16.27
CA GLY C 107 6.41 -49.04 -15.19
C GLY C 107 5.13 -49.26 -14.40
N LEU C 108 4.28 -48.23 -14.37
CA LEU C 108 3.03 -48.29 -13.61
C LEU C 108 2.11 -49.34 -14.21
N LYS C 109 1.85 -50.41 -13.46
CA LYS C 109 1.01 -51.50 -13.92
C LYS C 109 -0.36 -51.53 -13.23
N GLU C 110 -0.41 -51.26 -11.93
CA GLU C 110 -1.63 -51.38 -11.15
C GLU C 110 -1.95 -50.05 -10.49
N LEU C 111 -3.19 -49.60 -10.65
CA LEU C 111 -3.68 -48.35 -10.05
C LEU C 111 -5.10 -48.59 -9.58
N PRO C 112 -5.27 -49.45 -8.56
CA PRO C 112 -6.62 -49.88 -8.13
C PRO C 112 -7.34 -48.82 -7.30
N MET C 113 -7.76 -47.74 -7.96
CA MET C 113 -8.61 -46.74 -7.33
C MET C 113 -10.08 -47.16 -7.44
N ARG C 114 -10.37 -48.30 -6.81
CA ARG C 114 -11.70 -48.92 -6.91
C ARG C 114 -12.76 -48.17 -6.13
N ASN C 115 -12.37 -47.21 -5.30
CA ASN C 115 -13.33 -46.41 -4.55
C ASN C 115 -13.38 -44.96 -5.02
N LEU C 116 -12.60 -44.59 -6.02
CA LEU C 116 -12.69 -43.25 -6.59
C LEU C 116 -14.00 -43.11 -7.36
N GLN C 117 -15.06 -42.70 -6.65
CA GLN C 117 -16.39 -42.60 -7.24
C GLN C 117 -16.83 -41.17 -7.50
N GLU C 118 -16.02 -40.18 -7.13
CA GLU C 118 -16.45 -38.78 -7.26
C GLU C 118 -15.25 -37.88 -7.51
N ILE C 119 -15.37 -37.03 -8.53
CA ILE C 119 -14.47 -35.89 -8.72
C ILE C 119 -15.38 -34.67 -8.88
N LEU C 120 -15.49 -33.86 -7.83
CA LEU C 120 -16.33 -32.66 -7.86
C LEU C 120 -16.04 -31.79 -9.07
N HIS C 121 -14.85 -31.20 -9.12
CA HIS C 121 -14.49 -30.25 -10.16
C HIS C 121 -13.24 -30.73 -10.88
N GLY C 122 -13.10 -30.28 -12.13
CA GLY C 122 -11.95 -30.62 -12.94
C GLY C 122 -12.14 -31.90 -13.74
N ALA C 123 -11.24 -32.08 -14.71
CA ALA C 123 -11.28 -33.17 -15.64
C ALA C 123 -10.15 -34.16 -15.32
N VAL C 124 -9.81 -35.02 -16.29
CA VAL C 124 -8.83 -36.07 -16.08
C VAL C 124 -7.93 -36.18 -17.31
N ARG C 125 -6.66 -36.53 -17.08
CA ARG C 125 -5.71 -36.77 -18.15
C ARG C 125 -4.92 -38.03 -17.88
N PHE C 126 -4.97 -38.97 -18.81
CA PHE C 126 -4.09 -40.14 -18.83
C PHE C 126 -3.24 -40.07 -20.09
N SER C 127 -1.93 -40.25 -19.96
CA SER C 127 -1.03 -40.04 -21.08
C SER C 127 0.24 -40.86 -20.87
N ASN C 128 0.55 -41.71 -21.85
CA ASN C 128 1.83 -42.40 -21.92
C ASN C 128 2.09 -43.22 -20.64
N ASN C 129 1.26 -44.24 -20.47
CA ASN C 129 1.41 -45.21 -19.38
C ASN C 129 1.32 -46.62 -19.97
N PRO C 130 2.37 -47.05 -20.67
CA PRO C 130 2.32 -48.36 -21.34
C PRO C 130 2.10 -49.54 -20.39
N ALA C 131 2.67 -49.50 -19.19
CA ALA C 131 2.61 -50.66 -18.31
C ALA C 131 1.24 -50.85 -17.69
N LEU C 132 0.46 -49.77 -17.56
CA LEU C 132 -0.79 -49.81 -16.83
C LEU C 132 -1.84 -50.64 -17.57
N CYS C 133 -2.66 -51.36 -16.81
CA CYS C 133 -3.80 -52.07 -17.39
C CYS C 133 -5.00 -51.98 -16.46
N ASN C 134 -6.16 -52.21 -17.05
CA ASN C 134 -7.48 -52.27 -16.43
C ASN C 134 -8.06 -50.88 -16.22
N VAL C 135 -7.29 -49.80 -16.40
CA VAL C 135 -7.87 -48.48 -16.30
C VAL C 135 -8.67 -48.13 -17.55
N GLU C 136 -8.32 -48.73 -18.70
CA GLU C 136 -9.04 -48.42 -19.93
C GLU C 136 -10.52 -48.74 -19.82
N SER C 137 -10.87 -49.80 -19.07
CA SER C 137 -12.25 -50.24 -18.98
C SER C 137 -13.14 -49.25 -18.25
N ILE C 138 -12.58 -48.42 -17.38
CA ILE C 138 -13.39 -47.57 -16.50
C ILE C 138 -14.31 -46.68 -17.31
N GLN C 139 -15.52 -46.46 -16.79
CA GLN C 139 -16.46 -45.49 -17.34
C GLN C 139 -16.34 -44.23 -16.49
N TRP C 140 -15.85 -43.14 -17.11
CA TRP C 140 -15.52 -41.94 -16.35
C TRP C 140 -16.68 -40.97 -16.21
N ARG C 141 -17.71 -41.05 -17.07
CA ARG C 141 -18.85 -40.17 -16.91
C ARG C 141 -19.62 -40.42 -15.62
N ASP C 142 -19.36 -41.55 -14.96
CA ASP C 142 -19.93 -41.78 -13.64
C ASP C 142 -19.11 -41.11 -12.55
N ILE C 143 -17.79 -41.02 -12.72
CA ILE C 143 -16.93 -40.42 -11.70
C ILE C 143 -16.90 -38.90 -11.84
N VAL C 144 -16.97 -38.38 -13.06
CA VAL C 144 -16.74 -36.97 -13.32
C VAL C 144 -18.08 -36.25 -13.41
N SER C 145 -18.04 -34.92 -13.33
CA SER C 145 -19.21 -34.09 -13.56
C SER C 145 -19.29 -33.67 -15.01
N SER C 146 -20.52 -33.66 -15.55
CA SER C 146 -20.73 -33.42 -16.97
C SER C 146 -20.16 -32.07 -17.43
N ASP C 147 -19.94 -31.13 -16.51
CA ASP C 147 -19.44 -29.82 -16.91
C ASP C 147 -18.05 -29.93 -17.56
N PHE C 148 -17.24 -30.88 -17.11
CA PHE C 148 -15.83 -30.94 -17.49
C PHE C 148 -15.53 -32.03 -18.51
N LEU C 149 -16.51 -32.84 -18.90
CA LEU C 149 -16.28 -33.88 -19.90
C LEU C 149 -15.78 -33.33 -21.22
N SER C 150 -15.79 -32.02 -21.38
CA SER C 150 -15.30 -31.39 -22.59
C SER C 150 -13.79 -31.22 -22.44
N ASN C 151 -13.31 -31.01 -21.21
CA ASN C 151 -11.88 -30.81 -21.00
C ASN C 151 -11.08 -32.04 -20.58
N MET C 152 -11.55 -33.21 -20.98
CA MET C 152 -10.96 -34.47 -20.53
C MET C 152 -10.13 -35.14 -21.61
N SER C 153 -8.89 -35.45 -21.29
CA SER C 153 -8.00 -36.13 -22.22
C SER C 153 -7.72 -37.52 -21.67
N MET C 154 -7.84 -38.55 -22.50
CA MET C 154 -7.70 -39.92 -22.02
C MET C 154 -7.27 -40.79 -23.20
N ASP C 155 -5.98 -41.11 -23.28
CA ASP C 155 -5.47 -42.05 -24.28
C ASP C 155 -4.72 -43.18 -23.58
N PHE C 156 -5.20 -44.40 -23.79
CA PHE C 156 -4.63 -45.61 -23.21
C PHE C 156 -4.07 -46.47 -24.33
N GLN C 157 -2.84 -46.96 -24.16
CA GLN C 157 -2.24 -47.85 -25.15
C GLN C 157 -1.20 -48.72 -24.45
N ASN C 158 -1.53 -50.01 -24.28
CA ASN C 158 -0.63 -51.00 -23.68
C ASN C 158 -0.19 -51.97 -24.76
N HIS C 159 1.10 -51.95 -25.10
CA HIS C 159 1.63 -52.87 -26.10
C HIS C 159 1.84 -54.27 -25.53
N LEU C 160 2.21 -54.38 -24.25
CA LEU C 160 2.50 -55.69 -23.69
C LEU C 160 1.24 -56.55 -23.56
N GLY C 161 0.13 -55.94 -23.13
CA GLY C 161 -1.09 -56.70 -22.93
C GLY C 161 -0.97 -57.77 -21.88
N SER C 162 -0.14 -57.53 -20.85
CA SER C 162 0.18 -58.57 -19.89
C SER C 162 -0.95 -58.83 -18.90
N CYS C 163 -1.72 -57.82 -18.53
CA CYS C 163 -2.55 -57.93 -17.36
C CYS C 163 -3.82 -58.73 -17.63
N GLN C 164 -4.53 -59.02 -16.54
CA GLN C 164 -5.67 -59.94 -16.50
C GLN C 164 -6.95 -59.23 -16.97
N LYS C 165 -7.96 -60.03 -17.30
CA LYS C 165 -9.27 -59.50 -17.66
C LYS C 165 -10.02 -59.04 -16.43
N CYS C 166 -11.02 -58.19 -16.65
CA CYS C 166 -11.90 -57.75 -15.58
C CYS C 166 -12.92 -58.85 -15.26
N ASP C 167 -13.15 -59.07 -13.98
CA ASP C 167 -14.05 -60.11 -13.50
C ASP C 167 -15.41 -60.01 -14.19
N PRO C 168 -16.11 -61.14 -14.43
CA PRO C 168 -17.47 -61.03 -14.98
C PRO C 168 -18.41 -60.24 -14.10
N SER C 169 -18.24 -60.31 -12.78
CA SER C 169 -19.11 -59.56 -11.88
C SER C 169 -19.09 -58.07 -12.19
N CYS C 170 -17.96 -57.55 -12.62
CA CYS C 170 -17.84 -56.12 -12.86
C CYS C 170 -18.84 -55.69 -13.94
N PRO C 171 -19.41 -54.49 -13.82
CA PRO C 171 -20.43 -54.06 -14.80
C PRO C 171 -19.79 -53.50 -16.06
N ASN C 172 -20.29 -53.94 -17.21
CA ASN C 172 -19.79 -53.49 -18.51
C ASN C 172 -18.29 -53.70 -18.64
N GLY C 173 -17.77 -54.71 -17.96
CA GLY C 173 -16.35 -55.02 -18.02
C GLY C 173 -15.46 -53.92 -17.46
N SER C 174 -15.95 -53.16 -16.49
CA SER C 174 -15.22 -52.03 -15.92
C SER C 174 -14.65 -52.42 -14.57
N CYS C 175 -13.32 -52.28 -14.42
CA CYS C 175 -12.67 -52.57 -13.15
C CYS C 175 -11.29 -51.94 -13.18
N TRP C 176 -10.70 -51.75 -11.99
CA TRP C 176 -9.37 -51.17 -11.87
C TRP C 176 -8.28 -52.22 -11.66
N GLY C 177 -8.66 -53.46 -11.40
CA GLY C 177 -7.67 -54.48 -11.13
C GLY C 177 -8.28 -55.86 -11.19
N ALA C 178 -7.59 -56.82 -10.59
CA ALA C 178 -8.01 -58.21 -10.59
C ALA C 178 -8.97 -58.48 -9.43
N GLY C 179 -9.90 -59.40 -9.66
CA GLY C 179 -10.78 -59.88 -8.62
C GLY C 179 -12.12 -59.19 -8.61
N GLU C 180 -13.02 -59.74 -7.79
CA GLU C 180 -14.35 -59.17 -7.61
C GLU C 180 -14.32 -57.83 -6.90
N GLU C 181 -13.24 -57.53 -6.17
CA GLU C 181 -13.22 -56.36 -5.31
C GLU C 181 -12.91 -55.09 -6.07
N ASN C 182 -12.19 -55.19 -7.19
CA ASN C 182 -11.73 -54.01 -7.93
C ASN C 182 -12.65 -53.67 -9.09
N CYS C 183 -13.88 -54.18 -9.10
CA CYS C 183 -14.86 -53.75 -10.08
C CYS C 183 -15.19 -52.28 -9.89
N GLN C 184 -15.51 -51.59 -10.98
CA GLN C 184 -15.95 -50.21 -10.88
C GLN C 184 -17.33 -50.15 -10.26
N LYS C 185 -17.43 -49.53 -9.08
CA LYS C 185 -18.72 -49.29 -8.46
C LYS C 185 -19.38 -48.11 -9.16
N LEU C 186 -20.59 -48.32 -9.68
CA LEU C 186 -21.35 -47.30 -10.38
C LEU C 186 -22.43 -46.75 -9.47
N THR C 187 -22.44 -45.43 -9.28
CA THR C 187 -23.35 -44.79 -8.33
C THR C 187 -24.09 -43.61 -8.92
N LYS C 188 -24.04 -43.39 -10.24
CA LYS C 188 -24.69 -42.23 -10.83
C LYS C 188 -25.37 -42.55 -12.16
N ILE C 189 -24.63 -43.14 -13.10
CA ILE C 189 -25.18 -43.31 -14.45
C ILE C 189 -26.24 -44.40 -14.48
N ILE C 190 -26.19 -45.37 -13.56
CA ILE C 190 -27.16 -46.45 -13.52
C ILE C 190 -28.41 -46.10 -12.72
N CYS C 191 -28.44 -44.91 -12.11
CA CYS C 191 -29.48 -44.58 -11.15
C CYS C 191 -30.81 -44.28 -11.85
N ALA C 192 -31.90 -44.60 -11.16
CA ALA C 192 -33.20 -44.12 -11.58
C ALA C 192 -33.16 -42.60 -11.74
N GLN C 193 -33.71 -42.10 -12.84
CA GLN C 193 -33.62 -40.68 -13.12
C GLN C 193 -34.26 -39.85 -12.02
N GLN C 194 -35.21 -40.43 -11.28
CA GLN C 194 -35.80 -39.73 -10.16
C GLN C 194 -34.75 -39.21 -9.19
N CYS C 195 -33.64 -39.94 -9.04
CA CYS C 195 -32.54 -39.43 -8.23
C CYS C 195 -31.99 -38.15 -8.84
N SER C 196 -31.95 -37.09 -8.05
CA SER C 196 -31.23 -35.89 -8.47
C SER C 196 -29.74 -35.97 -8.15
N GLY C 197 -29.33 -36.98 -7.39
CA GLY C 197 -27.95 -37.12 -6.94
C GLY C 197 -27.41 -38.52 -7.17
N ARG C 198 -26.43 -38.88 -6.36
CA ARG C 198 -25.88 -40.23 -6.41
C ARG C 198 -26.87 -41.23 -5.82
N CYS C 199 -26.61 -42.51 -6.07
CA CYS C 199 -27.53 -43.55 -5.63
C CYS C 199 -26.76 -44.80 -5.24
N ARG C 200 -27.47 -45.74 -4.61
CA ARG C 200 -26.90 -47.03 -4.24
C ARG C 200 -27.11 -48.09 -5.30
N GLY C 201 -28.15 -47.98 -6.11
CA GLY C 201 -28.47 -49.06 -7.02
C GLY C 201 -29.51 -48.67 -8.05
N LYS C 202 -30.14 -49.70 -8.61
CA LYS C 202 -30.97 -49.53 -9.80
C LYS C 202 -32.28 -48.82 -9.52
N SER C 203 -32.84 -48.99 -8.33
CA SER C 203 -34.21 -48.56 -8.06
C SER C 203 -34.23 -47.15 -7.49
N PRO C 204 -35.43 -46.57 -7.35
CA PRO C 204 -35.51 -45.21 -6.80
C PRO C 204 -35.24 -45.14 -5.31
N SER C 205 -35.67 -46.14 -4.55
CA SER C 205 -35.38 -46.15 -3.12
C SER C 205 -33.90 -46.19 -2.83
N ASP C 206 -33.06 -46.47 -3.83
CA ASP C 206 -31.62 -46.50 -3.66
C ASP C 206 -30.97 -45.13 -3.75
N CYS C 207 -31.71 -44.09 -4.13
CA CYS C 207 -31.10 -42.78 -4.32
C CYS C 207 -30.39 -42.33 -3.05
N CYS C 208 -29.53 -41.33 -3.20
CA CYS C 208 -28.85 -40.70 -2.08
C CYS C 208 -29.34 -39.28 -1.89
N HIS C 209 -29.30 -38.81 -0.65
CA HIS C 209 -29.58 -37.42 -0.34
C HIS C 209 -28.75 -36.52 -1.26
N ASN C 210 -29.35 -35.38 -1.65
CA ASN C 210 -28.66 -34.49 -2.59
C ASN C 210 -27.33 -33.98 -2.03
N GLN C 211 -27.11 -34.10 -0.72
CA GLN C 211 -25.88 -33.65 -0.10
C GLN C 211 -24.77 -34.71 -0.11
N CYS C 212 -25.04 -35.90 -0.64
CA CYS C 212 -24.00 -36.90 -0.76
C CYS C 212 -23.08 -36.58 -1.94
N ALA C 213 -21.87 -37.15 -1.91
CA ALA C 213 -20.85 -36.80 -2.88
C ALA C 213 -20.42 -37.98 -3.75
N ALA C 214 -20.15 -39.14 -3.16
CA ALA C 214 -19.69 -40.30 -3.91
C ALA C 214 -20.71 -41.43 -3.97
N GLY C 215 -21.27 -41.78 -2.83
CA GLY C 215 -22.31 -42.78 -2.76
C GLY C 215 -23.02 -42.63 -1.44
N CYS C 216 -23.63 -43.72 -0.98
CA CYS C 216 -24.31 -43.66 0.30
C CYS C 216 -24.69 -45.08 0.72
N THR C 217 -24.97 -45.21 2.01
CA THR C 217 -25.43 -46.46 2.61
C THR C 217 -26.89 -46.40 3.02
N GLY C 218 -27.61 -45.36 2.60
CA GLY C 218 -28.99 -45.17 2.97
C GLY C 218 -29.56 -43.89 2.39
N PRO C 219 -30.85 -43.66 2.62
CA PRO C 219 -31.50 -42.49 2.01
C PRO C 219 -31.10 -41.18 2.66
N ARG C 220 -30.81 -41.19 3.96
CA ARG C 220 -30.61 -39.96 4.72
C ARG C 220 -29.28 -39.31 4.34
N GLU C 221 -29.18 -38.02 4.69
CA GLU C 221 -27.93 -37.30 4.48
C GLU C 221 -26.82 -37.82 5.40
N SER C 222 -27.18 -38.25 6.60
CA SER C 222 -26.19 -38.82 7.51
C SER C 222 -25.63 -40.13 6.96
N ASP C 223 -26.28 -40.72 5.95
CA ASP C 223 -25.84 -41.97 5.37
C ASP C 223 -24.87 -41.78 4.21
N CYS C 224 -24.45 -40.55 3.94
CA CYS C 224 -23.56 -40.30 2.82
C CYS C 224 -22.20 -40.97 3.05
N LEU C 225 -21.67 -41.58 2.00
CA LEU C 225 -20.28 -42.02 2.02
C LEU C 225 -19.37 -40.85 2.35
N VAL C 226 -19.61 -39.72 1.67
CA VAL C 226 -18.82 -38.50 1.85
C VAL C 226 -19.74 -37.34 1.51
N CYS C 227 -19.47 -36.19 2.12
CA CYS C 227 -20.32 -35.03 1.93
C CYS C 227 -19.87 -34.22 0.72
N ARG C 228 -20.85 -33.63 0.03
CA ARG C 228 -20.58 -32.85 -1.17
C ARG C 228 -20.11 -31.44 -0.85
N LYS C 229 -20.39 -30.93 0.34
CA LYS C 229 -19.94 -29.60 0.73
C LYS C 229 -19.25 -29.62 2.08
N PHE C 230 -20.02 -29.75 3.16
CA PHE C 230 -19.42 -29.80 4.50
C PHE C 230 -19.97 -30.99 5.27
N ARG C 231 -19.09 -31.63 6.06
CA ARG C 231 -19.51 -32.68 6.98
C ARG C 231 -19.42 -32.13 8.40
N ASP C 232 -20.55 -32.14 9.09
CA ASP C 232 -20.66 -31.74 10.49
C ASP C 232 -20.87 -33.04 11.28
N GLU C 233 -19.78 -33.59 11.79
CA GLU C 233 -19.82 -34.90 12.42
C GLU C 233 -20.45 -35.90 11.46
N ALA C 234 -21.64 -36.42 11.78
CA ALA C 234 -22.27 -37.40 10.92
C ALA C 234 -22.98 -36.78 9.72
N THR C 235 -23.42 -35.53 9.83
CA THR C 235 -24.37 -34.97 8.87
C THR C 235 -23.68 -34.28 7.72
N CYS C 236 -24.22 -34.44 6.51
CA CYS C 236 -23.77 -33.66 5.36
C CYS C 236 -24.60 -32.38 5.25
N LYS C 237 -23.94 -31.24 5.38
CA LYS C 237 -24.55 -29.93 5.39
C LYS C 237 -23.96 -29.07 4.28
N ASP C 238 -24.66 -27.96 4.02
CA ASP C 238 -24.21 -26.98 3.03
C ASP C 238 -23.13 -26.07 3.59
N THR C 239 -23.13 -25.84 4.89
CA THR C 239 -22.29 -24.83 5.51
C THR C 239 -22.25 -25.14 7.00
N CYS C 240 -21.15 -24.76 7.65
CA CYS C 240 -21.07 -25.03 9.07
C CYS C 240 -21.94 -24.05 9.85
N PRO C 241 -22.63 -24.49 10.88
CA PRO C 241 -23.47 -23.58 11.67
C PRO C 241 -22.64 -22.44 12.23
N PRO C 242 -23.06 -21.19 12.04
CA PRO C 242 -22.27 -20.06 12.54
C PRO C 242 -22.33 -19.95 14.05
N LEU C 243 -21.26 -19.38 14.62
CA LEU C 243 -21.12 -19.31 16.07
C LEU C 243 -22.14 -18.37 16.70
N MET C 244 -22.58 -17.36 15.95
CA MET C 244 -23.68 -16.49 16.35
C MET C 244 -24.74 -16.55 15.27
N LEU C 245 -25.92 -16.03 15.57
CA LEU C 245 -26.92 -15.89 14.51
C LEU C 245 -27.91 -14.79 14.88
N TYR C 246 -28.53 -14.26 13.84
CA TYR C 246 -29.40 -13.09 13.93
C TYR C 246 -30.79 -13.51 14.40
N ASN C 247 -31.25 -12.91 15.51
CA ASN C 247 -32.60 -13.13 15.98
C ASN C 247 -33.54 -12.18 15.24
N PRO C 248 -34.43 -12.67 14.37
CA PRO C 248 -35.19 -11.76 13.52
C PRO C 248 -36.32 -11.02 14.22
N THR C 249 -36.67 -11.39 15.46
CA THR C 249 -37.67 -10.67 16.23
C THR C 249 -37.07 -9.85 17.36
N THR C 250 -35.84 -10.15 17.78
CA THR C 250 -35.13 -9.32 18.73
C THR C 250 -34.23 -8.31 18.05
N TYR C 251 -33.85 -8.56 16.79
CA TYR C 251 -32.94 -7.69 16.04
C TYR C 251 -31.59 -7.58 16.73
N GLN C 252 -31.25 -8.54 17.56
CA GLN C 252 -29.92 -8.69 18.12
C GLN C 252 -29.37 -10.05 17.68
N MET C 253 -28.19 -10.39 18.16
CA MET C 253 -27.52 -11.62 17.74
C MET C 253 -27.26 -12.51 18.95
N ASP C 254 -27.70 -13.75 18.85
CA ASP C 254 -27.55 -14.72 19.93
C ASP C 254 -26.37 -15.63 19.66
N VAL C 255 -25.65 -16.00 20.73
CA VAL C 255 -24.66 -17.05 20.61
C VAL C 255 -25.36 -18.34 20.26
N ASN C 256 -24.79 -19.09 19.32
CA ASN C 256 -25.46 -20.29 18.87
C ASN C 256 -24.83 -21.50 19.53
N PRO C 257 -25.53 -22.22 20.40
CA PRO C 257 -25.04 -23.55 20.78
C PRO C 257 -25.01 -24.40 19.53
N GLU C 258 -24.02 -25.27 19.42
CA GLU C 258 -23.86 -26.12 18.25
C GLU C 258 -23.25 -25.33 17.09
N GLY C 259 -22.78 -24.11 17.34
CA GLY C 259 -22.02 -23.40 16.34
C GLY C 259 -20.62 -23.98 16.24
N LYS C 260 -20.12 -24.08 15.01
CA LYS C 260 -18.87 -24.78 14.77
C LYS C 260 -18.00 -24.01 13.80
N TYR C 261 -16.71 -24.34 13.83
CA TYR C 261 -15.68 -23.69 13.05
C TYR C 261 -15.44 -24.47 11.76
N SER C 262 -15.15 -23.73 10.68
CA SER C 262 -14.93 -24.31 9.36
C SER C 262 -13.47 -24.69 9.22
N PHE C 263 -13.20 -25.99 9.11
CA PHE C 263 -11.84 -26.51 8.94
C PHE C 263 -11.85 -27.49 7.78
N GLY C 264 -11.19 -27.10 6.68
CA GLY C 264 -11.26 -27.91 5.48
C GLY C 264 -12.70 -28.00 5.01
N ALA C 265 -13.14 -29.23 4.73
CA ALA C 265 -14.54 -29.51 4.43
C ALA C 265 -15.25 -30.13 5.63
N THR C 266 -14.92 -29.68 6.83
CA THR C 266 -15.50 -30.23 8.04
C THR C 266 -15.83 -29.09 9.01
N CYS C 267 -16.67 -29.43 10.00
CA CYS C 267 -17.09 -28.49 11.04
C CYS C 267 -16.62 -29.04 12.38
N VAL C 268 -15.82 -28.25 13.09
CA VAL C 268 -15.19 -28.70 14.34
C VAL C 268 -15.54 -27.74 15.46
N LYS C 269 -15.71 -28.28 16.66
CA LYS C 269 -15.99 -27.43 17.82
C LYS C 269 -14.75 -26.66 18.25
N LYS C 270 -13.56 -27.13 17.92
CA LYS C 270 -12.32 -26.47 18.32
C LYS C 270 -11.32 -26.47 17.17
N CYS C 271 -10.59 -25.36 17.05
CA CYS C 271 -9.60 -25.19 16.00
C CYS C 271 -8.35 -26.01 16.33
N PRO C 272 -7.87 -26.86 15.42
CA PRO C 272 -6.70 -27.70 15.75
C PRO C 272 -5.44 -26.88 15.93
N ARG C 273 -4.48 -27.47 16.64
CA ARG C 273 -3.18 -26.85 16.83
C ARG C 273 -2.56 -26.46 15.50
N ASN C 274 -1.77 -25.38 15.53
CA ASN C 274 -1.15 -24.80 14.34
C ASN C 274 -2.19 -24.10 13.46
N TYR C 275 -3.47 -24.20 13.81
CA TYR C 275 -4.55 -23.50 13.14
C TYR C 275 -5.18 -22.52 14.11
N VAL C 276 -5.58 -21.36 13.59
CA VAL C 276 -6.02 -20.25 14.42
C VAL C 276 -7.42 -19.82 14.02
N VAL C 277 -8.23 -19.47 15.03
CA VAL C 277 -9.60 -18.99 14.89
C VAL C 277 -9.66 -17.82 13.92
N THR C 278 -10.85 -17.53 13.39
CA THR C 278 -11.06 -16.42 12.48
C THR C 278 -12.43 -15.80 12.74
N ASP C 279 -12.60 -14.57 12.26
CA ASP C 279 -13.87 -13.85 12.39
C ASP C 279 -15.04 -14.70 11.90
N HIS C 280 -15.00 -15.14 10.65
CA HIS C 280 -16.08 -15.93 10.07
C HIS C 280 -16.05 -17.39 10.52
N GLY C 281 -15.47 -17.68 11.68
CA GLY C 281 -15.41 -19.02 12.21
C GLY C 281 -14.48 -19.95 11.47
N SER C 282 -13.91 -19.53 10.33
CA SER C 282 -13.01 -20.41 9.60
C SER C 282 -11.81 -20.77 10.47
N CYS C 283 -11.45 -22.05 10.46
CA CYS C 283 -10.22 -22.49 11.09
C CYS C 283 -9.10 -22.39 10.06
N VAL C 284 -8.05 -21.65 10.40
CA VAL C 284 -7.00 -21.34 9.44
C VAL C 284 -5.63 -21.63 10.05
N ARG C 285 -4.77 -22.26 9.25
CA ARG C 285 -3.40 -22.51 9.67
C ARG C 285 -2.62 -21.23 9.87
N ALA C 286 -2.79 -20.28 8.95
CA ALA C 286 -2.05 -19.03 8.98
C ALA C 286 -3.03 -17.87 8.80
N CYS C 287 -2.60 -16.68 9.22
CA CYS C 287 -3.45 -15.50 9.15
C CYS C 287 -3.29 -14.88 7.77
N GLY C 288 -4.05 -15.42 6.81
CA GLY C 288 -3.95 -14.96 5.44
C GLY C 288 -4.39 -13.51 5.29
N ALA C 289 -5.51 -13.14 5.89
CA ALA C 289 -5.99 -11.78 5.82
C ALA C 289 -5.04 -10.85 6.57
N ASP C 290 -5.42 -9.56 6.66
CA ASP C 290 -4.68 -8.63 7.49
C ASP C 290 -4.59 -9.10 8.94
N SER C 291 -5.37 -10.10 9.33
CA SER C 291 -5.40 -10.59 10.69
C SER C 291 -4.01 -10.99 11.16
N TYR C 292 -3.79 -10.85 12.47
CA TYR C 292 -2.54 -11.18 13.13
C TYR C 292 -2.81 -12.27 14.16
N GLU C 293 -2.00 -13.32 14.15
CA GLU C 293 -2.18 -14.42 15.08
C GLU C 293 -1.85 -13.96 16.50
N MET C 294 -2.79 -14.19 17.41
CA MET C 294 -2.61 -13.82 18.81
C MET C 294 -3.36 -14.81 19.68
N GLU C 295 -2.84 -15.04 20.88
CA GLU C 295 -3.44 -15.99 21.82
C GLU C 295 -4.32 -15.23 22.81
N GLU C 296 -5.63 -15.46 22.71
CA GLU C 296 -6.62 -14.87 23.61
C GLU C 296 -7.32 -15.98 24.36
N ASP C 297 -7.34 -15.88 25.69
CA ASP C 297 -8.06 -16.83 26.52
C ASP C 297 -7.69 -18.27 26.17
N GLY C 298 -6.42 -18.48 25.86
CA GLY C 298 -5.89 -19.81 25.67
C GLY C 298 -5.98 -20.38 24.26
N VAL C 299 -6.28 -19.56 23.26
CA VAL C 299 -6.35 -20.04 21.89
C VAL C 299 -5.83 -18.95 20.96
N ARG C 300 -5.12 -19.36 19.91
CA ARG C 300 -4.75 -18.42 18.86
C ARG C 300 -6.01 -17.78 18.29
N LYS C 301 -5.91 -16.49 17.95
CA LYS C 301 -7.09 -15.70 17.60
C LYS C 301 -7.08 -15.08 16.21
N CYS C 302 -5.90 -14.80 15.63
CA CYS C 302 -5.84 -14.20 14.29
C CYS C 302 -6.60 -12.87 14.26
N LYS C 303 -6.11 -11.93 15.05
CA LYS C 303 -6.81 -10.66 15.23
C LYS C 303 -6.30 -9.60 14.26
N LYS C 304 -7.15 -8.61 13.99
CA LYS C 304 -6.84 -7.58 13.01
C LYS C 304 -5.55 -6.87 13.39
N CYS C 305 -4.82 -6.39 12.37
CA CYS C 305 -3.52 -5.81 12.61
C CYS C 305 -3.63 -4.47 13.30
N GLU C 306 -2.77 -4.26 14.30
CA GLU C 306 -2.66 -3.04 15.08
C GLU C 306 -1.89 -3.40 16.35
N GLY C 307 -1.83 -2.49 17.31
CA GLY C 307 -1.02 -2.71 18.48
C GLY C 307 0.40 -3.05 18.11
N PRO C 308 0.81 -4.31 18.31
CA PRO C 308 2.20 -4.67 17.97
C PRO C 308 2.50 -4.75 16.48
N CYS C 309 1.54 -5.09 15.63
CA CYS C 309 1.81 -5.21 14.19
C CYS C 309 1.25 -3.99 13.46
N ARG C 310 2.14 -3.28 12.77
CA ARG C 310 1.74 -2.11 11.99
C ARG C 310 1.15 -2.53 10.64
N LYS C 311 1.81 -3.46 9.95
CA LYS C 311 1.33 -3.94 8.66
C LYS C 311 1.67 -5.42 8.51
N VAL C 312 0.96 -6.07 7.59
CA VAL C 312 1.21 -7.45 7.23
C VAL C 312 1.33 -7.52 5.71
N CYS C 313 2.20 -8.40 5.22
CA CYS C 313 2.47 -8.48 3.79
C CYS C 313 2.64 -9.93 3.38
N ASN C 314 2.63 -10.13 2.06
CA ASN C 314 2.72 -11.48 1.49
C ASN C 314 4.17 -11.94 1.42
N GLY C 315 4.36 -13.26 1.48
CA GLY C 315 5.66 -13.86 1.31
C GLY C 315 5.88 -14.32 -0.12
N ILE C 316 7.13 -14.73 -0.39
CA ILE C 316 7.47 -15.21 -1.72
C ILE C 316 6.69 -16.48 -2.01
N GLY C 317 6.04 -16.52 -3.17
CA GLY C 317 5.24 -17.66 -3.56
C GLY C 317 3.76 -17.53 -3.29
N ILE C 318 3.26 -16.34 -2.97
CA ILE C 318 1.84 -16.13 -2.73
C ILE C 318 1.44 -14.76 -3.26
N GLY C 319 0.30 -14.71 -3.95
CA GLY C 319 -0.30 -13.46 -4.37
C GLY C 319 0.64 -12.51 -5.09
N GLU C 320 0.90 -11.36 -4.45
CA GLU C 320 1.72 -10.32 -5.06
C GLU C 320 3.05 -10.87 -5.59
N PHE C 321 3.52 -11.98 -5.00
CA PHE C 321 4.77 -12.61 -5.41
C PHE C 321 4.56 -14.10 -5.65
N LYS C 322 3.45 -14.44 -6.29
CA LYS C 322 3.08 -15.84 -6.46
C LYS C 322 4.10 -16.60 -7.30
N ASP C 323 4.72 -15.94 -8.26
CA ASP C 323 5.68 -16.65 -9.10
C ASP C 323 7.11 -16.19 -9.01
N SER C 324 7.42 -15.49 -7.92
CA SER C 324 8.78 -15.04 -7.67
C SER C 324 9.58 -16.15 -6.99
N LEU C 325 10.82 -16.33 -7.44
CA LEU C 325 11.70 -17.33 -6.84
C LEU C 325 12.30 -16.84 -5.53
N SER C 326 12.57 -15.55 -5.42
CA SER C 326 13.28 -15.00 -4.29
C SER C 326 12.93 -13.53 -4.14
N ILE C 327 13.25 -12.97 -2.97
CA ILE C 327 13.03 -11.57 -2.70
C ILE C 327 14.02 -10.83 -3.58
N ASN C 328 13.58 -10.39 -4.75
CA ASN C 328 14.48 -9.69 -5.65
C ASN C 328 14.41 -8.18 -5.58
N ALA C 329 15.11 -7.52 -6.50
CA ALA C 329 15.17 -6.07 -6.54
C ALA C 329 13.82 -5.46 -6.86
N THR C 330 13.08 -6.08 -7.77
CA THR C 330 11.78 -5.55 -8.16
C THR C 330 10.80 -5.57 -7.00
N ASN C 331 10.69 -6.70 -6.30
CA ASN C 331 9.64 -6.90 -5.32
C ASN C 331 10.02 -6.44 -3.91
N ILE C 332 11.30 -6.16 -3.65
CA ILE C 332 11.73 -5.88 -2.28
C ILE C 332 11.12 -4.58 -1.77
N LYS C 333 10.78 -3.66 -2.67
CA LYS C 333 10.16 -2.41 -2.24
C LYS C 333 8.77 -2.66 -1.65
N HIS C 334 8.09 -3.71 -2.12
CA HIS C 334 6.75 -4.01 -1.63
C HIS C 334 6.77 -4.31 -0.13
N PHE C 335 7.89 -4.84 0.38
CA PHE C 335 7.97 -5.30 1.75
C PHE C 335 8.24 -4.18 2.75
N LYS C 336 8.23 -2.91 2.32
CA LYS C 336 8.52 -1.81 3.23
C LYS C 336 7.42 -1.69 4.29
N ASN C 337 7.85 -1.48 5.54
CA ASN C 337 7.00 -1.35 6.73
C ASN C 337 6.35 -2.64 7.14
N CYS C 338 6.60 -3.74 6.43
CA CYS C 338 6.00 -5.01 6.79
C CYS C 338 6.55 -5.49 8.12
N THR C 339 5.66 -5.83 9.04
CA THR C 339 6.03 -6.38 10.34
C THR C 339 5.72 -7.86 10.46
N SER C 340 4.85 -8.39 9.61
CA SER C 340 4.46 -9.80 9.64
C SER C 340 4.39 -10.30 8.21
N ILE C 341 5.12 -11.37 7.92
CA ILE C 341 5.13 -11.98 6.60
C ILE C 341 4.18 -13.17 6.62
N SER C 342 3.11 -13.09 5.83
CA SER C 342 2.16 -14.18 5.70
C SER C 342 2.67 -15.10 4.60
N GLY C 343 3.56 -16.02 4.96
CA GLY C 343 4.16 -16.92 4.01
C GLY C 343 5.64 -17.08 4.28
N ASP C 344 6.35 -17.49 3.24
CA ASP C 344 7.78 -17.79 3.33
C ASP C 344 8.61 -16.64 2.78
N LEU C 345 9.89 -16.62 3.16
CA LEU C 345 10.87 -15.71 2.58
C LEU C 345 12.02 -16.53 2.03
N HIS C 346 12.25 -16.43 0.72
CA HIS C 346 13.40 -17.04 0.07
C HIS C 346 14.35 -15.94 -0.37
N ILE C 347 15.64 -16.12 -0.10
CA ILE C 347 16.68 -15.21 -0.56
C ILE C 347 17.74 -16.05 -1.24
N LEU C 348 17.76 -16.02 -2.57
CA LEU C 348 18.58 -16.91 -3.38
C LEU C 348 19.62 -16.14 -4.18
N PRO C 349 20.64 -16.83 -4.71
CA PRO C 349 21.67 -16.14 -5.50
C PRO C 349 21.14 -15.29 -6.65
N VAL C 350 20.05 -15.71 -7.30
CA VAL C 350 19.47 -14.92 -8.38
C VAL C 350 19.26 -13.48 -7.94
N ALA C 351 18.80 -13.29 -6.71
CA ALA C 351 18.50 -11.94 -6.22
C ALA C 351 19.66 -11.00 -6.47
N PHE C 352 20.89 -11.48 -6.27
CA PHE C 352 22.07 -10.64 -6.42
C PHE C 352 22.73 -10.74 -7.78
N ARG C 353 22.52 -11.85 -8.52
CA ARG C 353 23.07 -11.94 -9.86
C ARG C 353 22.21 -11.21 -10.89
N GLY C 354 20.90 -11.14 -10.65
CA GLY C 354 19.98 -10.65 -11.65
C GLY C 354 19.39 -11.77 -12.48
N ASP C 355 18.27 -11.48 -13.14
CA ASP C 355 17.57 -12.47 -13.94
C ASP C 355 16.93 -11.73 -15.12
N SER C 356 17.58 -11.81 -16.28
CA SER C 356 17.06 -11.16 -17.48
C SER C 356 15.80 -11.84 -17.99
N PHE C 357 15.66 -13.15 -17.75
CA PHE C 357 14.47 -13.86 -18.18
C PHE C 357 13.21 -13.26 -17.58
N THR C 358 13.32 -12.66 -16.40
CA THR C 358 12.20 -12.00 -15.73
C THR C 358 12.38 -10.48 -15.70
N HIS C 359 13.35 -9.95 -16.43
CA HIS C 359 13.62 -8.52 -16.45
C HIS C 359 13.88 -8.00 -15.04
N THR C 360 14.53 -8.82 -14.22
CA THR C 360 14.83 -8.48 -12.85
C THR C 360 16.30 -8.05 -12.76
N PRO C 361 16.62 -6.80 -12.45
CA PRO C 361 18.01 -6.42 -12.25
C PRO C 361 18.55 -7.01 -10.96
N PRO C 362 19.87 -7.10 -10.81
CA PRO C 362 20.42 -7.59 -9.54
C PRO C 362 20.04 -6.69 -8.38
N LEU C 363 20.09 -7.26 -7.18
CA LEU C 363 19.59 -6.61 -5.99
C LEU C 363 20.68 -5.76 -5.34
N ASP C 364 20.34 -4.52 -5.04
CA ASP C 364 21.24 -3.66 -4.27
C ASP C 364 21.24 -4.12 -2.82
N PRO C 365 22.36 -4.60 -2.27
CA PRO C 365 22.34 -5.11 -0.88
C PRO C 365 21.72 -4.17 0.14
N GLN C 366 21.94 -2.86 -0.01
CA GLN C 366 21.38 -1.91 0.96
C GLN C 366 19.89 -2.17 1.18
N GLU C 367 19.16 -2.46 0.11
CA GLU C 367 17.71 -2.59 0.21
C GLU C 367 17.28 -3.68 1.18
N LEU C 368 18.17 -4.63 1.51
CA LEU C 368 17.78 -5.64 2.48
C LEU C 368 17.35 -5.03 3.80
N ASP C 369 17.83 -3.83 4.14
CA ASP C 369 17.41 -3.23 5.40
C ASP C 369 15.92 -2.94 5.44
N ILE C 370 15.23 -2.95 4.30
CA ILE C 370 13.78 -2.88 4.32
C ILE C 370 13.20 -3.89 5.29
N LEU C 371 13.86 -5.02 5.45
CA LEU C 371 13.35 -6.11 6.27
C LEU C 371 13.58 -5.91 7.76
N LYS C 372 14.21 -4.80 8.17
CA LYS C 372 14.44 -4.58 9.59
C LYS C 372 13.14 -4.47 10.38
N THR C 373 12.03 -4.14 9.72
CA THR C 373 10.74 -4.03 10.40
C THR C 373 10.05 -5.37 10.59
N VAL C 374 10.52 -6.42 9.92
CA VAL C 374 9.88 -7.73 10.02
C VAL C 374 10.09 -8.28 11.42
N LYS C 375 8.99 -8.62 12.10
CA LYS C 375 9.04 -9.28 13.40
C LYS C 375 8.48 -10.68 13.38
N GLU C 376 7.70 -11.04 12.36
CA GLU C 376 7.01 -12.32 12.32
C GLU C 376 7.10 -12.92 10.93
N ILE C 377 7.25 -14.25 10.88
CA ILE C 377 7.18 -15.01 9.64
C ILE C 377 6.36 -16.25 9.93
N THR C 378 5.21 -16.38 9.25
CA THR C 378 4.35 -17.53 9.50
C THR C 378 4.92 -18.80 8.87
N GLY C 379 5.61 -18.67 7.74
CA GLY C 379 6.21 -19.81 7.09
C GLY C 379 7.63 -20.07 7.55
N PHE C 380 8.56 -20.19 6.61
CA PHE C 380 9.95 -20.44 6.91
C PHE C 380 10.82 -19.33 6.35
N LEU C 381 12.04 -19.24 6.87
CA LEU C 381 13.05 -18.29 6.43
C LEU C 381 14.19 -19.08 5.81
N LEU C 382 14.38 -18.91 4.49
CA LEU C 382 15.45 -19.59 3.77
C LEU C 382 16.39 -18.55 3.19
N ILE C 383 17.63 -18.54 3.69
CA ILE C 383 18.68 -17.65 3.22
C ILE C 383 19.79 -18.52 2.64
N GLN C 384 19.93 -18.48 1.33
CA GLN C 384 20.90 -19.27 0.59
C GLN C 384 21.96 -18.39 -0.08
N ALA C 385 21.87 -17.08 0.08
CA ALA C 385 22.79 -16.15 -0.54
C ALA C 385 22.72 -14.84 0.24
N TRP C 386 23.89 -14.21 0.45
CA TRP C 386 23.98 -13.02 1.26
C TRP C 386 25.20 -12.23 0.82
N PRO C 387 25.11 -10.90 0.73
CA PRO C 387 26.27 -10.12 0.28
C PRO C 387 27.50 -10.39 1.12
N GLU C 388 28.65 -10.43 0.46
CA GLU C 388 29.90 -10.78 1.14
C GLU C 388 30.28 -9.75 2.21
N ASN C 389 29.99 -8.47 1.96
CA ASN C 389 30.42 -7.43 2.89
C ASN C 389 29.80 -7.63 4.27
N ARG C 390 28.54 -8.02 4.34
CA ARG C 390 27.84 -8.12 5.61
C ARG C 390 28.41 -9.26 6.45
N THR C 391 28.61 -8.99 7.74
CA THR C 391 29.12 -9.99 8.67
C THR C 391 28.02 -10.80 9.33
N ASP C 392 26.77 -10.35 9.28
CA ASP C 392 25.68 -11.03 9.96
C ASP C 392 24.38 -10.74 9.24
N LEU C 393 23.29 -11.33 9.77
CA LEU C 393 21.95 -11.10 9.24
C LEU C 393 21.31 -9.90 9.93
N HIS C 394 22.00 -8.77 9.84
CA HIS C 394 21.52 -7.53 10.45
C HIS C 394 20.09 -7.22 10.02
N ALA C 395 19.74 -7.55 8.77
CA ALA C 395 18.42 -7.23 8.25
C ALA C 395 17.32 -7.87 9.09
N PHE C 396 17.60 -8.97 9.77
CA PHE C 396 16.63 -9.67 10.60
C PHE C 396 16.96 -9.53 12.09
N GLU C 397 17.55 -8.42 12.49
CA GLU C 397 17.87 -8.18 13.90
C GLU C 397 16.62 -8.02 14.76
N ASN C 398 15.46 -7.80 14.16
CA ASN C 398 14.22 -7.61 14.90
C ASN C 398 13.23 -8.76 14.67
N LEU C 399 13.66 -9.84 14.03
CA LEU C 399 12.80 -11.00 13.86
C LEU C 399 12.60 -11.70 15.20
N GLU C 400 11.36 -11.92 15.58
CA GLU C 400 11.01 -12.51 16.87
C GLU C 400 10.41 -13.90 16.76
N ILE C 401 9.58 -14.16 15.75
CA ILE C 401 8.87 -15.42 15.63
C ILE C 401 9.08 -16.00 14.25
N ILE C 402 9.32 -17.31 14.20
CA ILE C 402 9.25 -18.10 12.97
C ILE C 402 8.26 -19.21 13.25
N ARG C 403 7.01 -19.04 12.79
CA ARG C 403 5.97 -19.98 13.18
C ARG C 403 6.07 -21.31 12.47
N GLY C 404 6.65 -21.34 11.27
CA GLY C 404 6.84 -22.60 10.58
C GLY C 404 5.56 -23.26 10.11
N ARG C 405 4.49 -22.48 9.90
CA ARG C 405 3.28 -23.04 9.30
C ARG C 405 3.61 -23.71 7.96
N THR C 406 4.50 -23.10 7.20
CA THR C 406 5.00 -23.62 5.94
C THR C 406 6.48 -23.90 6.10
N LYS C 407 6.94 -25.01 5.53
CA LYS C 407 8.30 -25.47 5.73
C LYS C 407 8.90 -25.88 4.40
N GLN C 408 10.18 -25.56 4.21
CA GLN C 408 10.89 -25.94 3.00
C GLN C 408 10.96 -27.45 2.92
N HIS C 409 10.46 -28.02 1.82
CA HIS C 409 10.37 -29.46 1.65
C HIS C 409 9.49 -30.07 2.73
N GLY C 410 8.65 -29.26 3.36
CA GLY C 410 7.80 -29.69 4.44
C GLY C 410 8.51 -29.98 5.75
N GLN C 411 9.78 -29.59 5.87
CA GLN C 411 10.57 -29.94 7.05
C GLN C 411 11.18 -28.73 7.74
N PHE C 412 11.97 -27.92 7.04
CA PHE C 412 12.75 -26.86 7.69
C PHE C 412 11.95 -25.57 7.81
N SER C 413 12.12 -24.89 8.94
CA SER C 413 11.54 -23.58 9.17
C SER C 413 12.56 -22.45 9.17
N LEU C 414 13.81 -22.75 9.52
CA LEU C 414 14.91 -21.79 9.40
C LEU C 414 16.07 -22.48 8.71
N ALA C 415 16.64 -21.81 7.70
CA ALA C 415 17.71 -22.40 6.90
C ALA C 415 18.70 -21.31 6.52
N VAL C 416 19.89 -21.35 7.11
CA VAL C 416 20.98 -20.43 6.78
C VAL C 416 22.07 -21.27 6.14
N VAL C 417 22.22 -21.17 4.82
CA VAL C 417 23.09 -22.09 4.10
C VAL C 417 24.06 -21.32 3.22
N SER C 418 25.34 -21.70 3.30
CA SER C 418 26.36 -21.30 2.31
C SER C 418 26.52 -19.78 2.25
N LEU C 419 26.80 -19.17 3.39
CA LEU C 419 26.92 -17.72 3.47
C LEU C 419 28.25 -17.30 4.07
N ASN C 420 28.65 -16.08 3.70
CA ASN C 420 29.92 -15.48 4.10
C ASN C 420 29.91 -14.97 5.54
N ILE C 421 28.74 -14.87 6.16
CA ILE C 421 28.60 -14.12 7.42
C ILE C 421 29.37 -14.79 8.54
N THR C 422 29.90 -13.95 9.44
CA THR C 422 30.61 -14.42 10.63
C THR C 422 29.65 -14.91 11.71
N SER C 423 28.53 -14.21 11.88
CA SER C 423 27.57 -14.50 12.94
C SER C 423 26.17 -14.40 12.37
N LEU C 424 25.24 -15.08 13.04
CA LEU C 424 23.84 -15.00 12.62
C LEU C 424 23.26 -13.62 12.92
N GLY C 425 23.35 -13.19 14.18
CA GLY C 425 22.85 -11.89 14.56
C GLY C 425 21.34 -11.81 14.69
N LEU C 426 20.69 -12.93 14.97
CA LEU C 426 19.24 -12.95 15.19
C LEU C 426 18.93 -12.76 16.67
N ARG C 427 19.33 -11.59 17.18
CA ARG C 427 19.27 -11.29 18.59
C ARG C 427 17.85 -10.98 19.10
N SER C 428 16.85 -11.01 18.22
CA SER C 428 15.47 -10.88 18.63
C SER C 428 14.69 -12.18 18.52
N LEU C 429 15.25 -13.19 17.85
CA LEU C 429 14.59 -14.47 17.68
C LEU C 429 14.35 -15.14 19.03
N LYS C 430 13.08 -15.28 19.41
CA LYS C 430 12.72 -15.88 20.68
C LYS C 430 11.83 -17.11 20.56
N GLU C 431 11.37 -17.45 19.36
CA GLU C 431 10.44 -18.57 19.20
C GLU C 431 10.51 -19.11 17.78
N ILE C 432 10.72 -20.41 17.65
CA ILE C 432 10.55 -21.14 16.40
C ILE C 432 9.49 -22.20 16.68
N SER C 433 8.24 -21.89 16.34
CA SER C 433 7.11 -22.70 16.80
C SER C 433 7.20 -24.13 16.27
N ASP C 434 7.57 -24.31 15.01
CA ASP C 434 7.61 -25.63 14.41
C ASP C 434 8.66 -25.65 13.31
N GLY C 435 9.10 -26.86 12.97
CA GLY C 435 10.07 -27.06 11.91
C GLY C 435 11.48 -27.19 12.44
N ASP C 436 12.33 -27.80 11.62
CA ASP C 436 13.73 -27.99 11.98
C ASP C 436 14.56 -26.77 11.59
N VAL C 437 15.81 -26.78 12.03
CA VAL C 437 16.77 -25.70 11.77
C VAL C 437 17.98 -26.32 11.12
N ILE C 438 18.40 -25.77 9.98
CA ILE C 438 19.62 -26.20 9.30
C ILE C 438 20.52 -24.99 9.13
N ILE C 439 21.78 -25.14 9.53
CA ILE C 439 22.79 -24.11 9.39
C ILE C 439 24.09 -24.82 9.01
N SER C 440 24.47 -24.70 7.74
CA SER C 440 25.61 -25.44 7.21
C SER C 440 26.20 -24.70 6.02
N GLY C 441 27.47 -24.96 5.76
CA GLY C 441 28.18 -24.36 4.65
C GLY C 441 28.70 -22.97 4.89
N ASN C 442 28.53 -22.43 6.10
CA ASN C 442 28.98 -21.08 6.43
C ASN C 442 30.39 -21.18 7.00
N LYS C 443 31.39 -21.10 6.12
CA LYS C 443 32.77 -21.39 6.47
C LYS C 443 33.40 -20.35 7.39
N ASN C 444 32.71 -19.24 7.67
CA ASN C 444 33.20 -18.25 8.63
C ASN C 444 32.30 -18.08 9.83
N LEU C 445 31.26 -18.91 9.94
CA LEU C 445 30.19 -18.68 10.91
C LEU C 445 30.55 -19.29 12.26
N CYS C 446 30.42 -18.50 13.31
CA CYS C 446 30.62 -18.94 14.69
C CYS C 446 29.31 -18.79 15.48
N TYR C 447 29.40 -19.08 16.77
CA TYR C 447 28.33 -18.80 17.73
C TYR C 447 27.09 -19.65 17.54
N ALA C 448 26.96 -20.34 16.39
CA ALA C 448 25.71 -21.02 16.11
C ALA C 448 25.48 -22.19 17.06
N ASN C 449 26.54 -22.84 17.52
CA ASN C 449 26.40 -24.00 18.38
C ASN C 449 26.25 -23.62 19.85
N THR C 450 26.37 -22.34 20.19
CA THR C 450 26.14 -21.90 21.56
C THR C 450 24.66 -21.80 21.92
N ILE C 451 23.80 -21.60 20.92
CA ILE C 451 22.40 -21.33 21.19
C ILE C 451 21.74 -22.55 21.82
N ASN C 452 20.92 -22.30 22.84
CA ASN C 452 20.10 -23.33 23.47
C ASN C 452 18.79 -23.40 22.69
N TRP C 453 18.79 -24.22 21.64
CA TRP C 453 17.66 -24.25 20.71
C TRP C 453 16.40 -24.81 21.35
N LYS C 454 16.52 -25.60 22.42
CA LYS C 454 15.34 -26.13 23.09
C LYS C 454 14.44 -25.02 23.62
N LYS C 455 15.04 -23.87 23.99
CA LYS C 455 14.25 -22.77 24.54
C LYS C 455 13.43 -22.07 23.47
N LEU C 456 13.81 -22.19 22.19
CA LEU C 456 13.11 -21.53 21.11
C LEU C 456 12.10 -22.42 20.42
N PHE C 457 12.26 -23.74 20.51
CA PHE C 457 11.33 -24.67 19.88
C PHE C 457 9.98 -24.63 20.57
N GLY C 458 8.98 -25.19 19.90
CA GLY C 458 7.62 -25.20 20.40
C GLY C 458 6.94 -26.55 20.35
N THR C 459 7.38 -27.41 19.43
CA THR C 459 6.77 -28.73 19.25
C THR C 459 7.75 -29.81 19.68
N SER C 460 7.29 -31.06 19.60
CA SER C 460 8.00 -32.17 20.23
C SER C 460 9.34 -32.43 19.55
N GLY C 461 9.32 -32.84 18.28
CA GLY C 461 10.51 -33.37 17.64
C GLY C 461 11.22 -32.41 16.71
N GLN C 462 11.43 -31.17 17.15
CA GLN C 462 12.22 -30.21 16.37
C GLN C 462 13.69 -30.47 16.62
N LYS C 463 14.42 -30.82 15.57
CA LYS C 463 15.84 -31.14 15.66
C LYS C 463 16.66 -30.07 14.94
N THR C 464 17.97 -30.25 14.95
CA THR C 464 18.91 -29.22 14.53
C THR C 464 20.06 -29.86 13.76
N LYS C 465 20.34 -29.30 12.58
CA LYS C 465 21.41 -29.76 11.70
C LYS C 465 22.36 -28.58 11.48
N ILE C 466 23.31 -28.42 12.40
CA ILE C 466 24.31 -27.36 12.34
C ILE C 466 25.65 -28.04 12.10
N ILE C 467 26.23 -27.86 10.91
CA ILE C 467 27.43 -28.58 10.53
C ILE C 467 28.21 -27.80 9.49
N SER C 468 29.47 -28.19 9.31
CA SER C 468 30.30 -27.69 8.21
C SER C 468 30.37 -26.17 8.19
N ASN C 469 30.32 -25.55 9.36
CA ASN C 469 30.55 -24.12 9.50
C ASN C 469 32.01 -23.88 9.86
N ARG C 470 32.36 -22.61 10.10
CA ARG C 470 33.70 -22.33 10.57
C ARG C 470 33.99 -23.10 11.85
N GLY C 471 35.27 -23.34 12.11
CA GLY C 471 35.66 -24.07 13.29
C GLY C 471 35.45 -23.25 14.54
N GLU C 472 34.62 -23.74 15.47
CA GLU C 472 34.47 -23.05 16.74
C GLU C 472 35.81 -22.89 17.45
N ASN C 473 36.72 -23.84 17.29
CA ASN C 473 38.04 -23.73 17.90
C ASN C 473 38.94 -22.85 17.06
N SER C 474 38.92 -23.04 15.74
CA SER C 474 39.42 -22.02 14.84
C SER C 474 38.86 -20.65 15.20
N CYS C 475 37.59 -20.61 15.58
CA CYS C 475 36.96 -19.35 15.94
C CYS C 475 37.49 -18.83 17.28
N LYS C 476 37.75 -19.75 18.22
CA LYS C 476 38.32 -19.35 19.50
C LYS C 476 39.68 -18.71 19.30
N ALA C 477 40.46 -19.22 18.34
CA ALA C 477 41.78 -18.64 18.08
C ALA C 477 41.68 -17.18 17.68
N THR C 478 40.63 -16.80 16.96
CA THR C 478 40.46 -15.43 16.51
C THR C 478 39.72 -14.57 17.53
N GLY C 479 39.28 -15.14 18.65
CA GLY C 479 38.72 -14.35 19.73
C GLY C 479 37.21 -14.21 19.75
N GLN C 480 36.48 -15.15 19.14
CA GLN C 480 35.03 -15.04 19.00
C GLN C 480 34.34 -16.19 19.74
N VAL C 481 33.74 -15.89 20.89
CA VAL C 481 32.99 -16.86 21.68
C VAL C 481 32.02 -16.07 22.55
N CYS C 482 31.03 -16.76 23.12
CA CYS C 482 30.09 -16.12 24.04
C CYS C 482 30.82 -15.33 25.11
N HIS C 483 30.27 -14.16 25.43
CA HIS C 483 30.84 -13.30 26.46
C HIS C 483 30.58 -13.89 27.85
N ALA C 484 31.43 -13.49 28.80
CA ALA C 484 31.35 -14.04 30.15
C ALA C 484 30.00 -13.74 30.80
N LEU C 485 29.53 -12.50 30.73
CA LEU C 485 28.26 -12.16 31.36
C LEU C 485 27.09 -12.94 30.74
N CYS C 486 27.27 -13.56 29.58
CA CYS C 486 26.22 -14.39 29.02
C CYS C 486 25.92 -15.54 29.99
N SER C 487 24.68 -15.60 30.44
CA SER C 487 24.22 -16.61 31.38
C SER C 487 24.24 -17.97 30.69
N PRO C 488 23.64 -19.02 31.27
CA PRO C 488 23.63 -20.33 30.58
C PRO C 488 22.96 -20.31 29.22
N GLU C 489 22.36 -19.19 28.81
CA GLU C 489 21.52 -19.18 27.63
C GLU C 489 22.34 -19.30 26.35
N GLY C 490 23.34 -18.43 26.16
CA GLY C 490 24.18 -18.46 24.98
C GLY C 490 24.34 -17.08 24.40
N CYS C 491 24.69 -17.04 23.12
CA CYS C 491 25.00 -15.77 22.46
C CYS C 491 24.76 -15.92 20.95
N TRP C 492 24.38 -14.81 20.33
CA TRP C 492 24.24 -14.71 18.88
C TRP C 492 25.43 -14.01 18.24
N GLY C 493 26.53 -13.86 18.98
CA GLY C 493 27.69 -13.13 18.53
C GLY C 493 28.68 -13.00 19.66
N PRO C 494 29.79 -12.29 19.43
CA PRO C 494 30.80 -12.16 20.49
C PRO C 494 30.36 -11.25 21.62
N GLU C 495 29.39 -10.37 21.39
CA GLU C 495 29.21 -9.19 22.21
C GLU C 495 28.19 -9.44 23.31
N PRO C 496 28.05 -8.47 24.23
CA PRO C 496 27.09 -8.64 25.34
C PRO C 496 25.65 -8.32 25.00
N ARG C 497 25.39 -7.66 23.87
CA ARG C 497 24.01 -7.54 23.43
C ARG C 497 23.56 -8.79 22.69
N ASP C 498 24.48 -9.40 21.95
CA ASP C 498 24.21 -10.69 21.32
C ASP C 498 24.02 -11.79 22.35
N CYS C 499 24.48 -11.57 23.59
CA CYS C 499 24.09 -12.41 24.70
C CYS C 499 22.61 -12.76 24.61
N VAL C 500 22.30 -14.03 24.82
CA VAL C 500 20.93 -14.36 25.19
C VAL C 500 20.70 -13.97 26.64
N SER C 501 19.43 -13.80 27.00
CA SER C 501 19.00 -13.47 28.35
C SER C 501 19.99 -13.88 29.44
N GLU D 2 33.52 -8.25 -4.54
CA GLU D 2 33.62 -8.55 -5.96
C GLU D 2 33.54 -7.26 -6.79
N GLU D 3 33.99 -6.15 -6.20
CA GLU D 3 34.05 -4.89 -6.91
C GLU D 3 35.27 -4.88 -7.82
N LYS D 4 35.19 -4.10 -8.89
CA LYS D 4 36.34 -3.97 -9.78
C LYS D 4 37.48 -3.24 -9.08
N LYS D 5 38.70 -3.64 -9.40
CA LYS D 5 39.89 -3.01 -8.84
C LYS D 5 40.28 -1.82 -9.68
N VAL D 6 40.73 -0.75 -9.03
CA VAL D 6 40.99 0.51 -9.71
C VAL D 6 42.39 1.00 -9.36
N CYS D 7 42.96 1.76 -10.30
CA CYS D 7 44.31 2.30 -10.17
C CYS D 7 44.32 3.76 -10.61
N GLN D 8 45.32 4.50 -10.12
CA GLN D 8 45.40 5.93 -10.38
C GLN D 8 45.76 6.25 -11.84
N GLY D 9 46.56 5.40 -12.48
CA GLY D 9 47.17 5.76 -13.74
C GLY D 9 48.41 6.59 -13.53
N THR D 10 49.03 6.99 -14.64
CA THR D 10 50.26 7.77 -14.62
C THR D 10 50.14 8.97 -15.56
N SER D 11 51.21 9.78 -15.59
CA SER D 11 51.28 10.93 -16.47
C SER D 11 52.72 11.25 -16.86
N ASN D 12 53.62 10.28 -16.80
CA ASN D 12 55.04 10.50 -17.04
C ASN D 12 55.37 10.59 -18.53
N LYS D 13 54.44 10.26 -19.41
CA LYS D 13 54.66 10.33 -20.85
C LYS D 13 55.92 9.55 -21.25
N LEU D 14 56.88 10.22 -21.89
CA LEU D 14 58.08 9.55 -22.38
C LEU D 14 59.24 9.63 -21.41
N THR D 15 58.98 9.99 -20.15
CA THR D 15 60.01 9.91 -19.13
C THR D 15 60.28 8.45 -18.79
N GLN D 16 61.57 8.09 -18.72
CA GLN D 16 61.99 6.80 -18.22
C GLN D 16 62.40 6.94 -16.77
N LEU D 17 61.85 6.10 -15.91
CA LEU D 17 62.07 6.18 -14.47
C LEU D 17 63.18 5.21 -14.10
N GLY D 18 64.42 5.72 -14.07
CA GLY D 18 65.57 4.89 -13.80
C GLY D 18 65.94 4.03 -15.01
N THR D 19 66.52 2.88 -14.72
CA THR D 19 66.90 1.94 -15.77
C THR D 19 65.68 1.12 -16.20
N PHE D 20 65.87 0.38 -17.30
CA PHE D 20 64.82 -0.49 -17.82
C PHE D 20 64.17 -1.30 -16.69
N GLU D 21 64.99 -1.82 -15.78
CA GLU D 21 64.48 -2.64 -14.70
C GLU D 21 63.61 -1.83 -13.75
N ASP D 22 64.15 -0.73 -13.22
CA ASP D 22 63.38 0.13 -12.32
C ASP D 22 62.06 0.54 -12.96
N HIS D 23 62.13 0.95 -14.23
CA HIS D 23 60.94 1.42 -14.92
C HIS D 23 59.90 0.31 -15.03
N PHE D 24 60.31 -0.88 -15.47
CA PHE D 24 59.38 -1.99 -15.57
C PHE D 24 58.74 -2.30 -14.22
N LEU D 25 59.54 -2.32 -13.16
CA LEU D 25 58.98 -2.63 -11.85
C LEU D 25 57.94 -1.59 -11.43
N SER D 26 58.22 -0.30 -11.67
CA SER D 26 57.24 0.74 -11.38
C SER D 26 55.93 0.45 -12.11
N LEU D 27 56.00 0.30 -13.43
CA LEU D 27 54.81 -0.09 -14.20
C LEU D 27 54.09 -1.24 -13.52
N GLN D 28 54.86 -2.26 -13.10
CA GLN D 28 54.28 -3.47 -12.55
C GLN D 28 53.41 -3.17 -11.33
N ARG D 29 54.01 -2.57 -10.29
CA ARG D 29 53.23 -2.36 -9.09
C ARG D 29 52.10 -1.35 -9.32
N MET D 30 52.24 -0.46 -10.31
CA MET D 30 51.12 0.42 -10.60
C MET D 30 49.91 -0.35 -11.11
N PHE D 31 50.09 -1.08 -12.20
CA PHE D 31 48.98 -1.81 -12.82
C PHE D 31 48.75 -3.24 -12.36
N ASN D 32 49.23 -3.58 -11.18
CA ASN D 32 49.00 -4.94 -10.68
C ASN D 32 47.53 -5.13 -10.40
N ASN D 33 46.94 -6.09 -11.10
CA ASN D 33 45.52 -6.45 -10.98
C ASN D 33 44.50 -5.33 -11.23
N CYS D 34 44.92 -4.16 -11.67
CA CYS D 34 43.93 -3.11 -11.92
C CYS D 34 43.06 -3.47 -13.11
N GLU D 35 41.75 -3.25 -12.95
CA GLU D 35 40.79 -3.48 -14.02
C GLU D 35 40.34 -2.21 -14.70
N VAL D 36 40.25 -1.10 -13.95
CA VAL D 36 39.91 0.21 -14.50
C VAL D 36 40.88 1.22 -13.92
N VAL D 37 41.49 2.02 -14.77
CA VAL D 37 42.45 3.04 -14.37
C VAL D 37 41.79 4.41 -14.52
N LEU D 38 41.85 5.21 -13.44
CA LEU D 38 41.22 6.52 -13.44
C LEU D 38 41.98 7.49 -14.35
N GLY D 39 43.29 7.39 -14.38
CA GLY D 39 44.12 8.25 -15.18
C GLY D 39 44.49 7.62 -16.50
N ASN D 40 45.75 7.74 -16.86
CA ASN D 40 46.25 7.22 -18.12
C ASN D 40 47.01 5.92 -17.90
N LEU D 41 47.14 5.17 -18.97
CA LEU D 41 47.89 3.92 -18.99
C LEU D 41 49.11 4.16 -19.88
N GLU D 42 50.30 4.10 -19.29
CA GLU D 42 51.53 4.46 -19.99
C GLU D 42 52.50 3.28 -19.93
N ILE D 43 52.68 2.62 -21.08
CA ILE D 43 53.56 1.48 -21.25
C ILE D 43 54.70 1.93 -22.15
N THR D 44 55.89 2.06 -21.57
CA THR D 44 57.05 2.56 -22.30
C THR D 44 58.30 1.83 -21.85
N TYR D 45 59.24 1.67 -22.79
CA TYR D 45 60.59 1.18 -22.54
C TYR D 45 60.62 -0.25 -22.00
N VAL D 46 59.51 -0.97 -22.01
CA VAL D 46 59.56 -2.38 -21.63
C VAL D 46 60.38 -3.14 -22.67
N GLN D 47 61.34 -3.91 -22.20
CA GLN D 47 62.32 -4.55 -23.07
C GLN D 47 61.96 -6.00 -23.34
N ARG D 48 62.61 -6.57 -24.34
CA ARG D 48 62.36 -7.94 -24.75
C ARG D 48 62.55 -8.89 -23.56
N ASN D 49 61.75 -9.95 -23.54
CA ASN D 49 61.77 -11.03 -22.55
C ASN D 49 61.09 -10.61 -21.25
N TYR D 50 60.69 -9.35 -21.09
CA TYR D 50 59.95 -8.95 -19.89
C TYR D 50 58.47 -9.30 -20.07
N ASP D 51 57.90 -9.93 -19.04
CA ASP D 51 56.53 -10.42 -19.10
C ASP D 51 55.56 -9.32 -18.71
N LEU D 52 54.60 -9.04 -19.59
CA LEU D 52 53.58 -8.02 -19.38
C LEU D 52 52.20 -8.64 -19.14
N SER D 53 52.16 -9.84 -18.57
CA SER D 53 50.90 -10.54 -18.44
C SER D 53 49.95 -9.87 -17.47
N PHE D 54 50.47 -9.12 -16.49
CA PHE D 54 49.60 -8.44 -15.54
C PHE D 54 48.65 -7.47 -16.22
N LEU D 55 48.94 -7.06 -17.46
CA LEU D 55 48.05 -6.18 -18.20
C LEU D 55 46.77 -6.86 -18.66
N LYS D 56 46.69 -8.19 -18.60
CA LYS D 56 45.49 -8.88 -19.05
C LYS D 56 44.26 -8.43 -18.27
N THR D 57 44.43 -8.03 -17.02
CA THR D 57 43.31 -7.69 -16.16
C THR D 57 42.72 -6.32 -16.42
N ILE D 58 43.31 -5.52 -17.29
CA ILE D 58 42.85 -4.15 -17.52
C ILE D 58 41.64 -4.19 -18.44
N GLN D 59 40.57 -3.53 -18.03
CA GLN D 59 39.29 -3.56 -18.75
C GLN D 59 38.87 -2.22 -19.32
N GLU D 60 39.24 -1.10 -18.69
CA GLU D 60 38.89 0.20 -19.24
C GLU D 60 39.86 1.24 -18.71
N VAL D 61 40.09 2.27 -19.51
CA VAL D 61 41.02 3.36 -19.19
C VAL D 61 40.28 4.68 -19.38
N ALA D 62 40.21 5.47 -18.31
CA ALA D 62 39.46 6.73 -18.39
C ALA D 62 40.17 7.75 -19.26
N GLY D 63 41.51 7.82 -19.19
CA GLY D 63 42.25 8.80 -19.95
C GLY D 63 42.67 8.29 -21.32
N TYR D 64 43.99 8.18 -21.53
CA TYR D 64 44.54 7.72 -22.79
C TYR D 64 45.52 6.59 -22.54
N VAL D 65 45.73 5.80 -23.58
CA VAL D 65 46.66 4.67 -23.55
C VAL D 65 47.85 5.01 -24.45
N LEU D 66 49.04 4.93 -23.88
CA LEU D 66 50.28 5.30 -24.55
C LEU D 66 51.20 4.09 -24.53
N ILE D 67 51.57 3.61 -25.71
CA ILE D 67 52.48 2.47 -25.85
C ILE D 67 53.63 2.94 -26.73
N ALA D 68 54.78 3.23 -26.13
CA ALA D 68 55.84 3.85 -26.91
C ALA D 68 57.21 3.34 -26.50
N LEU D 69 58.08 3.17 -27.50
CA LEU D 69 59.49 2.87 -27.27
C LEU D 69 59.68 1.56 -26.52
N ASN D 70 58.85 0.57 -26.84
CA ASN D 70 58.98 -0.77 -26.30
C ASN D 70 59.63 -1.68 -27.33
N THR D 71 60.51 -2.56 -26.86
CA THR D 71 61.09 -3.60 -27.69
C THR D 71 60.51 -4.97 -27.39
N VAL D 72 59.65 -5.09 -26.38
CA VAL D 72 59.08 -6.38 -26.02
C VAL D 72 58.17 -6.87 -27.14
N GLU D 73 58.06 -8.20 -27.26
CA GLU D 73 57.35 -8.80 -28.38
C GLU D 73 55.85 -8.65 -28.25
N ARG D 74 55.31 -8.90 -27.06
CA ARG D 74 53.87 -9.05 -26.86
C ARG D 74 53.41 -8.15 -25.72
N ILE D 75 52.40 -7.33 -25.99
CA ILE D 75 51.73 -6.53 -24.99
C ILE D 75 50.29 -7.01 -24.90
N PRO D 76 49.94 -7.86 -23.87
CA PRO D 76 48.62 -8.55 -23.86
C PRO D 76 47.51 -7.74 -23.21
N LEU D 77 47.13 -6.64 -23.87
CA LEU D 77 45.93 -5.89 -23.48
C LEU D 77 44.70 -6.57 -24.08
N GLU D 78 44.49 -7.82 -23.66
CA GLU D 78 43.50 -8.69 -24.29
C GLU D 78 42.08 -8.31 -23.95
N ASN D 79 41.84 -7.65 -22.81
CA ASN D 79 40.48 -7.40 -22.33
C ASN D 79 40.17 -5.93 -22.14
N LEU D 80 40.98 -5.02 -22.68
CA LEU D 80 40.68 -3.60 -22.63
C LEU D 80 39.48 -3.32 -23.53
N GLN D 81 38.37 -2.91 -22.94
CA GLN D 81 37.12 -2.74 -23.68
C GLN D 81 36.96 -1.32 -24.20
N ILE D 82 37.15 -0.31 -23.35
CA ILE D 82 36.82 1.07 -23.68
C ILE D 82 37.96 1.97 -23.24
N ILE D 83 38.23 2.98 -24.06
CA ILE D 83 39.12 4.09 -23.72
C ILE D 83 38.28 5.36 -23.79
N ARG D 84 38.03 5.98 -22.64
CA ARG D 84 37.07 7.07 -22.59
C ARG D 84 37.62 8.33 -23.25
N GLY D 85 38.88 8.68 -22.96
CA GLY D 85 39.46 9.89 -23.50
C GLY D 85 39.25 11.12 -22.65
N ASN D 86 39.14 10.96 -21.32
CA ASN D 86 39.08 12.12 -20.45
C ASN D 86 40.25 13.07 -20.70
N MET D 87 41.37 12.53 -21.17
CA MET D 87 42.54 13.31 -21.51
C MET D 87 43.09 12.83 -22.84
N TYR D 88 43.98 13.64 -23.41
CA TYR D 88 44.59 13.32 -24.70
C TYR D 88 46.10 13.36 -24.59
N TYR D 89 46.75 12.51 -25.38
CA TYR D 89 48.19 12.53 -25.54
C TYR D 89 48.50 13.36 -26.78
N GLU D 90 49.01 14.58 -26.55
CA GLU D 90 49.31 15.56 -27.60
C GLU D 90 48.08 16.36 -27.98
N ASN D 91 47.09 16.42 -27.08
CA ASN D 91 45.86 17.19 -27.28
C ASN D 91 44.98 16.62 -28.38
N SER D 92 45.27 15.42 -28.88
CA SER D 92 44.53 14.91 -30.02
C SER D 92 44.40 13.40 -30.07
N TYR D 93 44.82 12.66 -29.04
CA TYR D 93 44.84 11.20 -29.12
C TYR D 93 44.36 10.56 -27.83
N ALA D 94 43.60 9.47 -27.99
CA ALA D 94 43.24 8.60 -26.89
C ALA D 94 44.06 7.32 -26.88
N LEU D 95 44.66 6.95 -28.00
CA LEU D 95 45.53 5.79 -28.12
C LEU D 95 46.69 6.20 -29.01
N ALA D 96 47.92 6.04 -28.51
CA ALA D 96 49.10 6.36 -29.31
C ALA D 96 50.14 5.27 -29.12
N VAL D 97 50.42 4.54 -30.20
CA VAL D 97 51.46 3.52 -30.20
C VAL D 97 52.56 4.02 -31.12
N LEU D 98 53.73 4.33 -30.55
CA LEU D 98 54.76 5.05 -31.27
C LEU D 98 56.11 4.35 -31.11
N SER D 99 56.75 4.04 -32.23
CA SER D 99 58.15 3.63 -32.27
C SER D 99 58.43 2.51 -31.27
N ASN D 100 57.72 1.41 -31.45
CA ASN D 100 57.97 0.20 -30.67
C ASN D 100 58.86 -0.75 -31.48
N TYR D 101 60.11 -0.31 -31.67
CA TYR D 101 61.07 -1.05 -32.47
C TYR D 101 62.44 -1.00 -31.84
N ASP D 102 63.16 -2.11 -31.96
CA ASP D 102 64.53 -2.24 -31.52
C ASP D 102 65.48 -1.68 -32.57
N ALA D 103 66.70 -1.34 -32.14
CA ALA D 103 67.71 -0.87 -33.09
C ALA D 103 67.96 -1.91 -34.17
N ASN D 104 67.91 -3.19 -33.80
CA ASN D 104 68.03 -4.28 -34.77
C ASN D 104 66.84 -4.37 -35.72
N LYS D 105 65.88 -3.47 -35.56
CA LYS D 105 64.63 -3.44 -36.33
C LYS D 105 63.67 -4.50 -35.81
N THR D 106 64.05 -5.27 -34.80
CA THR D 106 63.11 -6.11 -34.06
C THR D 106 62.27 -5.22 -33.15
N GLY D 107 61.11 -5.71 -32.74
CA GLY D 107 60.31 -4.87 -31.86
C GLY D 107 58.97 -5.42 -31.44
N LEU D 108 58.03 -4.52 -31.19
CA LEU D 108 56.68 -4.92 -30.85
C LEU D 108 56.05 -5.67 -32.01
N LYS D 109 55.69 -6.92 -31.77
CA LYS D 109 55.12 -7.77 -32.79
C LYS D 109 53.63 -8.02 -32.63
N GLU D 110 53.18 -8.20 -31.39
CA GLU D 110 51.81 -8.58 -31.11
C GLU D 110 51.15 -7.49 -30.26
N LEU D 111 49.85 -7.28 -30.52
CA LEU D 111 49.05 -6.32 -29.79
C LEU D 111 47.61 -6.78 -29.82
N PRO D 112 47.29 -7.89 -29.15
CA PRO D 112 45.96 -8.51 -29.26
C PRO D 112 44.91 -7.80 -28.42
N MET D 113 44.57 -6.57 -28.81
CA MET D 113 43.51 -5.81 -28.15
C MET D 113 42.17 -6.22 -28.76
N ARG D 114 41.79 -7.46 -28.47
CA ARG D 114 40.65 -8.08 -29.14
C ARG D 114 39.34 -7.46 -28.72
N ASN D 115 39.24 -7.01 -27.46
CA ASN D 115 37.99 -6.48 -26.93
C ASN D 115 37.93 -4.96 -26.94
N LEU D 116 39.00 -4.28 -27.38
CA LEU D 116 38.90 -2.84 -27.58
C LEU D 116 37.85 -2.55 -28.63
N GLN D 117 36.67 -2.12 -28.19
CA GLN D 117 35.54 -1.90 -29.08
C GLN D 117 35.01 -0.47 -29.05
N GLU D 118 35.46 0.36 -28.12
CA GLU D 118 34.89 1.70 -27.96
C GLU D 118 35.97 2.69 -27.55
N ILE D 119 36.07 3.79 -28.28
CA ILE D 119 36.87 4.95 -27.88
C ILE D 119 35.93 6.14 -27.93
N LEU D 120 35.45 6.58 -26.76
CA LEU D 120 34.48 7.66 -26.72
C LEU D 120 35.04 8.94 -27.32
N HIS D 121 36.21 9.37 -26.87
CA HIS D 121 36.79 10.65 -27.26
C HIS D 121 38.23 10.45 -27.71
N GLY D 122 38.63 11.22 -28.71
CA GLY D 122 40.01 11.23 -29.16
C GLY D 122 40.21 10.41 -30.42
N ALA D 123 41.35 10.63 -31.06
CA ALA D 123 41.74 9.93 -32.27
C ALA D 123 42.81 8.90 -31.92
N VAL D 124 43.49 8.36 -32.95
CA VAL D 124 44.46 7.29 -32.76
C VAL D 124 45.65 7.56 -33.66
N ARG D 125 46.84 7.14 -33.20
CA ARG D 125 48.07 7.29 -33.97
C ARG D 125 48.91 6.03 -33.85
N PHE D 126 49.22 5.43 -35.00
CA PHE D 126 50.15 4.31 -35.11
C PHE D 126 51.32 4.77 -35.97
N SER D 127 52.53 4.70 -35.44
CA SER D 127 53.69 5.23 -36.16
C SER D 127 54.95 4.45 -35.79
N ASN D 128 55.63 3.94 -36.82
CA ASN D 128 56.94 3.32 -36.68
C ASN D 128 56.89 2.09 -35.76
N ASN D 129 56.19 1.08 -36.25
CA ASN D 129 56.06 -0.20 -35.56
C ASN D 129 56.34 -1.31 -36.58
N PRO D 130 57.61 -1.52 -36.92
CA PRO D 130 57.93 -2.45 -38.03
C PRO D 130 57.52 -3.89 -37.77
N ALA D 131 57.87 -4.43 -36.61
CA ALA D 131 57.58 -5.83 -36.34
C ALA D 131 56.09 -6.11 -36.22
N LEU D 132 55.29 -5.08 -35.98
CA LEU D 132 53.87 -5.27 -35.77
C LEU D 132 53.15 -5.64 -37.06
N CYS D 133 52.27 -6.63 -36.97
CA CYS D 133 51.32 -6.92 -38.03
C CYS D 133 50.05 -7.44 -37.37
N ASN D 134 49.09 -7.86 -38.19
CA ASN D 134 47.77 -8.27 -37.72
C ASN D 134 46.97 -7.08 -37.22
N VAL D 135 47.59 -5.92 -37.01
CA VAL D 135 46.83 -4.74 -36.62
C VAL D 135 46.46 -3.89 -37.84
N GLU D 136 47.10 -4.11 -38.98
CA GLU D 136 46.73 -3.37 -40.19
C GLU D 136 45.26 -3.60 -40.53
N SER D 137 44.75 -4.81 -40.27
CA SER D 137 43.38 -5.17 -40.66
C SER D 137 42.41 -4.84 -39.52
N ILE D 138 42.14 -3.54 -39.37
CA ILE D 138 41.24 -3.05 -38.34
C ILE D 138 40.57 -1.79 -38.86
N GLN D 139 39.25 -1.74 -38.72
CA GLN D 139 38.46 -0.54 -39.03
C GLN D 139 38.13 0.18 -37.74
N TRP D 140 38.43 1.47 -37.69
CA TRP D 140 38.30 2.24 -36.47
C TRP D 140 37.00 3.04 -36.40
N ARG D 141 36.37 3.33 -37.54
CA ARG D 141 35.02 3.89 -37.51
C ARG D 141 34.14 3.12 -36.53
N ASP D 142 34.29 1.80 -36.50
CA ASP D 142 33.57 0.99 -35.50
C ASP D 142 34.08 1.29 -34.11
N ILE D 143 35.37 1.56 -33.96
CA ILE D 143 35.97 1.78 -32.64
C ILE D 143 35.98 3.25 -32.26
N VAL D 144 36.45 4.13 -33.15
CA VAL D 144 36.61 5.54 -32.84
C VAL D 144 35.35 6.31 -33.26
N SER D 145 35.10 7.41 -32.58
CA SER D 145 33.88 8.19 -32.80
C SER D 145 33.94 8.95 -34.12
N SER D 146 32.80 9.03 -34.80
CA SER D 146 32.74 9.66 -36.11
C SER D 146 33.32 11.09 -36.09
N ASP D 147 33.22 11.78 -34.94
CA ASP D 147 33.69 13.15 -34.87
C ASP D 147 35.20 13.28 -35.02
N PHE D 148 35.95 12.22 -34.71
CA PHE D 148 37.41 12.31 -34.62
C PHE D 148 38.16 11.63 -35.75
N LEU D 149 37.49 10.95 -36.67
CA LEU D 149 38.20 10.23 -37.72
C LEU D 149 39.08 11.15 -38.57
N SER D 150 38.84 12.46 -38.53
CA SER D 150 39.67 13.39 -39.26
C SER D 150 41.08 13.47 -38.66
N ASN D 151 41.16 13.62 -37.33
CA ASN D 151 42.47 13.74 -36.69
C ASN D 151 43.24 12.43 -36.73
N MET D 152 42.55 11.30 -36.63
CA MET D 152 43.21 10.00 -36.61
C MET D 152 44.18 9.89 -37.76
N SER D 153 45.46 9.64 -37.43
CA SER D 153 46.52 9.48 -38.42
C SER D 153 47.23 8.17 -38.14
N MET D 154 47.45 7.37 -39.18
CA MET D 154 47.97 6.02 -38.98
C MET D 154 48.70 5.56 -40.23
N ASP D 155 49.86 4.93 -40.03
CA ASP D 155 50.62 4.34 -41.12
C ASP D 155 51.16 2.99 -40.66
N PHE D 156 51.09 2.00 -41.56
CA PHE D 156 51.46 0.62 -41.25
C PHE D 156 52.55 0.16 -42.21
N GLN D 157 53.61 -0.44 -41.66
CA GLN D 157 54.70 -0.97 -42.47
C GLN D 157 55.30 -2.18 -41.77
N ASN D 158 55.25 -3.33 -42.43
CA ASN D 158 55.82 -4.57 -41.94
C ASN D 158 57.04 -4.91 -42.78
N HIS D 159 58.20 -5.06 -42.12
CA HIS D 159 59.45 -5.21 -42.84
C HIS D 159 59.55 -6.58 -43.51
N LEU D 160 59.37 -7.66 -42.75
CA LEU D 160 59.61 -9.00 -43.27
C LEU D 160 58.36 -9.86 -43.31
N GLY D 161 57.18 -9.27 -43.20
CA GLY D 161 55.95 -10.06 -43.28
C GLY D 161 55.98 -11.26 -42.36
N SER D 162 56.53 -11.10 -41.15
CA SER D 162 56.75 -12.22 -40.26
C SER D 162 55.43 -12.76 -39.70
N CYS D 163 54.43 -11.91 -39.51
CA CYS D 163 53.18 -12.37 -38.92
C CYS D 163 52.34 -13.11 -39.96
N GLN D 164 51.42 -13.92 -39.44
CA GLN D 164 50.64 -14.85 -40.25
C GLN D 164 49.31 -14.20 -40.67
N LYS D 165 48.47 -15.00 -41.32
CA LYS D 165 47.19 -14.52 -41.85
C LYS D 165 46.15 -14.43 -40.74
N CYS D 166 45.34 -13.39 -40.78
CA CYS D 166 44.18 -13.33 -39.91
C CYS D 166 43.20 -14.45 -40.25
N ASP D 167 42.66 -15.07 -39.21
CA ASP D 167 41.75 -16.19 -39.40
C ASP D 167 40.57 -15.77 -40.28
N PRO D 168 40.16 -16.59 -41.25
CA PRO D 168 39.01 -16.21 -42.09
C PRO D 168 37.74 -15.83 -41.32
N SER D 169 37.39 -16.59 -40.28
CA SER D 169 36.15 -16.31 -39.55
C SER D 169 35.99 -14.84 -39.24
N CYS D 170 37.11 -14.13 -39.06
CA CYS D 170 37.05 -12.71 -38.83
C CYS D 170 36.49 -12.00 -40.06
N PRO D 171 35.69 -10.94 -39.89
CA PRO D 171 35.11 -10.27 -41.06
C PRO D 171 36.17 -9.46 -41.81
N ASN D 172 36.21 -9.65 -43.13
CA ASN D 172 37.11 -8.88 -43.99
C ASN D 172 38.57 -9.11 -43.58
N GLY D 173 38.88 -10.33 -43.17
CA GLY D 173 40.25 -10.63 -42.75
C GLY D 173 40.79 -9.65 -41.72
N SER D 174 39.97 -9.30 -40.74
CA SER D 174 40.33 -8.30 -39.74
C SER D 174 40.43 -8.94 -38.36
N CYS D 175 41.61 -8.85 -37.75
CA CYS D 175 41.82 -9.46 -36.44
C CYS D 175 43.14 -8.95 -35.90
N TRP D 176 43.28 -8.92 -34.57
CA TRP D 176 44.50 -8.45 -33.95
C TRP D 176 45.58 -9.53 -33.80
N GLY D 177 45.24 -10.81 -33.99
CA GLY D 177 46.14 -11.89 -33.67
C GLY D 177 45.98 -13.11 -34.55
N ALA D 178 46.36 -14.28 -34.00
CA ALA D 178 46.47 -15.51 -34.77
C ALA D 178 45.11 -16.18 -35.00
N GLY D 179 44.47 -16.65 -33.94
CA GLY D 179 43.32 -17.51 -34.05
C GLY D 179 42.01 -16.76 -34.15
N GLU D 180 40.91 -17.53 -34.13
CA GLU D 180 39.58 -16.94 -34.11
C GLU D 180 39.40 -16.02 -32.92
N GLU D 181 40.04 -16.35 -31.80
CA GLU D 181 39.88 -15.59 -30.57
C GLU D 181 40.21 -14.11 -30.77
N ASN D 182 41.11 -13.80 -31.70
CA ASN D 182 41.53 -12.43 -31.94
C ASN D 182 40.77 -11.77 -33.08
N CYS D 183 39.74 -12.44 -33.62
CA CYS D 183 38.89 -11.81 -34.62
C CYS D 183 38.32 -10.50 -34.09
N GLN D 184 38.24 -9.51 -34.98
CA GLN D 184 37.69 -8.21 -34.60
C GLN D 184 36.18 -8.30 -34.46
N LYS D 185 35.67 -7.93 -33.29
CA LYS D 185 34.23 -7.94 -33.04
C LYS D 185 33.64 -6.61 -33.48
N LEU D 186 32.67 -6.67 -34.39
CA LEU D 186 31.97 -5.48 -34.88
C LEU D 186 30.72 -5.24 -34.05
N THR D 187 30.59 -4.05 -33.47
CA THR D 187 29.41 -3.71 -32.67
C THR D 187 28.78 -2.39 -33.08
N LYS D 188 29.11 -1.85 -34.26
CA LYS D 188 28.58 -0.55 -34.63
C LYS D 188 28.28 -0.43 -36.13
N ILE D 189 29.30 -0.56 -36.98
CA ILE D 189 29.10 -0.30 -38.41
C ILE D 189 28.11 -1.27 -39.03
N ILE D 190 27.92 -2.44 -38.44
CA ILE D 190 27.04 -3.46 -39.00
C ILE D 190 25.72 -3.49 -38.23
N CYS D 191 25.27 -2.32 -37.79
CA CYS D 191 24.05 -2.20 -37.01
C CYS D 191 22.92 -1.66 -37.88
N ALA D 192 21.73 -2.24 -37.72
CA ALA D 192 20.58 -1.79 -38.46
C ALA D 192 20.36 -0.30 -38.26
N GLN D 193 19.77 0.34 -39.27
CA GLN D 193 19.53 1.79 -39.20
C GLN D 193 18.73 2.17 -37.97
N GLN D 194 17.98 1.24 -37.38
CA GLN D 194 17.10 1.57 -36.27
C GLN D 194 17.85 1.70 -34.95
N CYS D 195 18.99 1.01 -34.79
CA CYS D 195 19.74 1.10 -33.55
C CYS D 195 20.25 2.52 -33.35
N SER D 196 20.00 3.08 -32.17
CA SER D 196 20.52 4.40 -31.86
C SER D 196 22.04 4.38 -31.71
N GLY D 197 22.60 3.28 -31.21
CA GLY D 197 24.04 3.19 -31.01
C GLY D 197 24.63 1.84 -31.36
N ARG D 198 25.34 1.23 -30.41
CA ARG D 198 25.99 -0.05 -30.64
C ARG D 198 24.97 -1.18 -30.67
N CYS D 199 25.36 -2.28 -31.29
CA CYS D 199 24.47 -3.43 -31.44
C CYS D 199 25.27 -4.73 -31.32
N ARG D 200 24.60 -5.76 -30.79
CA ARG D 200 25.20 -7.10 -30.74
C ARG D 200 25.32 -7.72 -32.12
N GLY D 201 24.42 -7.39 -33.04
CA GLY D 201 24.36 -8.09 -34.30
C GLY D 201 23.72 -7.22 -35.36
N LYS D 202 23.44 -7.84 -36.49
CA LYS D 202 22.93 -7.14 -37.67
C LYS D 202 21.46 -6.79 -37.57
N SER D 203 20.71 -7.45 -36.68
CA SER D 203 19.25 -7.37 -36.66
C SER D 203 18.77 -6.24 -35.76
N PRO D 204 17.50 -5.83 -35.90
CA PRO D 204 17.00 -4.78 -34.99
C PRO D 204 16.88 -5.25 -33.54
N SER D 205 16.49 -6.50 -33.32
CA SER D 205 16.43 -7.02 -31.96
C SER D 205 17.79 -7.01 -31.28
N ASP D 206 18.87 -6.82 -32.03
CA ASP D 206 20.21 -6.83 -31.49
C ASP D 206 20.65 -5.47 -30.95
N CYS D 207 19.96 -4.39 -31.31
CA CYS D 207 20.33 -3.06 -30.86
C CYS D 207 20.56 -3.05 -29.34
N CYS D 208 21.44 -2.16 -28.92
CA CYS D 208 21.76 -1.97 -27.51
C CYS D 208 21.14 -0.69 -26.99
N HIS D 209 20.86 -0.66 -25.69
CA HIS D 209 20.34 0.53 -25.06
C HIS D 209 21.30 1.70 -25.28
N ASN D 210 20.74 2.89 -25.49
CA ASN D 210 21.56 4.05 -25.85
C ASN D 210 22.66 4.32 -24.83
N GLN D 211 22.53 3.81 -23.61
CA GLN D 211 23.54 4.03 -22.58
C GLN D 211 24.74 3.10 -22.73
N CYS D 212 24.58 1.96 -23.39
CA CYS D 212 25.70 1.06 -23.59
C CYS D 212 26.82 1.74 -24.36
N ALA D 213 28.05 1.27 -24.11
CA ALA D 213 29.24 1.90 -24.67
C ALA D 213 29.95 1.00 -25.69
N ALA D 214 30.41 -0.17 -25.27
CA ALA D 214 31.16 -1.05 -26.16
C ALA D 214 30.26 -2.05 -26.87
N GLY D 215 29.33 -2.65 -26.15
CA GLY D 215 28.39 -3.58 -26.73
C GLY D 215 27.38 -3.98 -25.68
N CYS D 216 26.64 -5.05 -25.96
CA CYS D 216 25.63 -5.49 -25.01
C CYS D 216 25.32 -6.96 -25.22
N THR D 217 25.09 -7.66 -24.11
CA THR D 217 24.61 -9.03 -24.13
C THR D 217 23.09 -9.10 -24.11
N GLY D 218 22.41 -7.96 -24.05
CA GLY D 218 20.98 -7.95 -23.95
C GLY D 218 20.34 -6.63 -24.31
N PRO D 219 19.01 -6.63 -24.43
CA PRO D 219 18.32 -5.42 -24.90
C PRO D 219 18.30 -4.29 -23.88
N ARG D 220 18.15 -4.61 -22.59
CA ARG D 220 17.95 -3.59 -21.59
C ARG D 220 19.25 -2.89 -21.21
N GLU D 221 19.11 -1.79 -20.47
CA GLU D 221 20.25 -0.92 -20.18
C GLU D 221 21.21 -1.55 -19.17
N SER D 222 20.80 -2.58 -18.45
CA SER D 222 21.71 -3.29 -17.55
C SER D 222 22.46 -4.41 -18.27
N ASP D 223 22.24 -4.57 -19.56
CA ASP D 223 22.93 -5.57 -20.37
C ASP D 223 24.19 -5.01 -21.02
N CYS D 224 24.55 -3.76 -20.71
CA CYS D 224 25.69 -3.12 -21.36
C CYS D 224 27.00 -3.77 -20.94
N LEU D 225 27.88 -3.98 -21.92
CA LEU D 225 29.24 -4.39 -21.61
C LEU D 225 29.95 -3.33 -20.78
N VAL D 226 29.79 -2.07 -21.16
CA VAL D 226 30.35 -0.94 -20.43
C VAL D 226 29.39 0.22 -20.60
N CYS D 227 29.34 1.09 -19.58
CA CYS D 227 28.45 2.23 -19.61
C CYS D 227 29.12 3.42 -20.28
N ARG D 228 28.33 4.15 -21.07
CA ARG D 228 28.84 5.31 -21.78
C ARG D 228 29.00 6.52 -20.87
N LYS D 229 28.16 6.63 -19.83
CA LYS D 229 28.26 7.72 -18.87
C LYS D 229 28.60 7.17 -17.48
N PHE D 230 27.59 6.72 -16.74
CA PHE D 230 27.84 6.21 -15.39
C PHE D 230 27.18 4.86 -15.22
N ARG D 231 27.86 3.97 -14.49
CA ARG D 231 27.27 2.70 -14.08
C ARG D 231 26.89 2.81 -12.62
N ASP D 232 25.58 2.73 -12.34
CA ASP D 232 25.09 2.62 -10.98
C ASP D 232 24.84 1.15 -10.74
N GLU D 233 25.72 0.52 -9.98
CA GLU D 233 25.66 -0.91 -9.72
C GLU D 233 25.50 -1.64 -11.04
N ALA D 234 24.32 -2.19 -11.32
CA ALA D 234 24.14 -2.99 -12.53
C ALA D 234 23.86 -2.14 -13.76
N THR D 235 23.15 -1.03 -13.61
CA THR D 235 22.53 -0.38 -14.76
C THR D 235 23.30 0.87 -15.17
N CYS D 236 23.35 1.09 -16.49
CA CYS D 236 23.93 2.31 -17.05
C CYS D 236 22.94 3.47 -17.01
N LYS D 237 23.47 4.66 -16.75
CA LYS D 237 22.66 5.87 -16.70
C LYS D 237 23.46 7.07 -17.20
N ASP D 238 22.75 8.18 -17.35
CA ASP D 238 23.36 9.46 -17.68
C ASP D 238 24.19 9.99 -16.53
N THR D 239 23.60 10.02 -15.33
CA THR D 239 24.20 10.71 -14.20
C THR D 239 23.87 9.94 -12.93
N CYS D 240 24.70 10.08 -11.91
CA CYS D 240 24.41 9.47 -10.63
C CYS D 240 23.23 10.19 -9.97
N PRO D 241 22.34 9.46 -9.30
CA PRO D 241 21.25 10.13 -8.59
C PRO D 241 21.79 11.04 -7.50
N PRO D 242 21.40 12.31 -7.48
CA PRO D 242 21.93 13.23 -6.48
C PRO D 242 21.46 12.86 -5.08
N LEU D 243 22.22 13.29 -4.08
CA LEU D 243 21.92 12.93 -2.70
C LEU D 243 20.77 13.73 -2.11
N MET D 244 20.48 14.91 -2.64
CA MET D 244 19.32 15.68 -2.25
C MET D 244 18.49 15.96 -3.50
N LEU D 245 17.22 16.29 -3.30
CA LEU D 245 16.34 16.64 -4.41
C LEU D 245 15.37 17.73 -3.99
N TYR D 246 15.01 18.55 -4.97
CA TYR D 246 14.05 19.63 -4.76
C TYR D 246 12.63 19.07 -4.91
N ASN D 247 11.87 19.10 -3.81
CA ASN D 247 10.51 18.58 -3.83
C ASN D 247 9.60 19.61 -4.51
N PRO D 248 9.08 19.33 -5.71
CA PRO D 248 8.36 20.37 -6.46
C PRO D 248 7.07 20.85 -5.79
N THR D 249 6.53 20.10 -4.82
CA THR D 249 5.32 20.52 -4.13
C THR D 249 5.58 21.02 -2.72
N THR D 250 6.69 20.61 -2.09
CA THR D 250 7.07 21.13 -0.79
C THR D 250 7.91 22.39 -0.89
N TYR D 251 8.58 22.62 -2.03
CA TYR D 251 9.52 23.73 -2.19
C TYR D 251 10.63 23.66 -1.16
N GLN D 252 11.01 22.44 -0.75
CA GLN D 252 12.11 22.22 0.16
C GLN D 252 13.02 21.14 -0.41
N MET D 253 14.15 20.91 0.25
CA MET D 253 15.10 19.90 -0.15
C MET D 253 14.88 18.64 0.69
N ASP D 254 14.74 17.51 0.01
CA ASP D 254 14.63 16.20 0.65
C ASP D 254 15.93 15.43 0.49
N VAL D 255 16.27 14.65 1.52
CA VAL D 255 17.36 13.69 1.38
C VAL D 255 16.89 12.55 0.48
N ASN D 256 17.70 12.22 -0.51
CA ASN D 256 17.33 11.16 -1.45
C ASN D 256 18.01 9.86 -1.02
N PRO D 257 17.33 8.96 -0.33
CA PRO D 257 17.89 7.61 -0.21
C PRO D 257 17.96 6.98 -1.59
N GLU D 258 19.11 6.39 -1.90
CA GLU D 258 19.42 5.85 -3.22
C GLU D 258 20.03 6.93 -4.13
N GLY D 259 20.41 8.06 -3.55
CA GLY D 259 21.34 8.98 -4.19
C GLY D 259 22.76 8.58 -3.87
N LYS D 260 23.68 8.79 -4.83
CA LYS D 260 25.03 8.27 -4.72
C LYS D 260 26.04 9.29 -5.23
N TYR D 261 27.24 9.22 -4.66
CA TYR D 261 28.33 10.08 -5.08
C TYR D 261 28.90 9.59 -6.41
N SER D 262 29.90 10.31 -6.92
CA SER D 262 30.51 10.00 -8.22
C SER D 262 31.93 9.51 -7.99
N PHE D 263 32.20 8.27 -8.40
CA PHE D 263 33.54 7.72 -8.35
C PHE D 263 33.91 7.19 -9.74
N GLY D 264 34.84 7.88 -10.40
CA GLY D 264 35.14 7.53 -11.78
C GLY D 264 33.88 7.56 -12.61
N ALA D 265 33.62 6.47 -13.32
CA ALA D 265 32.38 6.30 -14.09
C ALA D 265 31.40 5.40 -13.36
N THR D 266 31.31 5.54 -12.05
CA THR D 266 30.47 4.70 -11.21
C THR D 266 29.81 5.55 -10.13
N CYS D 267 28.77 5.00 -9.52
CA CYS D 267 28.04 5.64 -8.44
C CYS D 267 28.06 4.73 -7.23
N VAL D 268 28.37 5.29 -6.06
CA VAL D 268 28.46 4.50 -4.84
C VAL D 268 27.93 5.31 -3.66
N LYS D 269 27.43 4.59 -2.67
CA LYS D 269 26.88 5.20 -1.46
C LYS D 269 27.99 5.84 -0.61
N LYS D 270 29.10 5.13 -0.45
CA LYS D 270 30.20 5.59 0.39
C LYS D 270 31.47 5.68 -0.43
N CYS D 271 32.24 6.74 -0.17
CA CYS D 271 33.44 7.00 -0.92
C CYS D 271 34.47 5.91 -0.63
N PRO D 272 35.24 5.48 -1.64
CA PRO D 272 36.32 4.53 -1.38
C PRO D 272 37.29 5.09 -0.36
N ARG D 273 37.93 4.20 0.39
CA ARG D 273 38.91 4.64 1.37
C ARG D 273 39.98 5.48 0.69
N ASN D 274 40.48 6.48 1.42
CA ASN D 274 41.49 7.43 0.93
C ASN D 274 40.91 8.41 -0.07
N TYR D 275 39.59 8.42 -0.24
CA TYR D 275 38.90 9.37 -1.10
C TYR D 275 37.92 10.17 -0.26
N VAL D 276 37.58 11.35 -0.76
CA VAL D 276 36.73 12.29 -0.05
C VAL D 276 35.60 12.73 -0.96
N VAL D 277 34.47 13.08 -0.37
CA VAL D 277 33.29 13.49 -1.10
C VAL D 277 33.19 15.01 -1.09
N THR D 278 32.77 15.58 -2.22
CA THR D 278 32.49 17.01 -2.32
C THR D 278 31.00 17.25 -2.16
N ASP D 279 30.67 18.50 -1.80
CA ASP D 279 29.28 18.88 -1.61
C ASP D 279 28.48 18.85 -2.91
N HIS D 280 29.15 18.88 -4.07
CA HIS D 280 28.45 18.80 -5.35
C HIS D 280 28.41 17.37 -5.90
N GLY D 281 28.47 16.38 -5.01
CA GLY D 281 28.30 14.99 -5.38
C GLY D 281 29.57 14.27 -5.77
N SER D 282 30.60 14.99 -6.20
CA SER D 282 31.83 14.33 -6.64
C SER D 282 32.51 13.63 -5.46
N CYS D 283 33.06 12.45 -5.73
CA CYS D 283 33.92 11.75 -4.79
C CYS D 283 35.34 11.74 -5.34
N VAL D 284 36.28 12.27 -4.57
CA VAL D 284 37.63 12.53 -5.07
C VAL D 284 38.64 12.28 -3.97
N ARG D 285 39.88 12.02 -4.38
CA ARG D 285 41.02 11.80 -3.48
C ARG D 285 41.72 13.11 -3.13
N ALA D 286 41.84 14.03 -4.08
CA ALA D 286 42.53 15.29 -3.89
C ALA D 286 41.51 16.43 -3.87
N CYS D 287 41.67 17.35 -2.92
CA CYS D 287 40.79 18.51 -2.82
C CYS D 287 41.33 19.64 -3.70
N GLY D 288 41.29 19.38 -5.01
CA GLY D 288 41.65 20.40 -5.96
C GLY D 288 40.79 21.64 -5.85
N ALA D 289 39.48 21.45 -5.70
CA ALA D 289 38.57 22.58 -5.56
C ALA D 289 39.16 23.59 -4.58
N ASP D 290 38.79 24.86 -4.78
CA ASP D 290 39.22 25.93 -3.89
C ASP D 290 38.93 25.59 -2.43
N SER D 291 38.18 24.51 -2.21
CA SER D 291 37.87 23.98 -0.90
C SER D 291 39.02 23.11 -0.35
N TYR D 292 39.05 22.96 0.98
CA TYR D 292 40.05 22.13 1.66
C TYR D 292 39.38 21.07 2.54
N GLU D 293 40.07 19.95 2.67
CA GLU D 293 39.53 18.72 3.26
C GLU D 293 39.48 18.77 4.79
N MET D 294 38.42 18.14 5.32
CA MET D 294 38.15 18.00 6.74
C MET D 294 37.27 16.78 6.94
N GLU D 295 37.42 16.10 8.08
CA GLU D 295 36.57 14.96 8.41
C GLU D 295 35.38 15.44 9.23
N GLU D 296 34.21 15.47 8.59
CA GLU D 296 32.97 15.90 9.22
C GLU D 296 32.00 14.73 9.33
N ASP D 297 31.47 14.51 10.53
CA ASP D 297 30.49 13.47 10.78
C ASP D 297 31.02 12.10 10.33
N GLY D 298 32.30 11.86 10.56
CA GLY D 298 32.92 10.61 10.20
C GLY D 298 33.32 10.47 8.76
N VAL D 299 33.19 11.54 7.96
CA VAL D 299 33.56 11.52 6.56
C VAL D 299 34.34 12.79 6.25
N ARG D 300 35.20 12.71 5.23
CA ARG D 300 35.98 13.86 4.81
C ARG D 300 35.10 14.79 3.98
N LYS D 301 35.16 16.08 4.29
CA LYS D 301 34.21 17.04 3.74
C LYS D 301 34.76 17.78 2.51
N CYS D 302 36.07 18.08 2.46
CA CYS D 302 36.64 18.83 1.34
C CYS D 302 36.01 20.21 1.24
N LYS D 303 35.96 20.91 2.37
CA LYS D 303 35.16 22.13 2.52
C LYS D 303 35.90 23.39 2.09
N LYS D 304 35.10 24.42 1.78
CA LYS D 304 35.56 25.63 1.11
C LYS D 304 36.69 26.32 1.87
N CYS D 305 37.43 27.17 1.15
CA CYS D 305 38.54 27.93 1.72
C CYS D 305 37.99 29.12 2.48
N GLU D 306 37.54 28.85 3.70
CA GLU D 306 37.10 29.86 4.64
C GLU D 306 37.72 29.52 5.99
N GLY D 307 37.77 30.50 6.88
CA GLY D 307 38.36 30.31 8.18
C GLY D 307 39.85 30.05 8.11
N PRO D 308 40.28 28.83 8.44
CA PRO D 308 41.74 28.57 8.48
C PRO D 308 42.42 28.75 7.13
N CYS D 309 41.75 28.42 6.03
CA CYS D 309 42.33 28.57 4.71
C CYS D 309 42.21 30.01 4.27
N ARG D 310 43.34 30.73 4.28
CA ARG D 310 43.40 32.02 3.62
C ARG D 310 43.27 31.87 2.10
N LYS D 311 43.86 30.80 1.55
CA LYS D 311 43.84 30.61 0.10
C LYS D 311 44.25 29.17 -0.22
N VAL D 312 43.86 28.74 -1.42
CA VAL D 312 44.19 27.44 -1.98
C VAL D 312 44.86 27.65 -3.33
N CYS D 313 45.81 26.78 -3.66
CA CYS D 313 46.58 26.92 -4.90
C CYS D 313 47.02 25.55 -5.39
N ASN D 314 47.25 25.45 -6.70
CA ASN D 314 47.62 24.18 -7.32
C ASN D 314 49.12 23.98 -7.33
N GLY D 315 49.53 22.72 -7.26
CA GLY D 315 50.94 22.35 -7.19
C GLY D 315 51.63 22.45 -8.54
N ILE D 316 52.94 22.21 -8.51
CA ILE D 316 53.77 22.36 -9.70
C ILE D 316 53.37 21.32 -10.74
N GLY D 317 53.54 21.66 -12.01
CA GLY D 317 53.13 20.77 -13.07
C GLY D 317 51.63 20.61 -13.19
N ILE D 318 50.85 21.50 -12.59
CA ILE D 318 49.39 21.44 -12.62
C ILE D 318 48.85 22.80 -12.98
N GLY D 319 47.92 22.83 -13.94
CA GLY D 319 47.22 24.04 -14.33
C GLY D 319 48.13 25.24 -14.51
N GLU D 320 48.00 26.22 -13.61
CA GLU D 320 48.79 27.44 -13.69
C GLU D 320 50.28 27.15 -13.83
N PHE D 321 50.74 26.00 -13.34
CA PHE D 321 52.13 25.60 -13.44
C PHE D 321 52.25 24.25 -14.13
N LYS D 322 51.39 24.02 -15.13
CA LYS D 322 51.28 22.69 -15.74
C LYS D 322 52.62 22.17 -16.25
N ASP D 323 53.47 23.06 -16.77
CA ASP D 323 54.70 22.65 -17.43
C ASP D 323 55.95 23.17 -16.72
N SER D 324 55.83 23.59 -15.46
CA SER D 324 56.98 24.06 -14.72
C SER D 324 57.72 22.88 -14.09
N LEU D 325 59.05 22.98 -14.09
CA LEU D 325 59.87 21.93 -13.46
C LEU D 325 60.04 22.12 -11.97
N SER D 326 59.91 23.36 -11.48
CA SER D 326 60.19 23.66 -10.10
C SER D 326 59.66 25.03 -9.71
N ILE D 327 59.58 25.26 -8.40
CA ILE D 327 59.17 26.53 -7.86
C ILE D 327 60.26 27.42 -8.41
N ASN D 328 59.88 28.46 -9.14
CA ASN D 328 60.87 29.32 -9.75
C ASN D 328 60.55 30.80 -9.58
N ALA D 329 61.51 31.64 -9.96
CA ALA D 329 61.37 33.09 -9.84
C ALA D 329 60.08 33.64 -10.45
N THR D 330 59.69 33.11 -11.59
CA THR D 330 58.50 33.59 -12.27
C THR D 330 57.23 33.21 -11.52
N ASN D 331 57.10 31.94 -11.14
CA ASN D 331 55.84 31.42 -10.62
C ASN D 331 55.71 31.55 -9.11
N ILE D 332 56.79 31.85 -8.38
CA ILE D 332 56.72 31.83 -6.93
C ILE D 332 55.74 32.88 -6.41
N LYS D 333 55.63 34.01 -7.11
CA LYS D 333 54.72 35.06 -6.68
C LYS D 333 53.27 34.58 -6.62
N HIS D 334 52.91 33.64 -7.50
CA HIS D 334 51.55 33.12 -7.51
C HIS D 334 51.26 32.19 -6.34
N PHE D 335 52.26 31.90 -5.50
CA PHE D 335 52.01 31.14 -4.27
C PHE D 335 51.74 32.04 -3.09
N LYS D 336 51.61 33.35 -3.31
CA LYS D 336 51.34 34.29 -2.24
C LYS D 336 50.04 33.94 -1.52
N ASN D 337 50.10 33.98 -0.18
CA ASN D 337 48.94 33.76 0.68
C ASN D 337 48.37 32.35 0.56
N CYS D 338 49.00 31.49 -0.23
CA CYS D 338 48.49 30.13 -0.40
C CYS D 338 48.67 29.33 0.89
N THR D 339 47.55 28.93 1.49
CA THR D 339 47.57 28.13 2.71
C THR D 339 47.45 26.64 2.44
N SER D 340 47.29 26.23 1.18
CA SER D 340 47.13 24.84 0.83
C SER D 340 47.56 24.64 -0.61
N ILE D 341 48.30 23.57 -0.88
CA ILE D 341 48.75 23.25 -2.22
C ILE D 341 48.02 21.99 -2.67
N SER D 342 47.28 22.11 -3.77
CA SER D 342 46.60 20.97 -4.36
C SER D 342 47.52 20.32 -5.41
N GLY D 343 48.55 19.69 -4.90
CA GLY D 343 49.47 18.95 -5.76
C GLY D 343 50.81 18.77 -5.08
N ASP D 344 51.86 18.81 -5.89
CA ASP D 344 53.24 18.63 -5.44
C ASP D 344 53.97 19.95 -5.42
N LEU D 345 55.05 19.98 -4.65
CA LEU D 345 56.01 21.09 -4.68
C LEU D 345 57.39 20.52 -4.98
N HIS D 346 57.97 20.98 -6.09
CA HIS D 346 59.33 20.64 -6.46
C HIS D 346 60.20 21.88 -6.35
N ILE D 347 61.36 21.74 -5.72
CA ILE D 347 62.34 22.83 -5.62
C ILE D 347 63.68 22.28 -6.09
N LEU D 348 64.09 22.66 -7.31
CA LEU D 348 65.24 22.05 -7.97
C LEU D 348 66.36 23.07 -8.20
N PRO D 349 67.57 22.61 -8.52
CA PRO D 349 68.68 23.56 -8.79
C PRO D 349 68.38 24.61 -9.85
N VAL D 350 67.61 24.25 -10.89
CA VAL D 350 67.25 25.22 -11.93
C VAL D 350 66.70 26.49 -11.29
N ALA D 351 65.85 26.33 -10.27
CA ALA D 351 65.25 27.49 -9.62
C ALA D 351 66.31 28.52 -9.24
N PHE D 352 67.42 28.05 -8.68
CA PHE D 352 68.44 28.98 -8.20
C PHE D 352 69.39 29.42 -9.31
N ARG D 353 69.66 28.58 -10.30
CA ARG D 353 70.59 28.98 -11.36
C ARG D 353 69.91 29.49 -12.62
N GLY D 354 68.59 29.55 -12.65
CA GLY D 354 67.89 30.13 -13.78
C GLY D 354 67.74 29.18 -14.94
N ASP D 355 67.04 29.66 -15.97
CA ASP D 355 66.78 28.84 -17.16
C ASP D 355 66.39 29.78 -18.30
N SER D 356 67.33 30.04 -19.20
CA SER D 356 67.06 30.93 -20.32
C SER D 356 66.13 30.29 -21.34
N PHE D 357 66.15 28.96 -21.44
CA PHE D 357 65.26 28.27 -22.38
C PHE D 357 63.80 28.60 -22.09
N THR D 358 63.45 28.85 -20.83
CA THR D 358 62.11 29.24 -20.44
C THR D 358 62.03 30.71 -20.04
N HIS D 359 63.10 31.47 -20.27
CA HIS D 359 63.16 32.88 -19.89
C HIS D 359 62.93 33.06 -18.39
N THR D 360 63.39 32.10 -17.60
CA THR D 360 63.22 32.13 -16.16
C THR D 360 64.51 32.64 -15.52
N PRO D 361 64.52 33.80 -14.88
CA PRO D 361 65.73 34.26 -14.21
C PRO D 361 65.99 33.46 -12.95
N PRO D 362 67.20 33.52 -12.40
CA PRO D 362 67.46 32.83 -11.13
C PRO D 362 66.53 33.30 -10.03
N LEU D 363 66.31 32.42 -9.05
CA LEU D 363 65.37 32.69 -7.97
C LEU D 363 66.07 33.43 -6.84
N ASP D 364 65.49 34.54 -6.41
CA ASP D 364 65.96 35.25 -5.24
C ASP D 364 65.59 34.44 -4.00
N PRO D 365 66.57 33.98 -3.20
CA PRO D 365 66.22 33.13 -2.04
C PRO D 365 65.18 33.75 -1.11
N GLN D 366 65.23 35.06 -0.90
CA GLN D 366 64.27 35.70 0.00
C GLN D 366 62.85 35.28 -0.33
N GLU D 367 62.51 35.19 -1.62
CA GLU D 367 61.13 34.92 -2.02
C GLU D 367 60.62 33.60 -1.49
N LEU D 368 61.50 32.69 -1.07
CA LEU D 368 61.00 31.44 -0.51
C LEU D 368 60.11 31.66 0.70
N ASP D 369 60.28 32.78 1.40
CA ASP D 369 59.42 33.03 2.56
C ASP D 369 57.95 33.18 2.18
N ILE D 370 57.65 33.38 0.89
CA ILE D 370 56.25 33.34 0.44
C ILE D 370 55.58 32.08 0.95
N LEU D 371 56.33 30.99 1.08
CA LEU D 371 55.76 29.70 1.44
C LEU D 371 55.50 29.57 2.94
N LYS D 372 55.81 30.58 3.74
CA LYS D 372 55.57 30.48 5.17
C LYS D 372 54.09 30.28 5.50
N THR D 373 53.20 30.68 4.60
CA THR D 373 51.77 30.50 4.84
C THR D 373 51.28 29.10 4.51
N VAL D 374 52.08 28.29 3.84
CA VAL D 374 51.66 26.94 3.47
C VAL D 374 51.58 26.08 4.74
N LYS D 375 50.44 25.41 4.92
CA LYS D 375 50.23 24.50 6.03
C LYS D 375 49.93 23.07 5.61
N GLU D 376 49.49 22.86 4.37
CA GLU D 376 49.10 21.54 3.89
C GLU D 376 49.52 21.39 2.44
N ILE D 377 50.03 20.21 2.10
CA ILE D 377 50.42 19.89 0.73
C ILE D 377 49.65 18.63 0.32
N THR D 378 48.85 18.75 -0.74
CA THR D 378 48.07 17.60 -1.20
C THR D 378 48.96 16.49 -1.75
N GLY D 379 50.11 16.84 -2.30
CA GLY D 379 50.99 15.85 -2.86
C GLY D 379 52.21 15.60 -2.00
N PHE D 380 53.38 15.57 -2.63
CA PHE D 380 54.64 15.38 -1.94
C PHE D 380 55.45 16.67 -1.95
N LEU D 381 56.41 16.75 -1.04
CA LEU D 381 57.33 17.86 -0.95
C LEU D 381 58.72 17.35 -1.32
N LEU D 382 59.26 17.85 -2.44
CA LEU D 382 60.57 17.45 -2.90
C LEU D 382 61.48 18.68 -2.92
N ILE D 383 62.48 18.67 -2.04
CA ILE D 383 63.47 19.73 -1.96
C ILE D 383 64.82 19.12 -2.33
N GLN D 384 65.31 19.48 -3.51
CA GLN D 384 66.59 19.00 -4.04
C GLN D 384 67.63 20.10 -4.14
N ALA D 385 67.28 21.33 -3.75
CA ALA D 385 68.20 22.46 -3.80
C ALA D 385 67.75 23.44 -2.72
N TRP D 386 68.71 24.21 -2.22
CA TRP D 386 68.41 25.14 -1.13
C TRP D 386 69.50 26.20 -1.09
N PRO D 387 69.19 27.41 -0.62
CA PRO D 387 70.24 28.40 -0.42
C PRO D 387 71.27 27.89 0.59
N GLU D 388 72.54 28.07 0.26
CA GLU D 388 73.61 27.53 1.11
C GLU D 388 73.61 28.21 2.48
N ASN D 389 73.40 29.53 2.52
CA ASN D 389 73.55 30.27 3.77
C ASN D 389 72.50 29.91 4.79
N ARG D 390 71.28 29.58 4.36
CA ARG D 390 70.19 29.37 5.30
C ARG D 390 70.33 28.03 6.00
N THR D 391 70.10 28.07 7.32
CA THR D 391 70.39 26.92 8.17
C THR D 391 69.32 25.84 8.09
N ASP D 392 68.05 26.23 8.01
CA ASP D 392 66.96 25.26 8.08
C ASP D 392 65.86 25.65 7.10
N LEU D 393 64.98 24.68 6.83
CA LEU D 393 63.82 24.90 5.97
C LEU D 393 62.83 25.83 6.65
N HIS D 394 63.29 27.03 7.03
CA HIS D 394 62.44 28.01 7.68
C HIS D 394 61.18 28.28 6.88
N ALA D 395 61.28 28.25 5.54
CA ALA D 395 60.14 28.58 4.70
C ALA D 395 58.94 27.69 5.00
N PHE D 396 59.17 26.47 5.49
CA PHE D 396 58.11 25.53 5.79
C PHE D 396 57.94 25.32 7.29
N GLU D 397 58.26 26.34 8.09
CA GLU D 397 58.11 26.24 9.54
C GLU D 397 56.66 26.08 9.97
N ASN D 398 55.70 26.35 9.08
CA ASN D 398 54.29 26.24 9.39
C ASN D 398 53.60 25.10 8.66
N LEU D 399 54.38 24.25 7.98
CA LEU D 399 53.80 23.11 7.28
C LEU D 399 53.32 22.08 8.29
N GLU D 400 52.01 21.77 8.26
CA GLU D 400 51.42 20.84 9.20
C GLU D 400 51.19 19.45 8.63
N ILE D 401 50.86 19.34 7.35
CA ILE D 401 50.44 18.07 6.77
C ILE D 401 50.93 17.95 5.35
N ILE D 402 51.26 16.72 4.96
CA ILE D 402 51.51 16.33 3.58
C ILE D 402 50.61 15.14 3.29
N ARG D 403 49.69 15.30 2.34
CA ARG D 403 48.68 14.26 2.13
C ARG D 403 49.25 13.01 1.48
N GLY D 404 50.30 13.16 0.68
CA GLY D 404 50.89 12.01 0.03
C GLY D 404 50.06 11.43 -1.09
N ARG D 405 49.02 12.14 -1.53
CA ARG D 405 48.21 11.66 -2.66
C ARG D 405 49.07 11.43 -3.88
N THR D 406 49.93 12.39 -4.21
CA THR D 406 50.92 12.22 -5.25
C THR D 406 52.23 11.91 -4.58
N LYS D 407 52.91 10.90 -5.10
CA LYS D 407 54.17 10.45 -4.53
C LYS D 407 55.17 10.43 -5.67
N GLN D 408 56.30 11.10 -5.49
CA GLN D 408 57.30 11.14 -6.55
C GLN D 408 57.66 9.71 -6.93
N HIS D 409 57.45 9.38 -8.20
CA HIS D 409 57.57 8.01 -8.67
C HIS D 409 56.50 7.11 -8.07
N GLY D 410 55.45 7.70 -7.51
CA GLY D 410 54.39 6.94 -6.87
C GLY D 410 54.75 6.33 -5.54
N GLN D 411 55.79 6.84 -4.86
CA GLN D 411 56.24 6.23 -3.62
C GLN D 411 56.49 7.26 -2.51
N PHE D 412 57.45 8.17 -2.71
CA PHE D 412 57.85 9.09 -1.65
C PHE D 412 56.86 10.24 -1.50
N SER D 413 56.75 10.75 -0.28
CA SER D 413 55.93 11.92 0.01
C SER D 413 56.72 13.10 0.58
N LEU D 414 57.84 12.85 1.26
CA LEU D 414 58.75 13.91 1.69
C LEU D 414 60.15 13.52 1.29
N ALA D 415 60.88 14.45 0.68
CA ALA D 415 62.23 14.17 0.16
C ALA D 415 63.09 15.41 0.34
N VAL D 416 64.05 15.32 1.26
CA VAL D 416 65.01 16.39 1.49
C VAL D 416 66.37 15.83 1.09
N VAL D 417 66.89 16.23 -0.07
CA VAL D 417 68.08 15.59 -0.63
C VAL D 417 69.12 16.64 -0.96
N SER D 418 70.37 16.34 -0.58
CA SER D 418 71.55 17.06 -1.08
C SER D 418 71.48 18.55 -0.79
N LEU D 419 71.25 18.88 0.48
CA LEU D 419 71.25 20.27 0.94
C LEU D 419 72.38 20.48 1.93
N ASN D 420 72.71 21.75 2.16
CA ASN D 420 73.75 22.14 3.11
C ASN D 420 73.17 22.58 4.45
N ILE D 421 71.89 22.26 4.72
CA ILE D 421 71.26 22.70 5.96
C ILE D 421 71.84 21.93 7.14
N THR D 422 71.63 22.50 8.33
CA THR D 422 72.01 21.85 9.58
C THR D 422 70.83 21.21 10.30
N SER D 423 69.62 21.73 10.09
CA SER D 423 68.43 21.19 10.73
C SER D 423 67.26 21.36 9.77
N LEU D 424 66.34 20.39 9.79
CA LEU D 424 65.17 20.47 8.93
C LEU D 424 64.29 21.68 9.30
N GLY D 425 63.97 21.81 10.59
CA GLY D 425 63.18 22.94 11.03
C GLY D 425 61.72 22.87 10.64
N LEU D 426 61.17 21.67 10.47
CA LEU D 426 59.75 21.49 10.19
C LEU D 426 58.97 21.36 11.49
N ARG D 427 59.02 22.43 12.29
CA ARG D 427 58.51 22.41 13.65
C ARG D 427 57.00 22.50 13.72
N SER D 428 56.29 22.44 12.59
CA SER D 428 54.85 22.33 12.58
C SER D 428 54.37 21.02 11.97
N LEU D 429 55.25 20.24 11.36
CA LEU D 429 54.88 18.99 10.71
C LEU D 429 54.35 17.99 11.74
N LYS D 430 53.07 17.65 11.65
CA LYS D 430 52.44 16.74 12.60
C LYS D 430 51.86 15.49 11.95
N GLU D 431 51.82 15.41 10.62
CA GLU D 431 51.18 14.27 9.98
C GLU D 431 51.72 14.11 8.56
N ILE D 432 52.16 12.89 8.24
CA ILE D 432 52.48 12.49 6.88
C ILE D 432 51.56 11.32 6.58
N SER D 433 50.44 11.60 5.91
CA SER D 433 49.37 10.61 5.80
C SER D 433 49.82 9.36 5.06
N ASP D 434 50.58 9.52 3.98
CA ASP D 434 50.99 8.39 3.17
C ASP D 434 52.32 8.70 2.50
N GLY D 435 53.00 7.65 2.06
CA GLY D 435 54.26 7.79 1.36
C GLY D 435 55.46 7.68 2.29
N ASP D 436 56.59 7.34 1.70
CA ASP D 436 57.84 7.19 2.44
C ASP D 436 58.54 8.54 2.60
N VAL D 437 59.60 8.53 3.39
CA VAL D 437 60.40 9.72 3.69
C VAL D 437 61.85 9.39 3.35
N ILE D 438 62.48 10.22 2.52
CA ILE D 438 63.88 10.07 2.20
C ILE D 438 64.60 11.36 2.58
N ILE D 439 65.70 11.21 3.33
CA ILE D 439 66.53 12.33 3.75
C ILE D 439 67.97 11.85 3.67
N SER D 440 68.71 12.31 2.65
CA SER D 440 70.04 11.84 2.37
C SER D 440 70.83 12.90 1.63
N GLY D 441 72.15 12.81 1.74
CA GLY D 441 73.04 13.73 1.05
C GLY D 441 73.23 15.06 1.74
N ASN D 442 72.66 15.26 2.93
CA ASN D 442 72.77 16.51 3.65
C ASN D 442 73.92 16.37 4.65
N LYS D 443 75.12 16.74 4.19
CA LYS D 443 76.33 16.45 4.94
C LYS D 443 76.38 17.16 6.30
N ASN D 444 75.67 18.26 6.46
CA ASN D 444 75.68 19.02 7.71
C ASN D 444 74.44 18.80 8.55
N LEU D 445 73.53 17.93 8.12
CA LEU D 445 72.22 17.80 8.76
C LEU D 445 72.31 16.90 9.98
N CYS D 446 71.93 17.43 11.14
CA CYS D 446 71.73 16.66 12.36
C CYS D 446 70.23 16.59 12.68
N TYR D 447 69.92 15.97 13.81
CA TYR D 447 68.55 15.95 14.35
C TYR D 447 67.59 15.05 13.59
N ALA D 448 67.92 14.69 12.35
CA ALA D 448 66.93 14.01 11.51
C ALA D 448 66.58 12.63 12.04
N ASN D 449 67.51 11.97 12.73
CA ASN D 449 67.27 10.63 13.23
C ASN D 449 66.61 10.62 14.61
N THR D 450 66.44 11.78 15.24
CA THR D 450 65.76 11.83 16.52
C THR D 450 64.24 11.72 16.40
N ILE D 451 63.69 12.09 15.24
CA ILE D 451 62.24 12.17 15.09
C ILE D 451 61.63 10.78 15.22
N ASN D 452 60.52 10.70 15.95
CA ASN D 452 59.73 9.49 16.06
C ASN D 452 58.73 9.49 14.90
N TRP D 453 59.18 8.95 13.76
CA TRP D 453 58.39 9.05 12.54
C TRP D 453 57.09 8.26 12.61
N LYS D 454 57.01 7.24 13.46
CA LYS D 454 55.78 6.47 13.59
C LYS D 454 54.61 7.35 14.03
N LYS D 455 54.89 8.42 14.79
CA LYS D 455 53.83 9.28 15.26
C LYS D 455 53.27 10.18 14.16
N LEU D 456 54.00 10.36 13.07
CA LEU D 456 53.54 11.21 11.96
C LEU D 456 52.95 10.42 10.81
N PHE D 457 53.26 9.13 10.71
CA PHE D 457 52.72 8.30 9.63
C PHE D 457 51.24 8.05 9.85
N GLY D 458 50.58 7.60 8.78
CA GLY D 458 49.15 7.38 8.81
C GLY D 458 48.74 6.01 8.27
N THR D 459 49.54 5.44 7.39
CA THR D 459 49.24 4.16 6.76
C THR D 459 50.19 3.09 7.25
N SER D 460 49.98 1.86 6.76
CA SER D 460 50.64 0.69 7.34
C SER D 460 52.14 0.71 7.10
N GLY D 461 52.57 0.61 5.84
CA GLY D 461 53.96 0.36 5.54
C GLY D 461 54.75 1.57 5.09
N GLN D 462 54.63 2.68 5.82
CA GLN D 462 55.45 3.85 5.56
C GLN D 462 56.82 3.66 6.20
N LYS D 463 57.86 3.64 5.37
CA LYS D 463 59.23 3.43 5.84
C LYS D 463 60.03 4.70 5.67
N THR D 464 61.30 4.63 6.08
CA THR D 464 62.13 5.81 6.22
C THR D 464 63.55 5.50 5.75
N LYS D 465 64.07 6.32 4.85
CA LYS D 465 65.41 6.19 4.28
C LYS D 465 66.19 7.46 4.63
N ILE D 466 66.79 7.48 5.82
CA ILE D 466 67.59 8.60 6.30
C ILE D 466 69.02 8.12 6.38
N ILE D 467 69.88 8.60 5.49
CA ILE D 467 71.25 8.09 5.39
C ILE D 467 72.17 9.17 4.84
N SER D 468 73.47 8.93 4.98
CA SER D 468 74.50 9.76 4.35
C SER D 468 74.33 11.23 4.71
N ASN D 469 73.76 11.52 5.87
CA ASN D 469 73.73 12.85 6.42
C ASN D 469 74.95 13.01 7.34
N ARG D 470 74.89 13.95 8.27
CA ARG D 470 75.92 14.06 9.29
C ARG D 470 75.70 13.00 10.36
N GLY D 471 76.80 12.42 10.84
CA GLY D 471 76.70 11.32 11.77
C GLY D 471 76.24 11.76 13.14
N GLU D 472 75.52 10.86 13.82
CA GLU D 472 75.02 11.14 15.16
C GLU D 472 76.14 11.34 16.17
N ASN D 473 77.35 10.88 15.86
CA ASN D 473 78.48 11.04 16.76
C ASN D 473 79.20 12.37 16.56
N SER D 474 79.41 12.76 15.29
CA SER D 474 79.99 14.06 15.01
C SER D 474 79.17 15.19 15.65
N CYS D 475 77.84 15.09 15.54
CA CYS D 475 76.99 16.14 16.08
C CYS D 475 77.12 16.24 17.60
N LYS D 476 77.17 15.09 18.29
CA LYS D 476 77.35 15.11 19.74
C LYS D 476 78.70 15.72 20.10
N ALA D 477 79.77 15.30 19.40
CA ALA D 477 81.08 15.88 19.66
C ALA D 477 81.05 17.39 19.54
N THR D 478 80.47 17.91 18.45
CA THR D 478 80.40 19.34 18.27
C THR D 478 79.43 20.03 19.22
N GLY D 479 78.52 19.28 19.84
CA GLY D 479 77.55 19.84 20.76
C GLY D 479 76.21 20.17 20.15
N GLN D 480 75.95 19.77 18.90
CA GLN D 480 74.66 19.99 18.26
C GLN D 480 73.78 18.79 18.55
N VAL D 481 72.88 18.94 19.52
CA VAL D 481 72.03 17.85 19.99
C VAL D 481 70.65 18.42 20.27
N CYS D 482 69.67 17.51 20.40
CA CYS D 482 68.37 17.92 20.91
C CYS D 482 68.52 18.72 22.19
N HIS D 483 67.57 19.62 22.41
CA HIS D 483 67.61 20.40 23.63
C HIS D 483 67.44 19.48 24.84
N ALA D 484 68.06 19.87 25.96
CA ALA D 484 67.99 19.04 27.14
C ALA D 484 66.55 18.78 27.56
N LEU D 485 65.71 19.81 27.53
CA LEU D 485 64.29 19.62 27.83
C LEU D 485 63.67 18.58 26.90
N CYS D 486 64.03 18.61 25.62
CA CYS D 486 63.50 17.64 24.68
C CYS D 486 63.87 16.23 25.10
N SER D 487 63.02 15.30 24.71
CA SER D 487 63.16 13.94 25.18
C SER D 487 62.51 13.01 24.14
N PRO D 488 62.05 11.77 24.47
CA PRO D 488 61.82 10.76 23.42
C PRO D 488 61.23 11.29 22.11
N GLU D 489 60.43 12.36 22.16
CA GLU D 489 59.86 12.88 20.93
C GLU D 489 60.94 13.27 19.93
N GLY D 490 62.12 13.63 20.41
CA GLY D 490 63.15 14.15 19.54
C GLY D 490 62.94 15.63 19.29
N CYS D 491 63.72 16.14 18.35
CA CYS D 491 63.71 17.57 18.07
C CYS D 491 63.87 17.80 16.57
N TRP D 492 63.30 18.90 16.09
CA TRP D 492 63.50 19.34 14.72
C TRP D 492 64.72 20.26 14.58
N GLY D 493 65.32 20.67 15.69
CA GLY D 493 66.43 21.58 15.67
C GLY D 493 67.04 21.71 17.05
N PRO D 494 68.13 22.46 17.17
CA PRO D 494 68.74 22.63 18.50
C PRO D 494 67.83 23.33 19.48
N GLU D 495 67.00 24.25 19.00
CA GLU D 495 66.27 25.15 19.87
C GLU D 495 65.05 24.46 20.49
N PRO D 496 64.63 24.92 21.66
CA PRO D 496 63.38 24.39 22.24
C PRO D 496 62.18 24.53 21.33
N ARG D 497 62.05 25.67 20.65
CA ARG D 497 60.95 25.81 19.71
C ARG D 497 60.93 24.66 18.71
N ASP D 498 62.10 24.09 18.42
CA ASP D 498 62.22 22.93 17.56
C ASP D 498 61.98 21.62 18.29
N CYS D 499 61.58 21.68 19.56
CA CYS D 499 61.34 20.47 20.33
C CYS D 499 60.14 19.72 19.80
N VAL D 500 60.05 18.45 20.18
CA VAL D 500 58.90 17.64 19.85
C VAL D 500 58.27 17.11 21.14
N SER E 10 -30.21 10.31 -4.56
CA SER E 10 -28.76 10.44 -4.53
C SER E 10 -28.29 11.10 -3.24
N ILE E 11 -28.83 12.29 -2.95
CA ILE E 11 -28.49 13.04 -1.74
C ILE E 11 -29.65 12.93 -0.78
N THR E 12 -29.33 12.69 0.50
CA THR E 12 -30.32 12.50 1.54
C THR E 12 -29.89 13.26 2.78
N LYS E 13 -30.88 13.71 3.55
CA LYS E 13 -30.63 14.43 4.79
C LYS E 13 -29.69 13.66 5.71
N CYS E 14 -28.64 14.34 6.18
CA CYS E 14 -27.77 13.76 7.20
C CYS E 14 -28.56 13.54 8.49
N SER E 15 -27.99 12.72 9.37
CA SER E 15 -28.51 12.62 10.72
C SER E 15 -28.24 13.91 11.48
N SER E 16 -29.01 14.12 12.55
CA SER E 16 -28.88 15.33 13.34
C SER E 16 -27.57 15.37 14.12
N ASP E 17 -26.97 14.21 14.42
CA ASP E 17 -25.74 14.21 15.19
C ASP E 17 -24.59 14.89 14.45
N MET E 18 -24.72 15.11 13.14
CA MET E 18 -23.71 15.77 12.34
C MET E 18 -24.02 17.25 12.11
N ASN E 19 -24.73 17.88 13.05
CA ASN E 19 -25.26 19.22 12.81
C ASN E 19 -24.14 20.24 12.59
N GLY E 20 -23.08 20.17 13.40
CA GLY E 20 -22.03 21.15 13.35
C GLY E 20 -20.84 20.81 12.48
N TYR E 21 -20.93 19.74 11.68
CA TYR E 21 -19.80 19.32 10.87
C TYR E 21 -19.46 20.35 9.80
N CYS E 22 -20.47 20.79 9.05
CA CYS E 22 -20.27 21.85 8.07
C CYS E 22 -20.27 23.19 8.78
N LEU E 23 -19.27 24.02 8.48
CA LEU E 23 -19.09 25.28 9.21
C LEU E 23 -19.82 26.44 8.55
N HIS E 24 -20.06 26.37 7.24
CA HIS E 24 -20.83 27.38 6.53
C HIS E 24 -21.68 26.69 5.46
N GLY E 25 -22.55 25.79 5.90
CA GLY E 25 -23.38 25.05 4.97
C GLY E 25 -24.16 23.97 5.69
N GLN E 26 -24.74 23.07 4.89
CA GLN E 26 -25.65 22.05 5.38
C GLN E 26 -25.09 20.67 5.07
N CYS E 27 -25.02 19.81 6.09
CA CYS E 27 -24.56 18.44 5.88
C CYS E 27 -25.46 17.73 4.87
N ILE E 28 -24.84 16.96 3.98
CA ILE E 28 -25.55 16.13 3.03
C ILE E 28 -24.99 14.72 3.12
N TYR E 29 -25.83 13.74 2.80
CA TYR E 29 -25.46 12.33 2.86
C TYR E 29 -25.58 11.73 1.48
N LEU E 30 -24.49 11.18 0.97
CA LEU E 30 -24.45 10.56 -0.35
C LEU E 30 -24.52 9.06 -0.18
N VAL E 31 -25.57 8.44 -0.74
CA VAL E 31 -25.84 7.03 -0.47
C VAL E 31 -24.76 6.13 -1.07
N ASP E 32 -24.32 6.44 -2.30
CA ASP E 32 -23.30 5.61 -2.93
C ASP E 32 -21.99 5.69 -2.17
N MET E 33 -21.54 6.90 -1.88
CA MET E 33 -20.32 7.06 -1.11
C MET E 33 -20.49 6.62 0.33
N SER E 34 -21.70 6.77 0.87
CA SER E 34 -21.98 6.34 2.24
C SER E 34 -21.10 7.08 3.23
N GLN E 35 -20.82 8.35 2.92
CA GLN E 35 -20.07 9.24 3.79
C GLN E 35 -20.71 10.61 3.72
N ASN E 36 -20.41 11.45 4.70
CA ASN E 36 -21.04 12.76 4.80
C ASN E 36 -20.22 13.82 4.11
N TYR E 37 -20.91 14.82 3.57
CA TYR E 37 -20.27 15.96 2.93
C TYR E 37 -21.14 17.18 3.23
N CYS E 38 -20.99 18.24 2.43
CA CYS E 38 -21.66 19.49 2.72
C CYS E 38 -22.16 20.14 1.43
N ARG E 39 -23.21 20.93 1.57
CA ARG E 39 -23.60 21.93 0.57
C ARG E 39 -23.26 23.28 1.18
N CYS E 40 -22.27 23.95 0.63
CA CYS E 40 -21.77 25.19 1.21
C CYS E 40 -22.66 26.36 0.85
N GLU E 41 -22.87 27.25 1.82
CA GLU E 41 -23.45 28.54 1.52
C GLU E 41 -22.62 29.23 0.45
N VAL E 42 -23.29 29.98 -0.43
CA VAL E 42 -22.57 30.68 -1.48
C VAL E 42 -21.51 31.57 -0.84
N GLY E 43 -20.33 31.61 -1.45
CA GLY E 43 -19.21 32.36 -0.93
C GLY E 43 -18.21 31.55 -0.14
N TYR E 44 -18.53 30.31 0.23
CA TYR E 44 -17.66 29.47 1.02
C TYR E 44 -17.30 28.21 0.25
N THR E 45 -16.25 27.54 0.70
CA THR E 45 -15.70 26.40 0.00
C THR E 45 -14.90 25.56 0.99
N GLY E 46 -14.35 24.47 0.50
CA GLY E 46 -13.70 23.49 1.36
C GLY E 46 -14.64 22.36 1.73
N VAL E 47 -14.05 21.20 2.03
CA VAL E 47 -14.85 20.02 2.32
C VAL E 47 -15.88 20.32 3.41
N ARG E 48 -15.46 21.04 4.45
CA ARG E 48 -16.36 21.44 5.52
C ARG E 48 -16.87 22.87 5.36
N CYS E 49 -16.74 23.44 4.16
CA CYS E 49 -17.16 24.82 3.90
C CYS E 49 -16.49 25.77 4.89
N GLU E 50 -15.20 25.53 5.16
CA GLU E 50 -14.50 26.26 6.20
C GLU E 50 -14.01 27.62 5.75
N HIS E 51 -13.85 27.86 4.44
CA HIS E 51 -13.12 29.01 3.95
C HIS E 51 -14.02 29.91 3.11
N PHE E 52 -14.01 31.20 3.46
CA PHE E 52 -14.52 32.25 2.59
C PHE E 52 -13.76 32.24 1.27
N PHE E 53 -14.46 31.95 0.17
CA PHE E 53 -13.83 32.05 -1.14
C PHE E 53 -13.50 33.51 -1.42
N LEU E 54 -12.23 33.79 -1.68
CA LEU E 54 -11.75 35.15 -1.83
C LEU E 54 -11.63 35.48 -3.31
N THR E 55 -12.14 36.65 -3.70
CA THR E 55 -12.36 36.98 -5.10
C THR E 55 -11.63 38.27 -5.46
N VAL E 56 -10.96 38.25 -6.61
CA VAL E 56 -10.09 39.34 -7.09
C VAL E 56 -9.80 40.38 -6.03
N SER F 10 -72.29 -17.24 27.41
CA SER F 10 -70.92 -17.02 26.97
C SER F 10 -70.22 -15.99 27.84
N ILE F 11 -70.66 -14.75 27.74
CA ILE F 11 -70.08 -13.65 28.49
C ILE F 11 -70.89 -13.44 29.77
N THR F 12 -70.23 -13.56 30.91
CA THR F 12 -70.86 -13.41 32.21
C THR F 12 -70.28 -12.20 32.93
N LYS F 13 -71.07 -11.64 33.86
CA LYS F 13 -70.61 -10.50 34.63
C LYS F 13 -69.47 -10.90 35.54
N CYS F 14 -68.41 -10.10 35.55
CA CYS F 14 -67.30 -10.34 36.46
C CYS F 14 -67.70 -10.05 37.90
N SER F 15 -67.00 -10.67 38.82
CA SER F 15 -67.18 -10.39 40.24
C SER F 15 -66.50 -9.07 40.59
N SER F 16 -66.85 -8.53 41.77
CA SER F 16 -66.17 -7.35 42.28
C SER F 16 -64.81 -7.69 42.86
N ASP F 17 -64.11 -8.63 42.22
CA ASP F 17 -62.71 -8.96 42.49
C ASP F 17 -61.78 -8.29 41.49
N MET F 18 -62.21 -8.22 40.22
CA MET F 18 -61.52 -7.45 39.19
C MET F 18 -62.04 -6.02 39.18
N ASN F 19 -61.80 -5.32 40.28
CA ASN F 19 -62.33 -3.96 40.44
C ASN F 19 -61.77 -3.02 39.38
N GLY F 20 -60.49 -3.16 39.05
CA GLY F 20 -59.86 -2.26 38.10
C GLY F 20 -58.89 -2.94 37.14
N TYR F 21 -59.10 -4.22 36.85
CA TYR F 21 -58.22 -4.92 35.91
C TYR F 21 -58.26 -4.25 34.55
N CYS F 22 -59.45 -3.93 34.07
CA CYS F 22 -59.60 -3.25 32.78
C CYS F 22 -59.33 -1.77 32.96
N LEU F 23 -58.39 -1.24 32.17
CA LEU F 23 -57.95 0.14 32.33
C LEU F 23 -58.82 1.13 31.57
N HIS F 24 -59.37 0.73 30.43
CA HIS F 24 -60.29 1.57 29.66
C HIS F 24 -61.40 0.68 29.12
N GLY F 25 -62.07 -0.02 30.03
CA GLY F 25 -63.13 -0.94 29.68
C GLY F 25 -63.70 -1.57 30.93
N GLN F 26 -64.64 -2.49 30.72
CA GLN F 26 -65.29 -3.20 31.81
C GLN F 26 -64.99 -4.68 31.73
N CYS F 27 -64.90 -5.33 32.89
CA CYS F 27 -64.50 -6.72 32.93
C CYS F 27 -65.62 -7.62 32.43
N ILE F 28 -65.24 -8.63 31.63
CA ILE F 28 -66.15 -9.69 31.21
C ILE F 28 -65.53 -11.01 31.62
N TYR F 29 -66.39 -11.97 31.98
CA TYR F 29 -65.94 -13.29 32.42
C TYR F 29 -66.29 -14.31 31.34
N LEU F 30 -65.28 -14.99 30.81
CA LEU F 30 -65.52 -16.04 29.83
C LEU F 30 -65.34 -17.40 30.52
N VAL F 31 -66.43 -18.17 30.56
CA VAL F 31 -66.45 -19.39 31.36
C VAL F 31 -66.06 -20.63 30.57
N ASP F 32 -66.20 -20.61 29.25
CA ASP F 32 -65.59 -21.68 28.46
C ASP F 32 -64.09 -21.70 28.62
N MET F 33 -63.48 -20.52 28.62
CA MET F 33 -62.07 -20.40 28.92
C MET F 33 -61.81 -20.35 30.42
N SER F 34 -62.78 -19.87 31.19
CA SER F 34 -62.65 -19.76 32.64
C SER F 34 -61.60 -18.72 33.00
N GLN F 35 -61.59 -17.60 32.26
CA GLN F 35 -60.66 -16.52 32.53
C GLN F 35 -61.38 -15.18 32.41
N ASN F 36 -60.79 -14.17 33.03
CA ASN F 36 -61.29 -12.81 32.99
C ASN F 36 -60.66 -12.07 31.81
N TYR F 37 -61.49 -11.35 31.06
CA TYR F 37 -61.04 -10.49 29.97
C TYR F 37 -61.79 -9.17 30.09
N CYS F 38 -61.74 -8.35 29.03
CA CYS F 38 -62.30 -7.02 29.09
C CYS F 38 -63.14 -6.73 27.85
N ARG F 39 -64.03 -5.74 28.00
CA ARG F 39 -64.73 -5.09 26.91
C ARG F 39 -64.23 -3.65 26.91
N CYS F 40 -63.45 -3.29 25.90
CA CYS F 40 -62.77 -2.00 25.89
C CYS F 40 -63.72 -0.88 25.51
N GLU F 41 -63.53 0.28 26.13
CA GLU F 41 -64.14 1.50 25.64
C GLU F 41 -63.66 1.76 24.21
N VAL F 42 -64.59 2.14 23.34
CA VAL F 42 -64.27 2.24 21.92
C VAL F 42 -63.04 3.13 21.74
N GLY F 43 -62.13 2.69 20.86
CA GLY F 43 -60.91 3.41 20.61
C GLY F 43 -59.73 2.96 21.43
N TYR F 44 -59.90 1.97 22.31
CA TYR F 44 -58.82 1.41 23.10
C TYR F 44 -58.63 -0.07 22.76
N THR F 45 -57.42 -0.56 22.98
CA THR F 45 -57.08 -1.92 22.61
C THR F 45 -56.08 -2.47 23.62
N GLY F 46 -55.74 -3.74 23.45
CA GLY F 46 -54.89 -4.45 24.39
C GLY F 46 -55.68 -5.36 25.29
N VAL F 47 -54.98 -6.33 25.89
CA VAL F 47 -55.63 -7.27 26.80
C VAL F 47 -56.40 -6.52 27.87
N ARG F 48 -55.71 -5.64 28.60
CA ARG F 48 -56.33 -4.85 29.66
C ARG F 48 -56.90 -3.53 29.14
N CYS F 49 -57.11 -3.41 27.83
CA CYS F 49 -57.58 -2.16 27.23
C CYS F 49 -56.66 -1.00 27.60
N GLU F 50 -55.36 -1.25 27.54
CA GLU F 50 -54.37 -0.33 28.09
C GLU F 50 -53.95 0.78 27.13
N HIS F 51 -54.11 0.54 25.84
CA HIS F 51 -53.66 1.47 24.85
C HIS F 51 -54.71 2.03 23.97
N PHE F 52 -54.49 3.25 23.54
CA PHE F 52 -55.39 3.97 22.71
C PHE F 52 -55.00 3.75 21.29
N PHE F 53 -55.83 3.06 20.55
CA PHE F 53 -55.52 2.78 19.17
C PHE F 53 -55.63 4.05 18.39
N LEU F 54 -54.72 4.24 17.44
CA LEU F 54 -54.70 5.42 16.60
C LEU F 54 -55.11 5.15 15.16
N SER G 10 11.15 -41.06 -25.77
CA SER G 10 12.43 -40.40 -25.56
C SER G 10 12.22 -38.98 -25.05
N ILE G 11 13.30 -38.22 -24.98
CA ILE G 11 13.27 -36.83 -24.53
C ILE G 11 14.28 -36.04 -25.33
N THR G 12 14.02 -34.73 -25.48
CA THR G 12 14.82 -33.88 -26.34
C THR G 12 15.26 -32.62 -25.59
N LYS G 13 16.32 -32.00 -26.09
CA LYS G 13 16.87 -30.81 -25.45
C LYS G 13 15.95 -29.61 -25.62
N CYS G 14 15.92 -28.75 -24.61
CA CYS G 14 15.09 -27.55 -24.65
C CYS G 14 15.55 -26.60 -25.74
N SER G 15 14.66 -25.68 -26.09
CA SER G 15 15.02 -24.59 -26.98
C SER G 15 15.99 -23.62 -26.29
N SER G 16 16.57 -22.72 -27.09
CA SER G 16 17.47 -21.73 -26.52
C SER G 16 16.71 -20.61 -25.80
N ASP G 17 15.44 -20.40 -26.14
CA ASP G 17 14.64 -19.40 -25.43
C ASP G 17 14.60 -19.69 -23.93
N MET G 18 14.47 -20.97 -23.58
CA MET G 18 14.50 -21.41 -22.19
C MET G 18 15.90 -21.86 -21.78
N ASN G 19 16.92 -21.52 -22.57
CA ASN G 19 18.30 -21.84 -22.23
C ASN G 19 18.68 -21.26 -20.88
N GLY G 20 18.29 -20.01 -20.63
CA GLY G 20 18.55 -19.37 -19.37
C GLY G 20 17.56 -19.68 -18.28
N TYR G 21 16.60 -20.57 -18.56
CA TYR G 21 15.53 -20.85 -17.62
C TYR G 21 16.06 -21.54 -16.36
N CYS G 22 16.92 -22.53 -16.53
CA CYS G 22 17.51 -23.24 -15.41
C CYS G 22 18.77 -22.53 -14.94
N LEU G 23 19.05 -22.63 -13.63
CA LEU G 23 20.17 -21.96 -13.01
C LEU G 23 21.26 -22.90 -12.54
N HIS G 24 20.89 -24.14 -12.22
CA HIS G 24 21.83 -25.15 -11.81
C HIS G 24 21.30 -26.51 -12.27
N GLY G 25 21.21 -26.64 -13.60
CA GLY G 25 20.64 -27.82 -14.21
C GLY G 25 20.40 -27.54 -15.68
N GLN G 26 19.84 -28.54 -16.36
CA GLN G 26 19.65 -28.48 -17.81
C GLN G 26 18.17 -28.55 -18.13
N CYS G 27 17.67 -27.53 -18.85
CA CYS G 27 16.30 -27.56 -19.33
C CYS G 27 16.12 -28.68 -20.35
N ILE G 28 14.97 -29.33 -20.29
CA ILE G 28 14.64 -30.48 -21.11
C ILE G 28 13.16 -30.42 -21.45
N TYR G 29 12.83 -30.97 -22.62
CA TYR G 29 11.51 -30.92 -23.22
C TYR G 29 10.96 -32.34 -23.38
N LEU G 30 9.73 -32.56 -22.94
CA LEU G 30 9.09 -33.86 -23.00
C LEU G 30 7.96 -33.83 -24.02
N VAL G 31 8.07 -34.65 -25.06
CA VAL G 31 7.00 -34.76 -26.05
C VAL G 31 5.74 -35.28 -25.40
N ASP G 32 5.87 -36.28 -24.52
CA ASP G 32 4.70 -36.88 -23.89
C ASP G 32 3.87 -35.82 -23.17
N MET G 33 4.53 -34.85 -22.56
CA MET G 33 3.86 -33.81 -21.80
C MET G 33 3.89 -32.46 -22.47
N SER G 34 4.87 -32.19 -23.33
CA SER G 34 4.98 -30.93 -24.03
C SER G 34 5.08 -29.76 -23.05
N GLN G 35 5.80 -29.97 -21.96
CA GLN G 35 6.12 -28.93 -21.00
C GLN G 35 7.62 -28.96 -20.74
N ASN G 36 8.14 -27.85 -20.24
CA ASN G 36 9.57 -27.71 -20.03
C ASN G 36 9.91 -27.95 -18.56
N TYR G 37 11.10 -28.49 -18.33
CA TYR G 37 11.50 -28.86 -16.97
C TYR G 37 13.02 -28.73 -16.87
N CYS G 38 13.52 -28.59 -15.64
CA CYS G 38 14.95 -28.46 -15.38
C CYS G 38 15.46 -29.69 -14.64
N ARG G 39 16.47 -30.34 -15.22
CA ARG G 39 17.18 -31.43 -14.56
C ARG G 39 18.25 -30.81 -13.68
N CYS G 40 17.97 -30.74 -12.39
CA CYS G 40 18.88 -30.08 -11.46
C CYS G 40 20.11 -30.92 -11.21
N GLU G 41 21.28 -30.27 -11.21
CA GLU G 41 22.50 -30.94 -10.83
C GLU G 41 22.35 -31.51 -9.42
N VAL G 42 23.17 -32.51 -9.12
CA VAL G 42 23.15 -33.09 -7.78
C VAL G 42 23.35 -31.99 -6.75
N GLY G 43 22.54 -32.03 -5.70
CA GLY G 43 22.61 -31.05 -4.63
C GLY G 43 21.65 -29.88 -4.76
N TYR G 44 20.95 -29.77 -5.89
CA TYR G 44 20.08 -28.64 -6.15
C TYR G 44 18.67 -29.12 -6.49
N THR G 45 17.70 -28.22 -6.27
CA THR G 45 16.29 -28.55 -6.46
C THR G 45 15.55 -27.28 -6.85
N GLY G 46 14.25 -27.42 -7.06
CA GLY G 46 13.39 -26.31 -7.44
C GLY G 46 12.93 -26.43 -8.89
N VAL G 47 11.88 -25.68 -9.20
CA VAL G 47 11.38 -25.66 -10.58
C VAL G 47 12.49 -25.22 -11.53
N ARG G 48 13.23 -24.19 -11.16
CA ARG G 48 14.32 -23.67 -11.98
C ARG G 48 15.68 -24.07 -11.42
N CYS G 49 15.73 -25.06 -10.54
CA CYS G 49 16.98 -25.49 -9.93
C CYS G 49 17.65 -24.34 -9.19
N GLU G 50 16.82 -23.59 -8.44
CA GLU G 50 17.28 -22.40 -7.74
C GLU G 50 17.71 -22.68 -6.31
N HIS G 51 17.24 -23.78 -5.71
CA HIS G 51 17.48 -24.06 -4.31
C HIS G 51 18.55 -25.12 -4.13
N PHE G 52 19.41 -24.92 -3.14
CA PHE G 52 20.26 -25.98 -2.64
C PHE G 52 19.39 -27.01 -1.92
N PHE G 53 19.34 -28.22 -2.44
CA PHE G 53 18.56 -29.23 -1.74
C PHE G 53 19.16 -29.49 -0.36
N LEU G 54 18.36 -29.29 0.67
CA LEU G 54 18.80 -29.50 2.04
C LEU G 54 18.41 -30.90 2.49
N THR G 55 19.08 -31.36 3.54
CA THR G 55 18.89 -32.74 4.00
C THR G 55 19.17 -32.84 5.48
N VAL G 56 18.41 -33.68 6.16
CA VAL G 56 18.69 -34.06 7.54
C VAL G 56 18.28 -35.51 7.74
N SER H 10 65.88 6.08 -34.74
CA SER H 10 67.24 6.10 -34.22
C SER H 10 67.58 7.51 -33.78
N ILE H 11 68.58 7.63 -32.92
CA ILE H 11 68.94 8.93 -32.36
C ILE H 11 69.73 9.73 -33.37
N THR H 12 69.39 11.02 -33.48
CA THR H 12 70.23 12.01 -34.15
C THR H 12 70.58 13.07 -33.14
N LYS H 13 71.63 13.85 -33.40
CA LYS H 13 72.09 14.83 -32.43
C LYS H 13 71.07 15.95 -32.25
N CYS H 14 70.77 16.29 -30.99
CA CYS H 14 70.06 17.51 -30.70
C CYS H 14 70.85 18.71 -31.21
N SER H 15 70.14 19.81 -31.49
CA SER H 15 70.77 20.96 -32.11
C SER H 15 71.51 21.82 -31.08
N SER H 16 72.24 22.81 -31.59
CA SER H 16 72.86 23.79 -30.71
C SER H 16 71.81 24.57 -29.94
N ASP H 17 70.74 24.96 -30.62
CA ASP H 17 69.58 25.52 -29.95
C ASP H 17 69.20 24.69 -28.74
N MET H 18 69.42 23.39 -28.81
CA MET H 18 69.19 22.46 -27.72
C MET H 18 70.37 22.40 -26.74
N ASN H 19 71.16 23.46 -26.67
CA ASN H 19 72.42 23.44 -25.92
C ASN H 19 72.19 23.27 -24.43
N GLY H 20 71.19 23.96 -23.88
CA GLY H 20 70.99 23.96 -22.44
C GLY H 20 69.72 23.25 -22.00
N TYR H 21 69.22 22.34 -22.83
CA TYR H 21 67.91 21.76 -22.58
C TYR H 21 67.93 20.76 -21.43
N CYS H 22 68.93 19.89 -21.37
CA CYS H 22 68.94 18.81 -20.38
C CYS H 22 69.70 19.25 -19.13
N LEU H 23 69.05 19.10 -17.97
CA LEU H 23 69.64 19.55 -16.72
C LEU H 23 70.72 18.60 -16.21
N HIS H 24 70.53 17.29 -16.39
CA HIS H 24 71.51 16.30 -15.96
C HIS H 24 71.48 15.10 -16.91
N GLY H 25 71.71 15.35 -18.19
CA GLY H 25 71.69 14.26 -19.14
C GLY H 25 72.17 14.72 -20.50
N GLN H 26 72.14 13.78 -21.44
CA GLN H 26 72.61 13.99 -22.80
C GLN H 26 71.39 14.05 -23.71
N CYS H 27 71.23 15.17 -24.41
CA CYS H 27 70.10 15.34 -25.30
C CYS H 27 70.27 14.46 -26.54
N ILE H 28 69.20 13.76 -26.89
CA ILE H 28 69.13 12.94 -28.10
C ILE H 28 67.84 13.28 -28.82
N TYR H 29 67.90 13.31 -30.14
CA TYR H 29 66.76 13.65 -30.98
C TYR H 29 66.15 12.37 -31.55
N LEU H 30 64.83 12.27 -31.44
CA LEU H 30 64.07 11.15 -31.98
C LEU H 30 63.45 11.58 -33.30
N VAL H 31 63.90 10.92 -34.37
CA VAL H 31 63.36 11.11 -35.72
C VAL H 31 61.90 10.69 -35.77
N ASP H 32 61.59 9.54 -35.18
CA ASP H 32 60.23 9.03 -35.24
C ASP H 32 59.26 9.95 -34.51
N MET H 33 59.63 10.39 -33.31
CA MET H 33 58.81 11.33 -32.56
C MET H 33 59.06 12.77 -32.99
N SER H 34 60.14 13.01 -33.73
CA SER H 34 60.53 14.35 -34.14
C SER H 34 60.55 15.29 -32.93
N GLN H 35 61.37 14.96 -31.95
CA GLN H 35 61.45 15.83 -30.78
C GLN H 35 62.70 15.48 -29.96
N ASN H 36 62.88 16.23 -28.88
CA ASN H 36 64.11 16.19 -28.09
C ASN H 36 63.86 15.48 -26.77
N TYR H 37 64.76 14.58 -26.43
CA TYR H 37 64.66 13.74 -25.24
C TYR H 37 66.00 13.81 -24.51
N CYS H 38 65.99 13.56 -23.20
CA CYS H 38 67.19 13.73 -22.37
C CYS H 38 67.51 12.41 -21.69
N ARG H 39 68.57 11.76 -22.15
CA ARG H 39 69.09 10.56 -21.48
C ARG H 39 69.70 10.98 -20.14
N CYS H 40 69.08 10.57 -19.05
CA CYS H 40 69.42 11.11 -17.75
C CYS H 40 70.63 10.41 -17.14
N GLU H 41 71.52 11.22 -16.57
CA GLU H 41 72.64 10.70 -15.83
C GLU H 41 72.16 9.90 -14.63
N VAL H 42 72.94 8.90 -14.25
CA VAL H 42 72.54 8.00 -13.18
C VAL H 42 72.35 8.77 -11.89
N GLY H 43 71.26 8.47 -11.19
CA GLY H 43 70.88 9.19 -10.00
C GLY H 43 69.94 10.35 -10.24
N TYR H 44 69.66 10.69 -11.50
CA TYR H 44 68.80 11.81 -11.84
C TYR H 44 67.73 11.35 -12.83
N THR H 45 66.63 12.09 -12.90
CA THR H 45 65.52 11.73 -13.77
C THR H 45 64.65 12.96 -14.00
N GLY H 46 63.65 12.82 -14.87
CA GLY H 46 62.74 13.90 -15.20
C GLY H 46 62.62 14.10 -16.69
N VAL H 47 61.77 15.06 -17.07
CA VAL H 47 61.66 15.44 -18.47
C VAL H 47 63.01 15.87 -19.01
N ARG H 48 63.74 16.67 -18.23
CA ARG H 48 65.07 17.13 -18.58
C ARG H 48 66.14 16.42 -17.78
N CYS H 49 65.77 15.40 -17.00
CA CYS H 49 66.69 14.72 -16.10
C CYS H 49 66.91 15.56 -14.86
N GLU H 50 65.87 16.28 -14.47
CA GLU H 50 65.96 17.31 -13.46
C GLU H 50 65.71 16.79 -12.04
N HIS H 51 65.33 15.53 -11.88
CA HIS H 51 64.89 15.01 -10.59
C HIS H 51 65.84 13.92 -10.10
N PHE H 52 66.15 13.98 -8.80
CA PHE H 52 66.94 12.93 -8.17
C PHE H 52 66.08 11.69 -7.96
N PHE H 53 66.73 10.53 -8.05
CA PHE H 53 66.01 9.26 -7.86
C PHE H 53 65.68 9.07 -6.38
#